data_8JZN
#
_entry.id   8JZN
#
_cell.length_a   1.00
_cell.length_b   1.00
_cell.length_c   1.00
_cell.angle_alpha   90.00
_cell.angle_beta   90.00
_cell.angle_gamma   90.00
#
_symmetry.space_group_name_H-M   'P 1'
#
loop_
_entity.id
_entity.type
_entity.pdbx_description
1 polymer '1,3-beta-glucan synthase component FKS1'
2 branched 2-acetamido-2-deoxy-beta-D-glucopyranose-(1-4)-2-acetamido-2-deoxy-beta-D-glucopyranose
3 non-polymer '(2S)-3-(hexadecanoyloxy)-2-[(9Z)-octadec-9-enoyloxy]propyl 2-(trimethylammonio)ethyl phosphate'
4 non-polymer 'Lauryl Maltose Neopentyl Glycol'
5 non-polymer ERGOSTEROL
#
_entity_poly.entity_id   1
_entity_poly.type   'polypeptide(L)'
_entity_poly.pdbx_seq_one_letter_code
;MNTDQQPYQGQTDYTQGPGNGQSQEQDYDQYGQPLYPSQADGYYDPNVAAGTEADMYGQQPPNESYDQDYTNGEYYGQPP
NMAAQDGENFSDFSSYGPPGTPGYDSYGGQYTASQMSYGEPNSSGTSTPIYGNYDPNAIAMALPNEPYPAWTADSQSPVS
IEQIEDIFIDLTNRLGFQRDSMRNMFDHFMVLLDSRSSRMSPDQALLSLHADYIGGDTANYKKWYFAAQLDMDDEIGFRN
MSLGKLSRKARKAKKKNKKAMEEANPEDTEETLNKIEGDNSLEAADFRWKAKMNQLSPLERVRHIALYLLCWGEANQVRF
TAECLCFIYKCALDYLDSPLCQQRQEPMPEGDFLNRVITPIYHFIRNQVYEIVDGRFVKRERDHNKIVGYDDLNQLFWYP
EGIAKIVLEDGTKLIELPLEERYLRLGDVVWDDVFFKTYKETRTWLHLVTNFNRIWVMHISIFWMYFAYNSPTFYTHNYQ
QLVDNQPLAAYKWASCALGGTVASLIQIVATLCEWSFVPRKWAGAQHLSRRFWFLCIIFGINLGPIIFVFAYDKDTVYST
AAHVVAAVMFFVAVATIIFFSIMPLGGLFTSYMKKSTRRYVASQTFTAAFAPLHGLDRWMSYLVWVTVFAAKYSESYYFL
VLSLRDPIRILSTTAMRCTGEYWWGAVLCKVQPKIVLGLVIATDFILFFLDTYLWYIIVNTIFSVGKSFYLGISILTPWR
NIFTRLPKRIYSKILATTDMEIKYKPKVLISQVWNAIIISMYREHLLAIDHVQKLLYHQVPSEIEGKRTLRAPTFFVSQD
DNNFETEFFPRDSEAERRISFFAQSLSTPIPEPLPVDNMPTFTVLTPHYAERILLSLREIIREDDQFSRVTLLEYLKQLH
PVEWECFVKDTKILAEETAAYEGNENEAEKEDALKSQIDDLPFYCIGFKSAAPEYTLRTRIWASLRSQTLYRTISGFMNY
SRAIKLLYRVENPEIVQMFGGNAEGLERELEKMARRKFKFLVSMQRLAKFKPHELENAEFLLRAYPDLQIAYLDEEPPLT
EGEEPRIYSALIDGHCEILDNGRRRPKFRVQLSGNPILGDGKSDNQNHALIFYRGEYIQLIDANQDNYLEECLKIRSVLA
EFEELNVEQVNPYAPGLRYEEQTTNHPVAIVGAREYIFSENSGVLGDVAAGKEQTFGTLFARTLSQIGGKLHYGHPDFIN
ATFMTTRGGVSKAQKGLHLNEDIYAGMNAMLRGGRIKHCEYYQCGKGRDLGFGTILNFTTKIGAGMGEQMLSREYYYLGT
QLPVDRFLTFYYAHPGFHLNNLFIQLSLQMFMLTLVNLSSLAHESIMCIYDRNKPKTDVLVPIGCYNFQPAVDWVRRYTL
SIFIVFWIAFVPIVVQELIERGLWKATQRFFCHLLSLSPMFEVFAGQIYSSALLSDLAIGGARYISTGRGFATSRIPFSI
LYSRFAGSAIYMGARSMLMLLFGTVAHWQAPLLWFWASLSSLIFAPFVFNPHQFAWEDFFLDYRDYIRWLSRGNNQYHRN
SWIGYVRMSRARITGFKRKLVGDESEKAAGDASRAHRTNLIMAEIIPCAIYAAGCFIAFTFINAQTGVKTTDDDRVNSVL
RIIICTLAPIAVNLGVLFFCMGMSCCSGPLFGMCCKKTGSVMAGIAHGVAVIVHIAFFIVMWVLESFNFVRMLIGVVTCI
QCQRLIFHCMTALMLTREFKNDHANTAFWTGKWYGKGMGYMAWTQPSRELTAKVIELSEFAADFVLGHVILICQLPLIII
PKIDKFHSIMLFWLKPSRQIRPPIYSLKQTRLRKRMVKKYCSLYFLVLAIFAGCIIGPAVASAKIHKHIGDSLDGVVHNL
FQPINTTNNDTGSQMSTYQSHYYTHTPSLKTWSTIK
;
_entity_poly.pdbx_strand_id   A
#
loop_
_chem_comp.id
_chem_comp.type
_chem_comp.name
_chem_comp.formula
AV0 non-polymer 'Lauryl Maltose Neopentyl Glycol' 'C47 H88 O22'
ERG non-polymer ERGOSTEROL 'C28 H44 O'
NAG D-saccharide, beta linking 2-acetamido-2-deoxy-beta-D-glucopyranose 'C8 H15 N O6'
POV non-polymer '(2S)-3-(hexadecanoyloxy)-2-[(9Z)-octadec-9-enoyloxy]propyl 2-(trimethylammonio)ethyl phosphate' 'C42 H82 N O8 P'
#
# COMPACT_ATOMS: atom_id res chain seq x y z
N MET A 141 36.98 2.97 -40.37
CA MET A 141 37.37 1.58 -40.50
C MET A 141 37.77 0.99 -39.16
N ALA A 142 38.19 1.86 -38.24
CA ALA A 142 38.51 1.45 -36.88
C ALA A 142 37.28 1.36 -35.98
N LEU A 143 36.12 1.80 -36.47
CA LEU A 143 34.88 1.79 -35.69
C LEU A 143 33.83 1.07 -36.53
N PRO A 144 33.49 -0.18 -36.20
CA PRO A 144 32.62 -0.98 -37.08
C PRO A 144 31.25 -0.35 -37.24
N ASN A 145 30.71 -0.46 -38.46
CA ASN A 145 29.41 0.10 -38.81
C ASN A 145 28.27 -0.90 -38.69
N GLU A 146 28.56 -2.14 -38.32
CA GLU A 146 27.52 -3.16 -38.26
C GLU A 146 26.62 -2.94 -37.05
N PRO A 147 25.37 -3.39 -37.12
CA PRO A 147 24.44 -3.13 -36.01
C PRO A 147 24.81 -3.78 -34.69
N TYR A 148 25.49 -4.92 -34.71
CA TYR A 148 25.86 -5.64 -33.50
C TYR A 148 27.36 -5.87 -33.52
N PRO A 149 28.14 -4.85 -33.21
CA PRO A 149 29.59 -4.95 -33.40
C PRO A 149 30.29 -5.86 -32.40
N ALA A 150 29.80 -5.95 -31.17
CA ALA A 150 30.48 -6.78 -30.18
C ALA A 150 30.40 -8.26 -30.53
N TRP A 151 29.46 -8.67 -31.36
CA TRP A 151 29.35 -10.04 -31.84
C TRP A 151 29.88 -10.20 -33.25
N THR A 152 29.45 -9.34 -34.17
CA THR A 152 29.80 -9.53 -35.59
C THR A 152 31.24 -9.14 -35.88
N ALA A 153 31.73 -8.07 -35.27
CA ALA A 153 33.10 -7.65 -35.52
C ALA A 153 34.12 -8.47 -34.74
N ASP A 154 33.68 -9.33 -33.84
CA ASP A 154 34.58 -10.23 -33.14
C ASP A 154 34.79 -11.48 -33.97
N SER A 155 36.06 -11.87 -34.14
CA SER A 155 36.38 -13.08 -34.88
C SER A 155 36.19 -14.33 -34.04
N GLN A 156 36.06 -14.21 -32.73
CA GLN A 156 35.88 -15.34 -31.84
C GLN A 156 34.42 -15.73 -31.66
N SER A 157 33.54 -15.27 -32.54
CA SER A 157 32.13 -15.58 -32.41
C SER A 157 31.86 -17.00 -32.87
N PRO A 158 31.28 -17.87 -32.03
CA PRO A 158 31.07 -19.27 -32.44
C PRO A 158 30.15 -19.43 -33.64
N VAL A 159 29.19 -18.52 -33.82
CA VAL A 159 28.22 -18.60 -34.91
C VAL A 159 28.03 -17.21 -35.48
N SER A 160 27.90 -17.14 -36.80
CA SER A 160 27.72 -15.85 -37.47
C SER A 160 26.24 -15.49 -37.53
N ILE A 161 25.97 -14.25 -37.94
CA ILE A 161 24.58 -13.83 -38.11
C ILE A 161 23.90 -14.67 -39.18
N GLU A 162 24.64 -15.05 -40.22
CA GLU A 162 24.05 -15.86 -41.28
C GLU A 162 23.52 -17.18 -40.75
N GLN A 163 24.29 -17.83 -39.86
CA GLN A 163 23.82 -19.06 -39.25
C GLN A 163 22.68 -18.82 -38.28
N ILE A 164 22.79 -17.76 -37.47
CA ILE A 164 21.73 -17.41 -36.52
C ILE A 164 20.46 -17.05 -37.26
N GLU A 165 20.57 -16.37 -38.40
CA GLU A 165 19.40 -16.04 -39.19
C GLU A 165 18.77 -17.29 -39.79
N ASP A 166 19.58 -18.23 -40.27
CA ASP A 166 19.05 -19.47 -40.83
C ASP A 166 18.35 -20.31 -39.79
N ILE A 167 18.78 -20.23 -38.54
CA ILE A 167 18.11 -20.97 -37.46
C ILE A 167 16.73 -20.38 -37.22
N PHE A 168 16.64 -19.06 -37.14
CA PHE A 168 15.35 -18.41 -36.95
C PHE A 168 14.42 -18.66 -38.13
N ILE A 169 14.98 -18.70 -39.34
CA ILE A 169 14.17 -18.96 -40.52
C ILE A 169 13.68 -20.39 -40.53
N ASP A 170 14.55 -21.33 -40.18
CA ASP A 170 14.16 -22.73 -40.15
C ASP A 170 13.06 -22.98 -39.12
N LEU A 171 13.17 -22.37 -37.95
CA LEU A 171 12.14 -22.55 -36.93
C LEU A 171 10.81 -21.99 -37.39
N THR A 172 10.82 -20.85 -38.09
CA THR A 172 9.58 -20.26 -38.57
C THR A 172 8.94 -21.12 -39.64
N ASN A 173 9.72 -21.68 -40.56
CA ASN A 173 9.15 -22.57 -41.57
C ASN A 173 8.56 -23.83 -40.96
N ARG A 174 9.10 -24.26 -39.83
CA ARG A 174 8.71 -25.53 -39.24
C ARG A 174 7.48 -25.40 -38.35
N LEU A 175 7.41 -24.37 -37.52
CA LEU A 175 6.34 -24.22 -36.55
C LEU A 175 5.31 -23.16 -36.94
N GLY A 176 5.43 -22.60 -38.13
CA GLY A 176 4.45 -21.62 -38.59
C GLY A 176 4.44 -20.33 -37.79
N PHE A 177 5.59 -19.87 -37.35
CA PHE A 177 5.67 -18.58 -36.70
C PHE A 177 5.40 -17.48 -37.71
N GLN A 178 5.00 -16.31 -37.21
CA GLN A 178 4.82 -15.16 -38.07
C GLN A 178 6.17 -14.68 -38.57
N ARG A 179 6.23 -14.33 -39.86
CA ARG A 179 7.49 -13.85 -40.43
C ARG A 179 7.92 -12.54 -39.78
N ASP A 180 6.96 -11.65 -39.52
CA ASP A 180 7.30 -10.36 -38.93
C ASP A 180 7.60 -10.47 -37.45
N SER A 181 7.04 -11.47 -36.77
CA SER A 181 7.44 -11.73 -35.40
C SER A 181 8.80 -12.40 -35.31
N MET A 182 9.17 -13.18 -36.33
CA MET A 182 10.51 -13.75 -36.37
C MET A 182 11.57 -12.67 -36.49
N ARG A 183 11.33 -11.68 -37.35
CA ARG A 183 12.29 -10.60 -37.52
C ARG A 183 12.43 -9.80 -36.24
N ASN A 184 11.34 -9.60 -35.51
CA ASN A 184 11.41 -8.92 -34.23
C ASN A 184 12.27 -9.69 -33.24
N MET A 185 12.07 -11.00 -33.16
CA MET A 185 12.79 -11.79 -32.19
C MET A 185 14.21 -12.11 -32.63
N PHE A 186 14.46 -12.14 -33.94
CA PHE A 186 15.84 -12.23 -34.40
C PHE A 186 16.63 -11.00 -34.02
N ASP A 187 16.01 -9.83 -34.16
CA ASP A 187 16.62 -8.58 -33.73
C ASP A 187 16.79 -8.52 -32.22
N HIS A 188 15.81 -9.04 -31.49
CA HIS A 188 15.90 -9.07 -30.03
C HIS A 188 17.04 -9.96 -29.55
N PHE A 189 17.20 -11.13 -30.18
CA PHE A 189 18.26 -12.06 -29.79
C PHE A 189 19.63 -11.48 -30.06
N MET A 190 19.81 -10.81 -31.20
CA MET A 190 21.13 -10.27 -31.53
C MET A 190 21.51 -9.11 -30.62
N VAL A 191 20.55 -8.34 -30.14
CA VAL A 191 20.86 -7.27 -29.19
C VAL A 191 21.26 -7.85 -27.84
N LEU A 192 20.55 -8.90 -27.39
CA LEU A 192 20.94 -9.59 -26.17
C LEU A 192 22.35 -10.16 -26.31
N LEU A 193 22.65 -10.73 -27.47
CA LEU A 193 23.93 -11.32 -27.76
C LEU A 193 25.02 -10.28 -27.93
N ASP A 194 24.67 -9.05 -28.28
CA ASP A 194 25.63 -7.97 -28.44
C ASP A 194 25.83 -7.16 -27.17
N SER A 195 24.80 -7.06 -26.32
CA SER A 195 24.97 -6.39 -25.05
C SER A 195 25.69 -7.28 -24.05
N ARG A 196 25.57 -8.60 -24.19
CA ARG A 196 26.30 -9.53 -23.32
C ARG A 196 27.77 -9.57 -23.70
N SER A 197 28.06 -9.90 -24.95
CA SER A 197 29.44 -10.05 -25.41
C SER A 197 30.17 -8.70 -25.44
N SER A 198 29.45 -7.64 -25.09
CA SER A 198 30.07 -6.32 -24.95
C SER A 198 30.99 -6.27 -23.75
N ARG A 199 30.72 -7.07 -22.72
CA ARG A 199 31.50 -7.10 -21.51
C ARG A 199 32.19 -8.43 -21.25
N MET A 200 31.92 -9.45 -22.07
CA MET A 200 32.54 -10.76 -21.93
C MET A 200 32.88 -11.26 -23.31
N SER A 201 33.30 -12.51 -23.39
CA SER A 201 33.60 -13.13 -24.65
C SER A 201 32.32 -13.59 -25.33
N PRO A 202 32.31 -13.65 -26.66
CA PRO A 202 31.11 -14.16 -27.35
C PRO A 202 30.75 -15.59 -26.98
N ASP A 203 31.74 -16.41 -26.65
CA ASP A 203 31.46 -17.76 -26.17
C ASP A 203 30.73 -17.75 -24.84
N GLN A 204 31.13 -16.87 -23.93
CA GLN A 204 30.45 -16.76 -22.65
C GLN A 204 29.10 -16.07 -22.79
N ALA A 205 28.94 -15.19 -23.76
CA ALA A 205 27.65 -14.54 -23.96
C ALA A 205 26.58 -15.56 -24.37
N LEU A 206 26.90 -16.41 -25.34
CA LEU A 206 25.95 -17.44 -25.75
C LEU A 206 25.71 -18.45 -24.64
N LEU A 207 26.76 -18.81 -23.91
CA LEU A 207 26.63 -19.80 -22.85
C LEU A 207 25.83 -19.26 -21.68
N SER A 208 26.04 -18.01 -21.31
CA SER A 208 25.30 -17.42 -20.21
C SER A 208 23.87 -17.07 -20.59
N LEU A 209 23.59 -16.87 -21.86
CA LEU A 209 22.20 -16.66 -22.30
C LEU A 209 21.43 -17.97 -22.31
N HIS A 210 22.08 -19.06 -22.70
CA HIS A 210 21.43 -20.36 -22.65
C HIS A 210 21.12 -20.77 -21.22
N ALA A 211 22.05 -20.48 -20.29
CA ALA A 211 21.81 -20.80 -18.90
C ALA A 211 20.66 -20.00 -18.32
N ASP A 212 20.59 -18.71 -18.65
CA ASP A 212 19.55 -17.84 -18.09
C ASP A 212 18.18 -18.06 -18.72
N TYR A 213 18.11 -18.78 -19.83
CA TYR A 213 16.85 -19.00 -20.53
C TYR A 213 16.40 -20.45 -20.53
N ILE A 214 17.33 -21.41 -20.58
CA ILE A 214 16.95 -22.80 -20.76
C ILE A 214 17.46 -23.68 -19.62
N GLY A 215 18.77 -23.76 -19.46
CA GLY A 215 19.32 -24.85 -18.69
C GLY A 215 20.09 -24.54 -17.43
N GLY A 216 20.11 -23.30 -17.00
CA GLY A 216 20.79 -22.95 -15.78
C GLY A 216 19.90 -23.09 -14.58
N ASP A 217 20.49 -22.93 -13.40
CA ASP A 217 19.69 -22.93 -12.19
C ASP A 217 18.92 -21.63 -12.01
N THR A 218 19.21 -20.63 -12.83
CA THR A 218 18.46 -19.40 -12.88
C THR A 218 17.36 -19.43 -13.93
N ALA A 219 17.24 -20.52 -14.67
CA ALA A 219 16.27 -20.61 -15.76
C ALA A 219 14.94 -21.10 -15.22
N ASN A 220 13.87 -20.38 -15.55
CA ASN A 220 12.53 -20.82 -15.18
C ASN A 220 12.17 -22.12 -15.87
N TYR A 221 12.73 -22.38 -17.05
CA TYR A 221 12.41 -23.62 -17.74
C TYR A 221 13.01 -24.83 -17.02
N LYS A 222 14.20 -24.69 -16.44
CA LYS A 222 14.75 -25.79 -15.66
C LYS A 222 13.95 -26.02 -14.39
N LYS A 223 13.48 -24.95 -13.76
CA LYS A 223 12.68 -25.08 -12.56
C LYS A 223 11.36 -25.78 -12.85
N TRP A 224 10.67 -25.37 -13.92
CA TRP A 224 9.42 -26.01 -14.27
C TRP A 224 9.63 -27.47 -14.65
N TYR A 225 10.71 -27.75 -15.40
CA TYR A 225 10.98 -29.11 -15.84
C TYR A 225 11.23 -30.03 -14.66
N PHE A 226 12.00 -29.57 -13.67
CA PHE A 226 12.27 -30.39 -12.49
C PHE A 226 11.08 -30.52 -11.58
N ALA A 227 10.02 -29.74 -11.79
CA ALA A 227 8.83 -29.78 -10.94
C ALA A 227 7.67 -30.50 -11.61
N ALA A 228 7.42 -30.22 -12.88
CA ALA A 228 6.28 -30.79 -13.58
C ALA A 228 6.61 -32.00 -14.42
N GLN A 229 7.84 -32.12 -14.88
CA GLN A 229 8.25 -33.25 -15.72
C GLN A 229 8.87 -34.37 -14.89
N LEU A 230 9.88 -34.05 -14.10
CA LEU A 230 10.37 -34.93 -13.06
C LEU A 230 9.65 -34.54 -11.78
N ASP A 231 9.01 -35.50 -11.12
CA ASP A 231 8.20 -35.17 -9.95
C ASP A 231 9.13 -34.95 -8.76
N MET A 232 9.85 -33.83 -8.81
CA MET A 232 10.86 -33.51 -7.82
C MET A 232 10.60 -32.17 -7.14
N ASP A 233 9.33 -31.85 -6.91
CA ASP A 233 9.00 -30.62 -6.20
C ASP A 233 9.28 -30.75 -4.71
N ASP A 234 9.10 -31.94 -4.15
CA ASP A 234 9.33 -32.14 -2.72
C ASP A 234 10.81 -32.20 -2.37
N GLU A 235 11.65 -32.75 -3.25
CA GLU A 235 13.08 -32.70 -3.02
C GLU A 235 13.59 -31.26 -3.05
N ILE A 236 13.06 -30.45 -3.97
CA ILE A 236 13.44 -29.05 -4.04
C ILE A 236 13.05 -28.33 -2.75
N GLY A 237 11.90 -28.67 -2.19
CA GLY A 237 11.49 -28.08 -0.94
C GLY A 237 12.37 -28.47 0.23
N PHE A 238 12.87 -29.70 0.23
CA PHE A 238 13.75 -30.15 1.29
C PHE A 238 15.07 -29.40 1.26
N ARG A 239 15.67 -29.26 0.08
CA ARG A 239 16.95 -28.58 0.00
C ARG A 239 16.81 -27.06 0.13
N ASN A 240 15.65 -26.52 -0.22
CA ASN A 240 15.40 -25.11 0.04
C ASN A 240 15.41 -24.83 1.53
N MET A 241 14.76 -25.69 2.32
CA MET A 241 14.75 -25.51 3.76
C MET A 241 16.13 -25.71 4.35
N SER A 242 16.88 -26.67 3.83
CA SER A 242 18.24 -26.90 4.31
C SER A 242 19.18 -25.76 3.95
N LEU A 243 19.06 -25.21 2.74
CA LEU A 243 19.88 -24.09 2.32
C LEU A 243 19.44 -22.77 2.92
N GLY A 244 18.19 -22.66 3.35
CA GLY A 244 17.69 -21.39 3.84
C GLY A 244 18.26 -20.99 5.18
N LYS A 245 18.64 -21.95 6.00
CA LYS A 245 19.23 -21.68 7.31
C LYS A 245 20.75 -21.71 7.26
N LEU A 246 21.34 -20.99 6.30
CA LEU A 246 22.79 -20.98 6.15
C LEU A 246 23.27 -19.56 5.88
N SER A 247 24.52 -19.29 6.24
CA SER A 247 25.13 -17.99 6.02
C SER A 247 26.59 -18.12 5.58
N ASN A 280 18.28 -41.60 -8.83
CA ASN A 280 16.84 -41.43 -8.67
C ASN A 280 16.52 -40.19 -7.82
N SER A 281 17.56 -39.63 -7.21
CA SER A 281 17.41 -38.48 -6.32
C SER A 281 17.41 -37.18 -7.13
N LEU A 282 17.28 -36.06 -6.42
CA LEU A 282 17.36 -34.77 -7.07
C LEU A 282 18.78 -34.46 -7.53
N GLU A 283 19.77 -34.89 -6.75
CA GLU A 283 21.16 -34.62 -7.11
C GLU A 283 21.60 -35.43 -8.32
N ALA A 284 21.07 -36.64 -8.50
CA ALA A 284 21.41 -37.42 -9.68
C ALA A 284 20.76 -36.85 -10.92
N ALA A 285 19.53 -36.34 -10.81
CA ALA A 285 18.88 -35.72 -11.94
C ALA A 285 19.55 -34.40 -12.30
N ASP A 286 20.05 -33.68 -11.31
CA ASP A 286 20.76 -32.44 -11.57
C ASP A 286 22.04 -32.70 -12.35
N PHE A 287 22.79 -33.74 -11.96
CA PHE A 287 24.02 -34.10 -12.64
C PHE A 287 23.74 -34.59 -14.06
N ARG A 288 22.62 -35.27 -14.26
CA ARG A 288 22.26 -35.76 -15.59
C ARG A 288 21.80 -34.62 -16.49
N TRP A 289 21.20 -33.59 -15.92
CA TRP A 289 20.77 -32.44 -16.70
C TRP A 289 21.95 -31.58 -17.12
N LYS A 290 22.90 -31.37 -16.22
CA LYS A 290 24.06 -30.55 -16.54
C LYS A 290 24.92 -31.19 -17.62
N ALA A 291 25.01 -32.52 -17.63
CA ALA A 291 25.81 -33.19 -18.64
C ALA A 291 25.14 -33.18 -20.00
N LYS A 292 23.81 -33.17 -20.04
CA LYS A 292 23.11 -33.05 -21.32
C LYS A 292 23.21 -31.65 -21.87
N MET A 293 23.19 -30.63 -21.01
CA MET A 293 23.37 -29.26 -21.47
C MET A 293 24.80 -29.01 -21.91
N ASN A 294 25.78 -29.64 -21.26
CA ASN A 294 27.18 -29.33 -21.52
C ASN A 294 27.64 -29.83 -22.88
N GLN A 295 27.01 -30.84 -23.44
CA GLN A 295 27.43 -31.39 -24.72
C GLN A 295 26.79 -30.68 -25.90
N LEU A 296 25.95 -29.68 -25.67
CA LEU A 296 25.32 -28.95 -26.75
C LEU A 296 26.34 -28.12 -27.51
N SER A 297 26.25 -28.13 -28.83
CA SER A 297 27.07 -27.27 -29.66
C SER A 297 26.54 -25.84 -29.62
N PRO A 298 27.35 -24.87 -30.03
CA PRO A 298 26.85 -23.49 -30.08
C PRO A 298 25.63 -23.32 -30.96
N LEU A 299 25.52 -24.08 -32.05
CA LEU A 299 24.32 -24.00 -32.88
C LEU A 299 23.09 -24.56 -32.19
N GLU A 300 23.26 -25.57 -31.34
CA GLU A 300 22.11 -26.11 -30.61
C GLU A 300 21.65 -25.16 -29.52
N ARG A 301 22.58 -24.41 -28.91
CA ARG A 301 22.19 -23.42 -27.92
C ARG A 301 21.47 -22.24 -28.56
N VAL A 302 21.85 -21.88 -29.79
CA VAL A 302 21.12 -20.83 -30.50
C VAL A 302 19.72 -21.29 -30.83
N ARG A 303 19.58 -22.54 -31.27
CA ARG A 303 18.26 -23.06 -31.61
C ARG A 303 17.34 -23.12 -30.41
N HIS A 304 17.89 -23.35 -29.22
CA HIS A 304 17.07 -23.45 -28.03
C HIS A 304 16.53 -22.08 -27.63
N ILE A 305 17.38 -21.06 -27.62
CA ILE A 305 16.94 -19.73 -27.24
C ILE A 305 16.04 -19.13 -28.32
N ALA A 306 16.37 -19.38 -29.59
CA ALA A 306 15.54 -18.86 -30.67
C ALA A 306 14.13 -19.44 -30.61
N LEU A 307 14.02 -20.73 -30.32
CA LEU A 307 12.70 -21.35 -30.21
C LEU A 307 11.91 -20.77 -29.06
N TYR A 308 12.56 -20.50 -27.93
CA TYR A 308 11.84 -19.94 -26.79
C TYR A 308 11.37 -18.53 -27.07
N LEU A 309 12.25 -17.70 -27.63
CA LEU A 309 11.88 -16.31 -27.93
C LEU A 309 10.78 -16.26 -28.98
N LEU A 310 10.83 -17.14 -29.97
CA LEU A 310 9.77 -17.16 -30.97
C LEU A 310 8.43 -17.53 -30.36
N CYS A 311 8.43 -18.46 -29.40
CA CYS A 311 7.19 -18.77 -28.68
C CYS A 311 6.78 -17.63 -27.76
N TRP A 312 7.75 -16.97 -27.13
CA TRP A 312 7.43 -15.85 -26.23
C TRP A 312 6.89 -14.65 -26.99
N GLY A 313 7.38 -14.41 -28.21
CA GLY A 313 6.98 -13.23 -28.94
C GLY A 313 5.62 -13.29 -29.59
N GLU A 314 4.97 -14.45 -29.60
CA GLU A 314 3.61 -14.59 -30.11
C GLU A 314 2.64 -15.10 -29.06
N ALA A 315 2.98 -15.00 -27.79
CA ALA A 315 2.12 -15.52 -26.74
C ALA A 315 1.02 -14.54 -26.35
N ASN A 316 1.43 -13.31 -26.01
CA ASN A 316 0.63 -12.08 -25.95
C ASN A 316 -0.40 -12.03 -24.83
N GLN A 317 -0.78 -13.17 -24.30
CA GLN A 317 -1.40 -13.27 -22.98
C GLN A 317 -0.84 -14.42 -22.17
N VAL A 318 -0.36 -15.47 -22.82
CA VAL A 318 0.38 -16.54 -22.18
C VAL A 318 1.72 -16.06 -21.65
N ARG A 319 2.12 -14.83 -22.00
CA ARG A 319 3.27 -14.24 -21.35
C ARG A 319 3.03 -14.00 -19.87
N PHE A 320 1.77 -13.77 -19.49
CA PHE A 320 1.43 -13.61 -18.08
C PHE A 320 1.49 -14.94 -17.33
N THR A 321 1.33 -16.05 -18.03
CA THR A 321 1.36 -17.39 -17.45
C THR A 321 2.63 -18.07 -17.92
N ALA A 322 3.69 -17.93 -17.14
CA ALA A 322 5.02 -18.37 -17.57
C ALA A 322 5.10 -19.87 -17.75
N GLU A 323 4.46 -20.64 -16.88
CA GLU A 323 4.61 -22.09 -16.91
C GLU A 323 3.77 -22.74 -17.98
N CYS A 324 2.68 -22.10 -18.39
CA CYS A 324 1.95 -22.58 -19.56
C CYS A 324 2.81 -22.50 -20.81
N LEU A 325 3.68 -21.49 -20.87
CA LEU A 325 4.58 -21.31 -22.00
C LEU A 325 5.78 -22.26 -21.94
N CYS A 326 6.21 -22.65 -20.75
CA CYS A 326 7.25 -23.68 -20.64
C CYS A 326 6.73 -25.02 -21.17
N PHE A 327 5.48 -25.35 -20.88
CA PHE A 327 4.88 -26.56 -21.43
C PHE A 327 4.76 -26.49 -22.94
N ILE A 328 4.39 -25.32 -23.48
CA ILE A 328 4.28 -25.17 -24.92
C ILE A 328 5.66 -25.25 -25.57
N TYR A 329 6.67 -24.70 -24.91
CA TYR A 329 8.03 -24.79 -25.41
C TYR A 329 8.49 -26.24 -25.48
N LYS A 330 8.16 -27.04 -24.47
CA LYS A 330 8.62 -28.43 -24.46
C LYS A 330 7.86 -29.28 -25.47
N CYS A 331 6.56 -29.04 -25.63
CA CYS A 331 5.81 -29.73 -26.66
C CYS A 331 6.36 -29.39 -28.04
N ALA A 332 6.69 -28.12 -28.27
CA ALA A 332 7.25 -27.70 -29.55
C ALA A 332 8.64 -28.28 -29.76
N LEU A 333 9.47 -28.28 -28.72
CA LEU A 333 10.83 -28.80 -28.84
C LEU A 333 10.83 -30.31 -29.12
N ASP A 334 9.98 -31.06 -28.43
CA ASP A 334 9.91 -32.50 -28.65
C ASP A 334 9.43 -32.82 -30.06
N TYR A 335 8.44 -32.07 -30.56
CA TYR A 335 8.00 -32.26 -31.93
C TYR A 335 9.11 -31.93 -32.91
N LEU A 336 9.83 -30.84 -32.64
CA LEU A 336 10.87 -30.35 -33.54
C LEU A 336 12.00 -31.35 -33.70
N ASP A 337 12.32 -32.08 -32.63
CA ASP A 337 13.43 -33.02 -32.62
C ASP A 337 13.05 -34.40 -33.12
N SER A 338 11.86 -34.58 -33.60
CA SER A 338 11.36 -35.88 -34.01
C SER A 338 11.45 -36.06 -35.52
N PRO A 339 11.59 -37.29 -36.00
CA PRO A 339 11.51 -37.53 -37.45
C PRO A 339 10.16 -37.19 -38.04
N LEU A 340 9.10 -37.15 -37.24
CA LEU A 340 7.80 -36.71 -37.72
C LEU A 340 7.86 -35.31 -38.28
N CYS A 341 8.73 -34.46 -37.75
CA CYS A 341 8.93 -33.09 -38.19
C CYS A 341 10.10 -32.95 -39.16
N GLN A 342 11.20 -33.65 -38.90
CA GLN A 342 12.37 -33.52 -39.76
C GLN A 342 12.14 -34.13 -41.13
N GLN A 343 11.27 -35.13 -41.24
CA GLN A 343 10.95 -35.74 -42.52
C GLN A 343 9.81 -35.05 -43.25
N ARG A 344 9.11 -34.12 -42.59
CA ARG A 344 8.04 -33.39 -43.26
C ARG A 344 8.63 -32.41 -44.28
N GLN A 345 8.02 -32.37 -45.46
CA GLN A 345 8.57 -31.61 -46.59
C GLN A 345 7.96 -30.23 -46.74
N GLU A 346 6.65 -30.08 -46.52
CA GLU A 346 6.01 -28.79 -46.70
C GLU A 346 6.05 -27.99 -45.41
N PRO A 347 6.20 -26.67 -45.49
CA PRO A 347 6.21 -25.85 -44.29
C PRO A 347 4.84 -25.74 -43.66
N MET A 348 4.82 -25.52 -42.35
CA MET A 348 3.57 -25.23 -41.68
C MET A 348 3.06 -23.87 -42.12
N PRO A 349 1.74 -23.71 -42.32
CA PRO A 349 1.21 -22.42 -42.77
C PRO A 349 1.54 -21.31 -41.78
N GLU A 350 1.73 -20.11 -42.31
CA GLU A 350 2.11 -18.99 -41.47
C GLU A 350 1.01 -18.66 -40.48
N GLY A 351 1.41 -18.28 -39.27
CA GLY A 351 0.46 -18.00 -38.22
C GLY A 351 -0.14 -19.21 -37.56
N ASP A 352 0.37 -20.41 -37.86
CA ASP A 352 -0.19 -21.63 -37.31
C ASP A 352 0.06 -21.74 -35.81
N PHE A 353 1.21 -21.27 -35.33
CA PHE A 353 1.47 -21.33 -33.90
C PHE A 353 0.48 -20.49 -33.12
N LEU A 354 0.19 -19.28 -33.61
CA LEU A 354 -0.75 -18.43 -32.90
C LEU A 354 -2.19 -18.91 -33.08
N ASN A 355 -2.55 -19.30 -34.30
CA ASN A 355 -3.94 -19.70 -34.55
C ASN A 355 -4.30 -20.99 -33.83
N ARG A 356 -3.40 -21.97 -33.81
CA ARG A 356 -3.74 -23.29 -33.30
C ARG A 356 -3.42 -23.45 -31.83
N VAL A 357 -2.35 -22.84 -31.33
CA VAL A 357 -1.92 -23.07 -29.96
C VAL A 357 -2.35 -21.91 -29.06
N ILE A 358 -1.89 -20.70 -29.37
CA ILE A 358 -2.03 -19.58 -28.45
C ILE A 358 -3.46 -19.08 -28.38
N THR A 359 -4.14 -18.98 -29.52
CA THR A 359 -5.46 -18.36 -29.54
C THR A 359 -6.47 -19.08 -28.66
N PRO A 360 -6.59 -20.41 -28.68
CA PRO A 360 -7.54 -21.06 -27.76
C PRO A 360 -7.30 -20.75 -26.29
N ILE A 361 -6.04 -20.63 -25.87
CA ILE A 361 -5.78 -20.25 -24.49
C ILE A 361 -6.22 -18.82 -24.24
N TYR A 362 -6.08 -17.95 -25.24
CA TYR A 362 -6.58 -16.59 -25.10
C TYR A 362 -8.10 -16.56 -25.00
N HIS A 363 -8.77 -17.37 -25.81
CA HIS A 363 -10.24 -17.42 -25.77
C HIS A 363 -10.73 -17.91 -24.42
N PHE A 364 -10.00 -18.82 -23.78
CA PHE A 364 -10.38 -19.22 -22.43
C PHE A 364 -10.27 -18.05 -21.46
N ILE A 365 -9.16 -17.34 -21.50
CA ILE A 365 -8.95 -16.22 -20.58
C ILE A 365 -9.98 -15.13 -20.81
N ARG A 366 -10.35 -14.91 -22.07
CA ARG A 366 -11.31 -13.86 -22.39
C ARG A 366 -12.72 -14.25 -21.95
N ASN A 367 -13.13 -15.48 -22.23
CA ASN A 367 -14.48 -15.91 -21.87
C ASN A 367 -14.69 -16.01 -20.37
N GLN A 368 -13.63 -16.03 -19.57
CA GLN A 368 -13.81 -16.02 -18.13
C GLN A 368 -14.31 -14.67 -17.65
N VAL A 369 -13.97 -13.60 -18.35
CA VAL A 369 -14.27 -12.25 -17.89
C VAL A 369 -15.32 -11.57 -18.75
N TYR A 370 -15.52 -11.98 -20.00
CA TYR A 370 -16.39 -11.26 -20.91
C TYR A 370 -17.46 -12.18 -21.49
N GLU A 371 -18.54 -11.56 -21.94
CA GLU A 371 -19.71 -12.25 -22.46
C GLU A 371 -20.11 -11.59 -23.77
N ILE A 372 -20.76 -12.37 -24.63
CA ILE A 372 -21.30 -11.85 -25.89
C ILE A 372 -22.77 -11.52 -25.68
N VAL A 373 -23.13 -10.25 -25.84
CA VAL A 373 -24.50 -9.79 -25.72
C VAL A 373 -24.91 -9.24 -27.08
N ASP A 374 -25.47 -10.11 -27.91
CA ASP A 374 -25.99 -9.78 -29.24
C ASP A 374 -24.90 -9.28 -30.19
N GLY A 375 -23.62 -9.54 -29.91
CA GLY A 375 -22.58 -9.19 -30.87
C GLY A 375 -21.35 -8.49 -30.35
N ARG A 376 -21.43 -7.81 -29.21
CA ARG A 376 -20.27 -7.16 -28.61
C ARG A 376 -19.83 -7.90 -27.36
N PHE A 377 -18.75 -7.42 -26.75
CA PHE A 377 -18.15 -8.05 -25.58
C PHE A 377 -18.33 -7.14 -24.37
N VAL A 378 -19.02 -7.63 -23.36
CA VAL A 378 -19.28 -6.89 -22.14
C VAL A 378 -19.00 -7.80 -20.95
N LYS A 379 -18.51 -7.21 -19.87
CA LYS A 379 -18.06 -8.00 -18.74
C LYS A 379 -19.17 -8.84 -18.15
N ARG A 380 -18.84 -10.06 -17.74
CA ARG A 380 -19.75 -10.88 -16.97
C ARG A 380 -19.77 -10.42 -15.52
N GLU A 381 -20.85 -10.76 -14.83
CA GLU A 381 -21.00 -10.42 -13.41
C GLU A 381 -20.85 -11.72 -12.61
N ARG A 382 -19.67 -11.91 -12.02
CA ARG A 382 -19.38 -13.11 -11.27
C ARG A 382 -18.41 -12.76 -10.14
N ASP A 383 -18.56 -13.46 -9.02
CA ASP A 383 -17.61 -13.31 -7.94
C ASP A 383 -16.25 -13.82 -8.37
N HIS A 384 -15.20 -13.32 -7.71
CA HIS A 384 -13.84 -13.66 -8.13
C HIS A 384 -13.53 -15.14 -7.97
N ASN A 385 -14.34 -15.88 -7.21
CA ASN A 385 -14.13 -17.31 -7.06
C ASN A 385 -14.73 -18.12 -8.20
N LYS A 386 -15.41 -17.47 -9.15
CA LYS A 386 -15.86 -18.16 -10.33
C LYS A 386 -15.00 -17.86 -11.54
N ILE A 387 -14.10 -16.89 -11.45
CA ILE A 387 -13.22 -16.52 -12.55
C ILE A 387 -11.91 -17.27 -12.38
N VAL A 388 -11.57 -18.07 -13.38
CA VAL A 388 -10.28 -18.73 -13.45
C VAL A 388 -9.30 -17.75 -14.08
N GLY A 389 -8.40 -17.20 -13.27
CA GLY A 389 -7.51 -16.14 -13.71
C GLY A 389 -6.24 -16.64 -14.33
N TYR A 390 -5.24 -15.76 -14.36
CA TYR A 390 -3.93 -16.14 -14.88
C TYR A 390 -3.22 -17.08 -13.92
N ASP A 391 -3.37 -16.86 -12.62
CA ASP A 391 -2.68 -17.69 -11.64
C ASP A 391 -3.28 -19.09 -11.59
N ASP A 392 -4.61 -19.19 -11.60
CA ASP A 392 -5.24 -20.51 -11.60
C ASP A 392 -4.94 -21.27 -12.87
N LEU A 393 -4.75 -20.55 -13.98
CA LEU A 393 -4.36 -21.17 -15.23
C LEU A 393 -2.90 -21.60 -15.21
N ASN A 394 -2.03 -20.74 -14.68
CA ASN A 394 -0.60 -21.05 -14.63
C ASN A 394 -0.31 -22.28 -13.80
N GLN A 395 -0.93 -22.36 -12.62
CA GLN A 395 -0.58 -23.37 -11.63
C GLN A 395 -0.98 -24.78 -12.03
N LEU A 396 -1.77 -24.95 -13.09
CA LEU A 396 -2.04 -26.29 -13.59
C LEU A 396 -0.76 -26.98 -14.02
N PHE A 397 0.17 -26.23 -14.60
CA PHE A 397 1.39 -26.77 -15.16
C PHE A 397 2.50 -26.88 -14.13
N TRP A 398 2.20 -26.63 -12.86
CA TRP A 398 3.17 -26.78 -11.79
C TRP A 398 3.36 -28.23 -11.36
N TYR A 399 2.38 -29.10 -11.62
CA TYR A 399 2.42 -30.47 -11.15
C TYR A 399 2.19 -31.44 -12.29
N PRO A 400 2.82 -32.60 -12.24
CA PRO A 400 2.48 -33.67 -13.19
C PRO A 400 1.05 -34.14 -13.05
N GLU A 401 0.40 -33.88 -11.92
CA GLU A 401 -1.02 -34.15 -11.78
C GLU A 401 -1.84 -33.17 -12.61
N GLY A 402 -1.45 -31.90 -12.63
CA GLY A 402 -2.17 -30.92 -13.42
C GLY A 402 -2.05 -31.16 -14.91
N ILE A 403 -0.84 -31.45 -15.38
CA ILE A 403 -0.64 -31.77 -16.79
C ILE A 403 -1.39 -33.04 -17.16
N ALA A 404 -1.60 -33.92 -16.21
CA ALA A 404 -2.39 -35.12 -16.46
C ALA A 404 -3.87 -34.83 -16.62
N LYS A 405 -4.31 -33.61 -16.33
CA LYS A 405 -5.70 -33.22 -16.49
C LYS A 405 -6.00 -32.66 -17.88
N ILE A 406 -4.99 -32.42 -18.70
CA ILE A 406 -5.22 -31.85 -20.04
C ILE A 406 -5.86 -32.92 -20.91
N VAL A 407 -7.03 -32.60 -21.46
CA VAL A 407 -7.89 -33.56 -22.13
C VAL A 407 -8.17 -33.05 -23.55
N LEU A 408 -8.20 -33.97 -24.50
CA LEU A 408 -8.43 -33.62 -25.90
C LEU A 408 -9.91 -33.64 -26.22
N GLU A 409 -10.24 -33.26 -27.46
CA GLU A 409 -11.63 -33.20 -27.88
C GLU A 409 -12.27 -34.58 -27.90
N ASP A 410 -11.54 -35.59 -28.37
CA ASP A 410 -12.11 -36.92 -28.50
C ASP A 410 -12.35 -37.60 -27.16
N GLY A 411 -11.81 -37.05 -26.08
CA GLY A 411 -11.97 -37.59 -24.75
C GLY A 411 -10.68 -38.08 -24.11
N THR A 412 -9.71 -38.47 -24.95
CA THR A 412 -8.46 -39.01 -24.45
C THR A 412 -7.66 -37.91 -23.74
N LYS A 413 -6.50 -38.29 -23.23
CA LYS A 413 -5.64 -37.38 -22.50
C LYS A 413 -4.41 -37.04 -23.32
N LEU A 414 -3.87 -35.85 -23.07
CA LEU A 414 -2.69 -35.41 -23.82
C LEU A 414 -1.47 -36.23 -23.48
N ILE A 415 -1.30 -36.61 -22.21
CA ILE A 415 -0.15 -37.40 -21.80
C ILE A 415 -0.20 -38.83 -22.28
N GLU A 416 -1.32 -39.26 -22.88
CA GLU A 416 -1.38 -40.60 -23.46
C GLU A 416 -0.72 -40.69 -24.82
N LEU A 417 -0.28 -39.58 -25.37
CA LEU A 417 0.42 -39.56 -26.64
C LEU A 417 1.92 -39.52 -26.42
N PRO A 418 2.70 -40.06 -27.35
CA PRO A 418 4.16 -39.94 -27.27
C PRO A 418 4.58 -38.48 -27.28
N LEU A 419 5.76 -38.22 -26.68
CA LEU A 419 6.20 -36.85 -26.45
C LEU A 419 6.15 -36.00 -27.72
N GLU A 420 6.50 -36.58 -28.84
CA GLU A 420 6.63 -35.83 -30.09
C GLU A 420 5.31 -35.61 -30.80
N GLU A 421 4.22 -36.20 -30.33
CA GLU A 421 2.92 -36.09 -30.97
C GLU A 421 1.97 -35.16 -30.24
N ARG A 422 2.46 -34.44 -29.23
CA ARG A 422 1.58 -33.63 -28.40
C ARG A 422 1.46 -32.19 -28.87
N TYR A 423 2.50 -31.63 -29.49
CA TYR A 423 2.39 -30.27 -30.00
C TYR A 423 1.37 -30.19 -31.11
N LEU A 424 1.29 -31.22 -31.96
CA LEU A 424 0.38 -31.19 -33.08
C LEU A 424 -1.08 -31.29 -32.67
N ARG A 425 -1.36 -31.59 -31.40
CA ARG A 425 -2.74 -31.71 -30.93
C ARG A 425 -3.02 -30.77 -29.76
N LEU A 426 -2.24 -29.71 -29.65
CA LEU A 426 -2.50 -28.66 -28.68
C LEU A 426 -3.63 -27.73 -29.10
N GLY A 427 -4.10 -27.85 -30.34
CA GLY A 427 -5.28 -27.12 -30.77
C GLY A 427 -6.58 -27.87 -30.55
N ASP A 428 -6.51 -29.14 -30.20
CA ASP A 428 -7.67 -29.95 -29.91
C ASP A 428 -8.01 -30.02 -28.43
N VAL A 429 -7.21 -29.40 -27.57
CA VAL A 429 -7.48 -29.40 -26.14
C VAL A 429 -8.72 -28.56 -25.87
N VAL A 430 -9.62 -29.08 -25.05
CA VAL A 430 -10.78 -28.32 -24.58
C VAL A 430 -10.38 -27.73 -23.22
N TRP A 431 -9.84 -26.51 -23.27
CA TRP A 431 -9.26 -25.90 -22.08
C TRP A 431 -10.29 -25.59 -21.01
N ASP A 432 -11.57 -25.54 -21.37
CA ASP A 432 -12.60 -25.28 -20.36
C ASP A 432 -12.74 -26.45 -19.40
N ASP A 433 -12.62 -27.67 -19.90
CA ASP A 433 -12.67 -28.87 -19.08
C ASP A 433 -11.36 -29.19 -18.40
N VAL A 434 -10.44 -28.24 -18.31
CA VAL A 434 -9.12 -28.49 -17.75
C VAL A 434 -8.87 -27.53 -16.61
N PHE A 435 -8.90 -26.23 -16.89
CA PHE A 435 -8.50 -25.24 -15.91
C PHE A 435 -9.55 -25.12 -14.81
N PHE A 436 -9.07 -24.87 -13.59
CA PHE A 436 -9.92 -24.82 -12.42
C PHE A 436 -9.31 -23.86 -11.42
N LYS A 437 -10.13 -23.40 -10.48
CA LYS A 437 -9.66 -22.47 -9.48
C LYS A 437 -8.75 -23.19 -8.49
N THR A 438 -7.59 -22.60 -8.21
CA THR A 438 -6.62 -23.19 -7.31
C THR A 438 -6.52 -22.48 -5.97
N TYR A 439 -7.15 -21.30 -5.83
CA TYR A 439 -7.11 -20.57 -4.58
C TYR A 439 -8.32 -19.64 -4.58
N LYS A 440 -9.36 -20.01 -3.84
CA LYS A 440 -10.55 -19.19 -3.73
C LYS A 440 -10.41 -18.25 -2.55
N GLU A 441 -10.86 -17.02 -2.73
CA GLU A 441 -10.88 -16.04 -1.65
C GLU A 441 -12.22 -16.09 -0.92
N THR A 442 -12.19 -15.68 0.35
CA THR A 442 -13.32 -15.81 1.25
C THR A 442 -13.38 -14.54 2.09
N ARG A 443 -14.07 -14.60 3.22
CA ARG A 443 -14.15 -13.48 4.14
C ARG A 443 -12.76 -13.02 4.54
N THR A 444 -12.58 -11.70 4.65
CA THR A 444 -11.25 -11.14 4.80
C THR A 444 -10.55 -11.64 6.05
N TRP A 445 -11.25 -11.70 7.18
CA TRP A 445 -10.58 -12.05 8.42
C TRP A 445 -10.19 -13.52 8.48
N LEU A 446 -10.80 -14.37 7.68
CA LEU A 446 -10.36 -15.76 7.61
C LEU A 446 -8.98 -15.88 7.00
N HIS A 447 -8.61 -14.98 6.11
CA HIS A 447 -7.27 -14.98 5.54
C HIS A 447 -6.25 -14.40 6.51
N LEU A 448 -6.65 -13.40 7.29
CA LEU A 448 -5.73 -12.80 8.25
C LEU A 448 -5.34 -13.79 9.34
N VAL A 449 -6.25 -14.67 9.75
CA VAL A 449 -5.93 -15.68 10.74
C VAL A 449 -4.90 -16.66 10.19
N THR A 450 -5.11 -17.15 8.98
CA THR A 450 -4.19 -18.13 8.41
C THR A 450 -2.86 -17.48 8.04
N ASN A 451 -2.90 -16.36 7.32
CA ASN A 451 -1.68 -15.79 6.75
C ASN A 451 -0.78 -15.24 7.82
N PHE A 452 -1.32 -14.73 8.91
CA PHE A 452 -0.55 -14.07 9.94
C PHE A 452 -0.75 -14.75 11.28
N ASN A 453 -0.86 -16.08 11.28
CA ASN A 453 -1.13 -16.82 12.50
C ASN A 453 -0.01 -16.67 13.51
N ARG A 454 1.23 -16.47 13.04
CA ARG A 454 2.33 -16.29 13.97
C ARG A 454 2.26 -14.95 14.68
N ILE A 455 1.61 -13.95 14.08
CA ILE A 455 1.42 -12.67 14.76
C ILE A 455 0.41 -12.80 15.88
N TRP A 456 -0.64 -13.58 15.67
CA TRP A 456 -1.66 -13.74 16.69
C TRP A 456 -1.18 -14.63 17.84
N VAL A 457 -0.38 -15.64 17.54
CA VAL A 457 0.04 -16.54 18.60
C VAL A 457 0.86 -15.84 19.69
N MET A 458 1.82 -15.01 19.30
CA MET A 458 2.64 -14.33 20.30
C MET A 458 1.90 -13.28 21.13
N HIS A 459 1.14 -12.40 20.49
CA HIS A 459 0.40 -11.36 21.20
C HIS A 459 -0.77 -11.87 22.05
N ILE A 460 -1.56 -12.74 21.43
CA ILE A 460 -2.73 -13.33 22.08
C ILE A 460 -2.42 -14.26 23.23
N SER A 461 -1.37 -15.06 23.04
CA SER A 461 -0.97 -16.07 24.01
C SER A 461 0.03 -15.56 25.04
N ILE A 462 0.82 -14.55 24.72
CA ILE A 462 1.65 -13.91 25.73
C ILE A 462 0.83 -12.97 26.58
N PHE A 463 -0.21 -12.38 26.01
CA PHE A 463 -1.14 -11.56 26.76
C PHE A 463 -1.86 -12.38 27.82
N TRP A 464 -2.25 -13.60 27.49
CA TRP A 464 -2.91 -14.47 28.45
C TRP A 464 -2.02 -14.74 29.65
N MET A 465 -0.77 -15.10 29.41
CA MET A 465 0.12 -15.43 30.52
C MET A 465 0.47 -14.21 31.34
N TYR A 466 0.59 -13.04 30.69
CA TYR A 466 0.86 -11.81 31.42
C TYR A 466 -0.25 -11.51 32.40
N PHE A 467 -1.49 -11.73 32.01
CA PHE A 467 -2.64 -11.36 32.79
C PHE A 467 -3.11 -12.45 33.73
N ALA A 468 -2.91 -13.72 33.38
CA ALA A 468 -3.20 -14.79 34.31
C ALA A 468 -2.27 -14.75 35.50
N TYR A 469 -1.01 -14.40 35.28
CA TYR A 469 -0.04 -14.32 36.36
C TYR A 469 -0.33 -13.15 37.29
N ASN A 470 -0.80 -12.03 36.73
CA ASN A 470 -0.98 -10.81 37.49
C ASN A 470 -2.39 -10.66 38.04
N SER A 471 -3.22 -11.69 37.93
CA SER A 471 -4.59 -11.64 38.44
C SER A 471 -4.84 -12.85 39.32
N PRO A 472 -4.26 -12.87 40.52
CA PRO A 472 -4.49 -14.00 41.43
C PRO A 472 -5.92 -14.13 41.87
N THR A 473 -6.72 -13.07 41.75
CA THR A 473 -8.06 -13.06 42.27
C THR A 473 -9.05 -13.81 41.40
N PHE A 474 -8.64 -14.27 40.22
CA PHE A 474 -9.54 -15.02 39.35
C PHE A 474 -9.59 -16.49 39.68
N TYR A 475 -8.58 -17.03 40.36
CA TYR A 475 -8.58 -18.43 40.76
C TYR A 475 -8.41 -18.61 42.26
N THR A 476 -8.10 -17.58 43.01
CA THR A 476 -8.11 -17.69 44.47
C THR A 476 -9.55 -17.86 44.94
N HIS A 477 -9.77 -18.87 45.78
CA HIS A 477 -11.10 -19.20 46.27
C HIS A 477 -11.32 -18.52 47.61
N ASN A 478 -12.43 -17.77 47.73
CA ASN A 478 -12.79 -17.07 48.96
C ASN A 478 -11.70 -16.08 49.36
N TYR A 479 -11.36 -15.20 48.43
CA TYR A 479 -10.34 -14.18 48.64
C TYR A 479 -10.74 -13.25 49.78
N ASN A 485 -5.45 -14.58 48.87
CA ASN A 485 -4.55 -15.59 49.41
C ASN A 485 -3.45 -15.95 48.41
N GLN A 486 -2.31 -15.29 48.56
CA GLN A 486 -1.17 -15.44 47.66
C GLN A 486 -0.55 -16.84 47.61
N PRO A 487 -0.66 -17.71 48.66
CA PRO A 487 -0.12 -19.07 48.51
C PRO A 487 -0.87 -19.92 47.49
N LEU A 488 -0.55 -21.21 47.44
CA LEU A 488 -1.11 -22.15 46.47
C LEU A 488 -0.74 -21.73 45.04
N ALA A 489 0.56 -21.74 44.78
CA ALA A 489 1.09 -21.32 43.49
C ALA A 489 0.75 -22.29 42.37
N ALA A 490 0.32 -23.51 42.70
CA ALA A 490 -0.06 -24.45 41.66
C ALA A 490 -1.21 -23.93 40.80
N TYR A 491 -2.11 -23.15 41.39
CA TYR A 491 -3.18 -22.54 40.61
C TYR A 491 -2.66 -21.38 39.77
N LYS A 492 -1.60 -20.71 40.22
CA LYS A 492 -1.04 -19.61 39.45
C LYS A 492 -0.30 -20.10 38.22
N TRP A 493 0.45 -21.19 38.36
CA TRP A 493 1.24 -21.71 37.26
C TRP A 493 0.36 -22.40 36.22
N ALA A 494 -0.63 -23.16 36.67
CA ALA A 494 -1.54 -23.84 35.76
C ALA A 494 -2.44 -22.88 35.02
N SER A 495 -2.61 -21.66 35.52
CA SER A 495 -3.42 -20.66 34.84
C SER A 495 -2.64 -19.94 33.75
N CYS A 496 -1.36 -19.69 33.98
CA CYS A 496 -0.50 -19.22 32.91
C CYS A 496 -0.35 -20.29 31.83
N ALA A 497 -0.21 -21.55 32.25
CA ALA A 497 -0.05 -22.66 31.32
C ALA A 497 -1.20 -22.80 30.33
N LEU A 498 -2.30 -22.10 30.55
CA LEU A 498 -3.39 -22.10 29.59
C LEU A 498 -3.09 -21.21 28.39
N GLY A 499 -1.98 -20.48 28.39
CA GLY A 499 -1.53 -19.79 27.20
C GLY A 499 -1.03 -20.73 26.11
N GLY A 500 -0.59 -21.92 26.49
CA GLY A 500 -0.24 -22.92 25.49
C GLY A 500 -1.45 -23.56 24.85
N THR A 501 -2.55 -23.66 25.59
CA THR A 501 -3.82 -24.08 25.00
C THR A 501 -4.36 -23.02 24.05
N VAL A 502 -4.11 -21.74 24.34
CA VAL A 502 -4.57 -20.69 23.46
C VAL A 502 -3.77 -20.67 22.17
N ALA A 503 -2.44 -20.83 22.28
CA ALA A 503 -1.60 -20.89 21.08
C ALA A 503 -1.95 -22.10 20.22
N SER A 504 -2.19 -23.24 20.85
CA SER A 504 -2.54 -24.44 20.12
C SER A 504 -3.92 -24.36 19.49
N LEU A 505 -4.77 -23.46 19.98
CA LEU A 505 -6.10 -23.26 19.42
C LEU A 505 -6.12 -22.26 18.28
N ILE A 506 -5.21 -21.28 18.30
CA ILE A 506 -5.07 -20.39 17.16
C ILE A 506 -4.57 -21.17 15.95
N GLN A 507 -3.70 -22.15 16.17
CA GLN A 507 -3.20 -22.97 15.07
C GLN A 507 -4.29 -23.86 14.50
N ILE A 508 -5.16 -24.40 15.37
CA ILE A 508 -6.29 -25.18 14.87
C ILE A 508 -7.19 -24.32 14.00
N VAL A 509 -7.48 -23.11 14.45
CA VAL A 509 -8.37 -22.23 13.69
C VAL A 509 -7.72 -21.80 12.39
N ALA A 510 -6.41 -21.57 12.41
CA ALA A 510 -5.70 -21.25 11.18
C ALA A 510 -5.77 -22.39 10.18
N THR A 511 -5.62 -23.63 10.65
CA THR A 511 -5.67 -24.78 9.76
C THR A 511 -7.08 -25.02 9.23
N LEU A 512 -8.09 -24.67 10.02
CA LEU A 512 -9.47 -24.80 9.54
C LEU A 512 -9.80 -23.74 8.51
N CYS A 513 -9.34 -22.50 8.71
CA CYS A 513 -9.55 -21.46 7.73
C CYS A 513 -8.82 -21.77 6.42
N GLU A 514 -7.58 -22.23 6.52
CA GLU A 514 -6.79 -22.53 5.33
C GLU A 514 -7.38 -23.69 4.54
N TRP A 515 -8.06 -24.60 5.23
CA TRP A 515 -8.69 -25.72 4.57
C TRP A 515 -9.83 -25.29 3.65
N SER A 516 -10.26 -24.04 3.74
CA SER A 516 -11.35 -23.52 2.91
C SER A 516 -10.88 -22.63 1.76
N PHE A 517 -9.61 -22.22 1.73
CA PHE A 517 -9.09 -21.51 0.58
C PHE A 517 -8.69 -22.44 -0.55
N VAL A 518 -8.34 -23.68 -0.23
CA VAL A 518 -7.68 -24.57 -1.17
C VAL A 518 -8.67 -25.61 -1.67
N PRO A 519 -8.64 -25.97 -2.95
CA PRO A 519 -9.42 -27.13 -3.40
C PRO A 519 -8.96 -28.38 -2.68
N ARG A 520 -9.90 -29.30 -2.49
CA ARG A 520 -9.72 -30.38 -1.52
C ARG A 520 -8.93 -31.57 -2.06
N LYS A 521 -8.53 -31.55 -3.33
CA LYS A 521 -7.78 -32.68 -3.88
C LYS A 521 -6.60 -32.22 -4.71
N TRP A 522 -6.01 -31.07 -4.40
CA TRP A 522 -5.05 -30.43 -5.29
C TRP A 522 -3.76 -30.08 -4.56
N ALA A 523 -2.63 -30.42 -5.18
CA ALA A 523 -1.30 -29.90 -4.83
C ALA A 523 -0.89 -30.20 -3.41
N GLY A 524 -1.59 -31.07 -2.72
CA GLY A 524 -1.44 -31.20 -1.29
C GLY A 524 -2.81 -31.09 -0.69
N ALA A 525 -2.91 -30.55 0.53
CA ALA A 525 -4.18 -30.40 1.23
C ALA A 525 -4.72 -31.73 1.75
N GLN A 526 -4.10 -32.85 1.39
CA GLN A 526 -4.18 -34.03 2.25
C GLN A 526 -3.21 -33.94 3.41
N HIS A 527 -2.07 -33.27 3.20
CA HIS A 527 -1.20 -32.93 4.31
C HIS A 527 -1.88 -31.98 5.28
N LEU A 528 -2.91 -31.27 4.82
CA LEU A 528 -3.68 -30.40 5.71
C LEU A 528 -4.44 -31.21 6.74
N SER A 529 -4.97 -32.37 6.36
CA SER A 529 -5.67 -33.22 7.32
C SER A 529 -4.71 -33.88 8.29
N ARG A 530 -3.50 -34.22 7.84
CA ARG A 530 -2.50 -34.75 8.74
C ARG A 530 -2.04 -33.71 9.75
N ARG A 531 -1.88 -32.47 9.31
CA ARG A 531 -1.46 -31.40 10.23
C ARG A 531 -2.52 -31.15 11.29
N PHE A 532 -3.79 -31.19 10.90
CA PHE A 532 -4.87 -30.92 11.84
C PHE A 532 -4.86 -31.90 12.99
N TRP A 533 -4.52 -33.17 12.71
CA TRP A 533 -4.51 -34.17 13.76
C TRP A 533 -3.28 -34.05 14.66
N PHE A 534 -2.13 -33.67 14.11
CA PHE A 534 -0.98 -33.41 14.96
C PHE A 534 -1.23 -32.22 15.88
N LEU A 535 -1.90 -31.18 15.37
CA LEU A 535 -2.24 -30.03 16.20
C LEU A 535 -3.31 -30.36 17.22
N CYS A 536 -4.14 -31.38 16.96
CA CYS A 536 -5.11 -31.83 17.95
C CYS A 536 -4.46 -32.65 19.05
N ILE A 537 -3.40 -33.38 18.73
CA ILE A 537 -2.62 -34.07 19.76
C ILE A 537 -1.92 -33.06 20.65
N ILE A 538 -1.31 -32.04 20.05
CA ILE A 538 -0.59 -31.03 20.83
C ILE A 538 -1.54 -30.26 21.71
N PHE A 539 -2.74 -29.96 21.20
CA PHE A 539 -3.70 -29.20 21.98
C PHE A 539 -4.22 -30.02 23.16
N GLY A 540 -4.43 -31.32 22.96
CA GLY A 540 -4.84 -32.17 24.07
C GLY A 540 -3.78 -32.26 25.15
N ILE A 541 -2.51 -32.33 24.75
CA ILE A 541 -1.41 -32.41 25.70
C ILE A 541 -1.39 -31.17 26.59
N ASN A 542 -1.74 -30.02 26.04
CA ASN A 542 -1.77 -28.81 26.85
C ASN A 542 -2.99 -28.78 27.76
N LEU A 543 -4.16 -29.10 27.21
CA LEU A 543 -5.40 -28.99 27.99
C LEU A 543 -5.48 -30.05 29.08
N GLY A 544 -5.15 -31.29 28.74
CA GLY A 544 -5.38 -32.43 29.61
C GLY A 544 -4.81 -32.31 31.01
N PRO A 545 -3.50 -32.22 31.12
CA PRO A 545 -2.88 -32.09 32.45
C PRO A 545 -3.31 -30.85 33.21
N ILE A 546 -3.79 -29.81 32.52
CA ILE A 546 -4.33 -28.65 33.23
C ILE A 546 -5.64 -29.02 33.92
N ILE A 547 -6.49 -29.78 33.23
CA ILE A 547 -7.72 -30.28 33.86
C ILE A 547 -7.39 -31.15 35.06
N PHE A 548 -6.33 -31.94 34.96
CA PHE A 548 -5.90 -32.77 36.09
C PHE A 548 -5.52 -31.91 37.28
N VAL A 549 -4.75 -30.84 37.05
CA VAL A 549 -4.31 -29.99 38.15
C VAL A 549 -5.50 -29.33 38.82
N PHE A 550 -6.44 -28.81 38.03
CA PHE A 550 -7.56 -28.07 38.61
C PHE A 550 -8.57 -28.99 39.27
N ALA A 551 -8.89 -30.12 38.64
CA ALA A 551 -9.97 -30.98 39.11
C ALA A 551 -9.50 -32.09 40.04
N TYR A 552 -8.20 -32.26 40.24
CA TYR A 552 -7.67 -33.29 41.13
C TYR A 552 -6.73 -32.65 42.14
N ASP A 553 -7.17 -31.56 42.74
CA ASP A 553 -6.44 -30.90 43.80
C ASP A 553 -7.34 -30.80 45.03
N LYS A 554 -6.76 -31.07 46.20
CA LYS A 554 -7.53 -31.11 47.43
C LYS A 554 -7.72 -29.69 47.99
N ASP A 555 -8.47 -28.90 47.21
CA ASP A 555 -8.76 -27.51 47.54
C ASP A 555 -7.49 -26.70 47.74
N TYR A 558 -1.03 -28.02 49.00
CA TYR A 558 0.28 -28.28 48.42
C TYR A 558 0.47 -29.75 48.10
N SER A 559 -0.27 -30.23 47.10
CA SER A 559 -0.13 -31.61 46.64
C SER A 559 0.98 -31.66 45.60
N THR A 560 2.10 -32.29 45.96
CA THR A 560 3.21 -32.41 45.02
C THR A 560 2.84 -33.19 43.77
N ALA A 561 1.79 -34.01 43.82
CA ALA A 561 1.27 -34.66 42.63
C ALA A 561 0.56 -33.69 41.71
N ALA A 562 0.34 -32.44 42.14
CA ALA A 562 -0.24 -31.41 41.30
C ALA A 562 0.56 -30.12 41.30
N HIS A 563 1.45 -29.90 42.27
CA HIS A 563 2.32 -28.75 42.25
C HIS A 563 3.47 -28.93 41.26
N VAL A 564 3.89 -30.17 41.03
CA VAL A 564 4.93 -30.46 40.05
C VAL A 564 4.36 -30.54 38.64
N VAL A 565 3.13 -31.04 38.51
CA VAL A 565 2.48 -31.05 37.20
C VAL A 565 2.26 -29.63 36.70
N ALA A 566 1.82 -28.74 37.58
CA ALA A 566 1.57 -27.36 37.17
C ALA A 566 2.85 -26.67 36.74
N ALA A 567 3.96 -26.97 37.42
CA ALA A 567 5.24 -26.39 37.02
C ALA A 567 5.71 -26.93 35.69
N VAL A 568 5.60 -28.24 35.47
CA VAL A 568 6.02 -28.82 34.21
C VAL A 568 5.16 -28.32 33.07
N MET A 569 3.84 -28.28 33.27
CA MET A 569 2.94 -27.85 32.22
C MET A 569 3.05 -26.36 31.93
N PHE A 570 3.70 -25.58 32.79
CA PHE A 570 3.96 -24.19 32.43
C PHE A 570 5.02 -24.09 31.36
N PHE A 571 6.02 -24.96 31.40
CA PHE A 571 7.07 -24.95 30.40
C PHE A 571 6.67 -25.69 29.13
N VAL A 572 5.74 -26.64 29.22
CA VAL A 572 5.14 -27.20 28.01
C VAL A 572 4.35 -26.13 27.28
N ALA A 573 3.70 -25.23 28.03
CA ALA A 573 2.97 -24.13 27.42
C ALA A 573 3.93 -23.16 26.75
N VAL A 574 5.01 -22.80 27.44
CA VAL A 574 5.97 -21.85 26.89
C VAL A 574 6.61 -22.42 25.64
N ALA A 575 6.99 -23.71 25.68
CA ALA A 575 7.61 -24.33 24.51
C ALA A 575 6.65 -24.44 23.34
N THR A 576 5.36 -24.64 23.63
CA THR A 576 4.35 -24.62 22.57
C THR A 576 4.24 -23.25 21.92
N ILE A 577 4.26 -22.19 22.73
CA ILE A 577 4.13 -20.82 22.21
C ILE A 577 5.32 -20.48 21.33
N ILE A 578 6.53 -20.80 21.81
CA ILE A 578 7.72 -20.53 21.02
C ILE A 578 7.67 -21.28 19.69
N PHE A 579 7.28 -22.55 19.74
CA PHE A 579 7.27 -23.37 18.53
C PHE A 579 6.26 -22.85 17.51
N PHE A 580 5.09 -22.42 17.97
CA PHE A 580 4.02 -22.05 17.04
C PHE A 580 4.20 -20.64 16.50
N SER A 581 4.88 -19.76 17.23
CA SER A 581 5.10 -18.40 16.75
C SER A 581 6.42 -18.26 16.02
N ILE A 582 7.25 -19.30 15.98
CA ILE A 582 8.48 -19.29 15.23
C ILE A 582 8.36 -20.07 13.93
N MET A 583 7.84 -21.27 13.99
CA MET A 583 7.85 -22.15 12.84
C MET A 583 6.69 -21.82 11.90
N PRO A 584 6.94 -21.79 10.60
CA PRO A 584 5.88 -21.44 9.66
C PRO A 584 4.80 -22.51 9.60
N LEU A 585 3.57 -22.05 9.31
CA LEU A 585 2.43 -22.96 9.29
C LEU A 585 2.58 -24.01 8.19
N GLY A 586 3.06 -23.61 7.02
CA GLY A 586 3.22 -24.56 5.93
C GLY A 586 4.35 -25.54 6.12
N GLY A 587 5.30 -25.22 6.99
CA GLY A 587 6.38 -26.12 7.30
C GLY A 587 6.28 -26.71 8.69
N LEU A 588 5.06 -27.05 9.11
CA LEU A 588 4.82 -27.70 10.39
C LEU A 588 4.65 -29.19 10.16
N PHE A 589 5.44 -29.98 10.87
CA PHE A 589 5.38 -31.44 10.82
C PHE A 589 5.63 -31.99 9.42
N THR A 590 6.30 -31.21 8.56
CA THR A 590 6.60 -31.67 7.21
C THR A 590 7.76 -32.66 7.18
N SER A 591 8.53 -32.74 8.26
CA SER A 591 9.61 -33.73 8.35
C SER A 591 9.09 -35.15 8.47
N TYR A 592 7.82 -35.33 8.84
CA TYR A 592 7.24 -36.66 8.92
C TYR A 592 5.71 -36.58 8.96
N ARG A 598 3.38 -35.80 -1.44
CA ARG A 598 3.13 -34.36 -1.47
C ARG A 598 3.06 -33.81 -0.05
N ARG A 599 4.20 -33.37 0.47
CA ARG A 599 4.33 -32.96 1.86
C ARG A 599 4.15 -31.47 2.07
N TYR A 600 3.91 -30.69 1.02
CA TYR A 600 3.73 -29.26 1.15
C TYR A 600 2.42 -28.86 0.48
N VAL A 601 1.81 -27.81 1.00
CA VAL A 601 0.52 -27.32 0.47
C VAL A 601 0.59 -26.84 -0.96
N ALA A 602 1.67 -26.14 -1.30
CA ALA A 602 1.87 -25.61 -2.64
C ALA A 602 3.24 -26.01 -3.14
N SER A 603 3.43 -26.07 -4.45
CA SER A 603 4.72 -26.46 -4.99
C SER A 603 5.79 -25.47 -4.54
N GLN A 604 6.88 -26.02 -4.02
CA GLN A 604 8.01 -25.22 -3.53
C GLN A 604 8.75 -24.42 -4.59
N THR A 605 8.92 -25.02 -5.76
CA THR A 605 9.70 -24.39 -6.82
C THR A 605 9.26 -22.94 -7.05
N PHE A 606 7.96 -22.70 -7.09
CA PHE A 606 7.43 -21.43 -7.53
C PHE A 606 6.85 -20.58 -6.41
N THR A 607 6.76 -21.12 -5.21
CA THR A 607 5.99 -20.48 -4.15
C THR A 607 6.83 -20.29 -2.89
N ALA A 608 7.79 -21.17 -2.63
CA ALA A 608 8.55 -21.13 -1.40
C ALA A 608 10.04 -21.11 -1.69
N ALA A 609 10.47 -20.31 -2.66
CA ALA A 609 11.84 -20.28 -3.11
C ALA A 609 12.55 -18.97 -2.81
N PHE A 610 12.20 -18.33 -1.69
CA PHE A 610 12.78 -17.04 -1.35
C PHE A 610 14.30 -17.14 -1.20
N ALA A 611 14.98 -16.08 -1.56
CA ALA A 611 16.43 -16.02 -1.44
C ALA A 611 16.82 -15.78 0.01
N PRO A 612 17.70 -16.61 0.57
CA PRO A 612 18.11 -16.41 1.95
C PRO A 612 19.04 -15.22 2.10
N LEU A 613 19.07 -14.67 3.31
CA LEU A 613 20.05 -13.66 3.67
C LEU A 613 21.31 -14.35 4.21
N HIS A 614 22.45 -13.73 3.96
CA HIS A 614 23.73 -14.29 4.37
C HIS A 614 24.53 -13.24 5.12
N GLY A 615 25.26 -13.69 6.13
CA GLY A 615 26.21 -12.82 6.79
C GLY A 615 25.56 -11.63 7.45
N LEU A 616 26.12 -10.45 7.21
CA LEU A 616 25.72 -9.26 7.93
C LEU A 616 24.28 -8.88 7.65
N ASP A 617 23.78 -9.17 6.46
CA ASP A 617 22.37 -8.93 6.18
C ASP A 617 21.48 -9.80 7.06
N ARG A 618 21.90 -11.04 7.30
CA ARG A 618 21.09 -11.95 8.11
C ARG A 618 21.11 -11.55 9.57
N TRP A 619 22.28 -11.18 10.11
CA TRP A 619 22.37 -10.84 11.52
C TRP A 619 21.61 -9.56 11.84
N MET A 620 21.52 -8.63 10.89
CA MET A 620 20.74 -7.44 11.13
C MET A 620 19.25 -7.74 11.16
N SER A 621 18.79 -8.70 10.36
CA SER A 621 17.39 -9.12 10.43
C SER A 621 17.07 -9.75 11.77
N TYR A 622 18.01 -10.51 12.33
CA TYR A 622 17.81 -11.07 13.66
C TYR A 622 17.81 -9.99 14.72
N LEU A 623 18.78 -9.07 14.66
CA LEU A 623 18.95 -8.07 15.70
C LEU A 623 17.75 -7.12 15.75
N VAL A 624 17.19 -6.78 14.58
CA VAL A 624 16.04 -5.88 14.54
C VAL A 624 14.87 -6.48 15.30
N TRP A 625 14.56 -7.74 15.04
CA TRP A 625 13.37 -8.37 15.58
C TRP A 625 13.55 -8.92 16.98
N VAL A 626 14.78 -9.24 17.38
CA VAL A 626 15.04 -9.49 18.79
C VAL A 626 14.84 -8.22 19.60
N THR A 627 15.33 -7.09 19.09
CA THR A 627 15.22 -5.82 19.81
C THR A 627 13.79 -5.32 19.85
N VAL A 628 13.03 -5.51 18.77
CA VAL A 628 11.66 -5.05 18.74
C VAL A 628 10.84 -5.74 19.81
N PHE A 629 11.04 -7.04 19.99
CA PHE A 629 10.21 -7.81 20.91
C PHE A 629 10.80 -7.95 22.30
N ALA A 630 12.11 -7.77 22.46
CA ALA A 630 12.64 -7.64 23.82
C ALA A 630 12.23 -6.31 24.43
N ALA A 631 12.19 -5.25 23.63
CA ALA A 631 11.71 -3.97 24.11
C ALA A 631 10.20 -3.94 24.26
N LYS A 632 9.48 -4.61 23.36
CA LYS A 632 8.03 -4.64 23.46
C LYS A 632 7.57 -5.43 24.68
N TYR A 633 8.06 -6.65 24.83
CA TYR A 633 7.59 -7.49 25.93
C TYR A 633 8.06 -6.99 27.29
N SER A 634 9.16 -6.25 27.33
CA SER A 634 9.67 -5.71 28.58
C SER A 634 8.82 -4.58 29.11
N GLU A 635 8.42 -3.64 28.25
CA GLU A 635 7.67 -2.49 28.70
C GLU A 635 6.17 -2.68 28.59
N SER A 636 5.71 -3.71 27.87
CA SER A 636 4.30 -4.05 27.91
C SER A 636 3.94 -4.80 29.18
N TYR A 637 4.92 -5.38 29.87
CA TYR A 637 4.67 -5.97 31.17
C TYR A 637 4.58 -4.89 32.24
N TYR A 638 5.56 -3.98 32.26
CA TYR A 638 5.63 -3.02 33.34
C TYR A 638 4.60 -1.91 33.22
N PHE A 639 4.28 -1.48 32.00
CA PHE A 639 3.38 -0.35 31.85
C PHE A 639 1.95 -0.76 31.50
N LEU A 640 1.75 -1.81 30.72
CA LEU A 640 0.40 -2.18 30.34
C LEU A 640 -0.24 -3.19 31.28
N VAL A 641 0.55 -3.95 32.04
CA VAL A 641 0.04 -5.08 32.82
C VAL A 641 0.29 -4.88 34.30
N LEU A 642 1.52 -4.51 34.69
CA LEU A 642 1.81 -4.31 36.10
C LEU A 642 1.05 -3.11 36.65
N SER A 643 0.77 -2.11 35.82
CA SER A 643 -0.06 -0.98 36.26
C SER A 643 -1.49 -1.39 36.53
N LEU A 644 -1.92 -2.55 36.02
CA LEU A 644 -3.28 -3.02 36.13
C LEU A 644 -3.46 -4.02 37.26
N ARG A 645 -2.46 -4.23 38.10
CA ARG A 645 -2.56 -5.26 39.11
C ARG A 645 -3.58 -4.91 40.18
N ASP A 646 -3.65 -3.64 40.58
CA ASP A 646 -4.60 -3.22 41.59
C ASP A 646 -6.00 -3.03 41.02
N PRO A 647 -6.19 -2.41 39.85
CA PRO A 647 -7.52 -2.41 39.24
C PRO A 647 -8.13 -3.80 39.08
N ILE A 648 -7.34 -4.81 38.76
CA ILE A 648 -7.89 -6.15 38.61
C ILE A 648 -8.33 -6.69 39.96
N ARG A 649 -7.52 -6.50 41.00
CA ARG A 649 -7.89 -6.97 42.32
C ARG A 649 -9.10 -6.24 42.86
N ILE A 650 -9.18 -4.94 42.62
CA ILE A 650 -10.27 -4.14 43.18
C ILE A 650 -11.56 -4.37 42.41
N LEU A 651 -11.52 -4.28 41.09
CA LEU A 651 -12.75 -4.36 40.32
C LEU A 651 -13.35 -5.75 40.29
N SER A 652 -12.57 -6.78 40.59
CA SER A 652 -13.09 -8.14 40.56
C SER A 652 -13.60 -8.62 41.91
N THR A 653 -13.42 -7.84 42.98
CA THR A 653 -13.86 -8.26 44.30
C THR A 653 -14.94 -7.39 44.90
N THR A 654 -15.04 -6.11 44.54
CA THR A 654 -16.05 -5.24 45.13
C THR A 654 -17.41 -5.55 44.54
N ALA A 655 -18.42 -5.51 45.40
CA ALA A 655 -19.81 -5.62 45.00
C ALA A 655 -20.50 -4.30 45.32
N MET A 656 -21.27 -3.81 44.36
CA MET A 656 -21.95 -2.53 44.54
C MET A 656 -23.15 -2.69 45.46
N ARG A 657 -23.47 -1.61 46.18
CA ARG A 657 -24.58 -1.58 47.11
C ARG A 657 -25.85 -1.01 46.49
N CYS A 658 -26.09 -1.30 45.21
CA CYS A 658 -27.16 -0.70 44.44
C CYS A 658 -28.52 -1.27 44.83
N THR A 659 -29.56 -0.60 44.36
CA THR A 659 -30.94 -1.06 44.47
C THR A 659 -31.45 -1.69 43.18
N GLY A 660 -31.15 -1.12 42.03
CA GLY A 660 -31.42 -1.79 40.78
C GLY A 660 -32.77 -1.49 40.18
N GLU A 661 -33.11 -2.27 39.17
CA GLU A 661 -34.30 -2.09 38.37
C GLU A 661 -35.51 -2.77 38.99
N TYR A 662 -36.69 -2.44 38.45
CA TYR A 662 -37.90 -3.11 38.88
C TYR A 662 -38.02 -4.51 38.30
N TRP A 663 -37.44 -4.72 37.13
CA TRP A 663 -37.61 -5.98 36.42
C TRP A 663 -36.57 -7.04 36.79
N TRP A 664 -35.39 -6.63 37.25
CA TRP A 664 -34.40 -7.62 37.66
C TRP A 664 -33.69 -7.28 38.95
N GLY A 665 -34.13 -6.26 39.69
CA GLY A 665 -33.50 -6.01 40.96
C GLY A 665 -32.06 -5.60 40.79
N ALA A 666 -31.26 -5.91 41.81
CA ALA A 666 -29.89 -5.43 41.91
C ALA A 666 -28.87 -6.48 41.47
N VAL A 667 -29.19 -7.29 40.46
CA VAL A 667 -28.30 -8.36 40.02
C VAL A 667 -27.42 -7.97 38.86
N LEU A 668 -27.69 -6.85 38.19
CA LEU A 668 -26.81 -6.37 37.14
C LEU A 668 -25.93 -5.22 37.59
N CYS A 669 -26.38 -4.42 38.54
CA CYS A 669 -25.62 -3.27 38.98
C CYS A 669 -24.59 -3.60 40.05
N LYS A 670 -24.67 -4.77 40.68
CA LYS A 670 -23.63 -5.14 41.64
C LYS A 670 -22.45 -5.82 40.99
N VAL A 671 -22.54 -6.16 39.71
CA VAL A 671 -21.41 -6.67 38.94
C VAL A 671 -20.83 -5.61 38.00
N GLN A 672 -21.20 -4.35 38.19
CA GLN A 672 -20.64 -3.29 37.35
C GLN A 672 -19.13 -3.19 37.43
N PRO A 673 -18.49 -3.28 38.61
CA PRO A 673 -17.01 -3.24 38.61
C PRO A 673 -16.39 -4.33 37.78
N LYS A 674 -17.04 -5.49 37.66
CA LYS A 674 -16.54 -6.55 36.81
C LYS A 674 -16.80 -6.29 35.34
N ILE A 675 -17.90 -5.62 35.01
CA ILE A 675 -18.15 -5.20 33.63
C ILE A 675 -17.16 -4.13 33.22
N VAL A 676 -16.82 -3.21 34.14
CA VAL A 676 -15.79 -2.22 33.85
C VAL A 676 -14.44 -2.91 33.66
N LEU A 677 -14.17 -3.95 34.45
CA LEU A 677 -12.91 -4.66 34.32
C LEU A 677 -12.81 -5.38 32.98
N GLY A 678 -13.86 -6.08 32.58
CA GLY A 678 -13.84 -6.79 31.31
C GLY A 678 -13.65 -5.88 30.13
N LEU A 679 -14.18 -4.66 30.20
CA LEU A 679 -13.98 -3.68 29.14
C LEU A 679 -12.57 -3.09 29.18
N VAL A 680 -11.99 -2.94 30.37
CA VAL A 680 -10.64 -2.41 30.48
C VAL A 680 -9.63 -3.40 29.92
N ILE A 681 -9.80 -4.70 30.19
CA ILE A 681 -8.88 -5.70 29.67
C ILE A 681 -8.99 -5.77 28.15
N ALA A 682 -10.20 -5.72 27.61
CA ALA A 682 -10.38 -5.75 26.17
C ALA A 682 -9.77 -4.54 25.49
N THR A 683 -9.76 -3.39 26.17
CA THR A 683 -9.12 -2.22 25.61
C THR A 683 -7.60 -2.33 25.66
N ASP A 684 -7.07 -2.96 26.73
CA ASP A 684 -5.64 -3.22 26.83
C ASP A 684 -5.19 -4.35 25.92
N PHE A 685 -6.12 -5.19 25.48
CA PHE A 685 -5.78 -6.24 24.52
C PHE A 685 -5.44 -5.65 23.16
N ILE A 686 -6.06 -4.53 22.80
CA ILE A 686 -5.75 -3.89 21.53
C ILE A 686 -4.49 -3.03 21.67
N LEU A 687 -4.28 -2.43 22.82
CA LEU A 687 -3.02 -1.73 23.08
C LEU A 687 -1.83 -2.66 23.03
N PHE A 688 -2.05 -3.96 23.21
CA PHE A 688 -0.97 -4.94 23.10
C PHE A 688 -0.48 -5.07 21.66
N PHE A 689 -1.34 -4.76 20.69
CA PHE A 689 -0.99 -4.78 19.28
C PHE A 689 -0.42 -3.47 18.79
N LEU A 690 -0.97 -2.34 19.27
CA LEU A 690 -0.39 -1.04 18.96
C LEU A 690 0.99 -0.88 19.55
N ASP A 691 1.31 -1.64 20.59
CA ASP A 691 2.61 -1.56 21.23
C ASP A 691 3.73 -2.08 20.33
N THR A 692 3.45 -3.13 19.56
CA THR A 692 4.50 -3.73 18.74
C THR A 692 4.89 -2.81 17.59
N TYR A 693 3.90 -2.17 16.95
CA TYR A 693 4.20 -1.23 15.88
C TYR A 693 4.92 0.00 16.40
N LEU A 694 4.65 0.38 17.64
CA LEU A 694 5.36 1.46 18.30
C LEU A 694 6.86 1.18 18.34
N TRP A 695 7.24 -0.07 18.58
CA TRP A 695 8.64 -0.45 18.74
C TRP A 695 9.28 -0.83 17.41
N TYR A 696 8.49 -1.22 16.43
CA TYR A 696 9.00 -1.40 15.08
C TYR A 696 9.52 -0.09 14.52
N ILE A 697 8.80 1.01 14.75
CA ILE A 697 9.22 2.31 14.24
C ILE A 697 10.42 2.83 15.02
N ILE A 698 10.41 2.68 16.35
CA ILE A 698 11.49 3.22 17.17
C ILE A 698 12.80 2.51 16.85
N VAL A 699 12.77 1.20 16.73
CA VAL A 699 14.00 0.45 16.48
C VAL A 699 14.48 0.67 15.05
N ASN A 700 13.58 0.73 14.08
CA ASN A 700 13.98 0.98 12.71
C ASN A 700 14.48 2.39 12.48
N THR A 701 14.02 3.36 13.26
CA THR A 701 14.56 4.70 13.16
C THR A 701 15.98 4.78 13.70
N ILE A 702 16.27 4.09 14.81
CA ILE A 702 17.63 4.05 15.34
C ILE A 702 18.56 3.28 14.42
N PHE A 703 18.09 2.19 13.83
CA PHE A 703 18.93 1.37 12.96
C PHE A 703 19.11 1.99 11.59
N SER A 704 18.23 2.91 11.19
CA SER A 704 18.39 3.61 9.92
C SER A 704 19.20 4.89 10.08
N VAL A 705 19.57 5.26 11.30
CA VAL A 705 20.39 6.44 11.55
C VAL A 705 21.79 5.95 11.91
N GLY A 706 21.87 4.83 12.62
CA GLY A 706 23.16 4.22 12.86
C GLY A 706 23.76 3.59 11.63
N LYS A 707 22.95 3.22 10.65
CA LYS A 707 23.46 2.70 9.39
C LYS A 707 24.02 3.82 8.53
N SER A 708 23.34 4.97 8.50
CA SER A 708 23.86 6.12 7.78
C SER A 708 25.15 6.62 8.40
N PHE A 709 25.22 6.62 9.74
CA PHE A 709 26.46 7.04 10.40
C PHE A 709 27.60 6.07 10.09
N TYR A 710 27.32 4.76 10.15
CA TYR A 710 28.36 3.79 9.86
C TYR A 710 28.81 3.85 8.41
N LEU A 711 27.86 4.01 7.48
CA LEU A 711 28.19 4.11 6.07
C LEU A 711 28.95 5.38 5.73
N GLY A 712 29.22 6.24 6.71
CA GLY A 712 29.95 7.46 6.48
C GLY A 712 29.11 8.63 6.01
N ILE A 713 27.87 8.39 5.60
CA ILE A 713 26.99 9.48 5.18
C ILE A 713 26.84 10.48 6.32
N SER A 714 26.30 10.02 7.44
CA SER A 714 26.34 10.70 8.75
C SER A 714 26.14 12.21 8.61
N ILE A 715 25.02 12.59 8.00
CA ILE A 715 24.85 13.96 7.58
C ILE A 715 24.42 14.83 8.75
N LEU A 716 25.40 15.35 9.48
CA LEU A 716 25.24 16.49 10.36
C LEU A 716 26.21 17.59 9.99
N THR A 717 27.11 17.32 9.05
CA THR A 717 28.13 18.24 8.56
C THR A 717 27.52 19.31 7.66
N PRO A 718 28.08 20.51 7.66
CA PRO A 718 27.58 21.56 6.77
C PRO A 718 27.82 21.21 5.31
N TRP A 719 27.02 21.85 4.44
CA TRP A 719 27.12 21.57 3.02
C TRP A 719 28.46 21.99 2.42
N ARG A 720 29.22 22.82 3.13
CA ARG A 720 30.53 23.22 2.65
C ARG A 720 31.46 22.03 2.52
N ASN A 721 31.35 21.05 3.41
CA ASN A 721 32.16 19.85 3.31
C ASN A 721 31.67 18.92 2.21
N ILE A 722 30.36 18.89 1.97
CA ILE A 722 29.81 18.01 0.93
C ILE A 722 30.18 18.53 -0.46
N PHE A 723 30.15 19.84 -0.66
CA PHE A 723 30.43 20.40 -1.98
C PHE A 723 31.91 20.49 -2.28
N THR A 724 32.75 20.64 -1.25
CA THR A 724 34.19 20.74 -1.50
C THR A 724 34.75 19.43 -2.04
N ARG A 725 34.25 18.30 -1.55
CA ARG A 725 34.72 17.00 -1.98
C ARG A 725 34.05 16.49 -3.24
N LEU A 726 33.07 17.23 -3.76
CA LEU A 726 32.37 16.79 -4.97
C LEU A 726 33.27 16.62 -6.19
N PRO A 727 34.19 17.51 -6.51
CA PRO A 727 35.00 17.30 -7.72
C PRO A 727 35.73 15.96 -7.74
N LYS A 728 36.26 15.53 -6.60
CA LYS A 728 36.97 14.25 -6.56
C LYS A 728 36.02 13.07 -6.65
N ARG A 729 34.81 13.20 -6.13
CA ARG A 729 33.85 12.11 -6.18
C ARG A 729 33.23 11.94 -7.55
N ILE A 730 33.27 12.97 -8.40
CA ILE A 730 32.84 12.79 -9.78
C ILE A 730 33.85 11.96 -10.55
N TYR A 731 35.14 12.18 -10.31
CA TYR A 731 36.18 11.42 -10.98
C TYR A 731 36.10 9.94 -10.63
N SER A 732 35.83 9.64 -9.36
CA SER A 732 35.84 8.26 -8.91
C SER A 732 34.56 7.53 -9.29
N LYS A 733 33.41 8.05 -8.88
CA LYS A 733 32.18 7.29 -8.90
C LYS A 733 31.33 7.51 -10.14
N ILE A 734 31.75 8.35 -11.10
CA ILE A 734 30.92 8.57 -12.27
C ILE A 734 31.69 8.31 -13.56
N LEU A 735 33.01 8.48 -13.52
CA LEU A 735 33.78 8.67 -14.74
C LEU A 735 34.51 7.42 -15.22
N ALA A 736 34.38 6.29 -14.54
CA ALA A 736 34.96 5.03 -15.00
C ALA A 736 36.44 5.19 -15.33
N THR A 737 37.16 5.85 -14.43
CA THR A 737 38.57 6.15 -14.61
C THR A 737 39.46 5.14 -13.89
N THR A 738 39.25 3.86 -14.12
CA THR A 738 40.18 2.87 -13.60
C THR A 738 41.29 2.53 -14.61
N ASP A 739 41.68 3.53 -15.39
CA ASP A 739 42.93 3.59 -16.14
C ASP A 739 42.95 2.81 -17.45
N MET A 740 41.82 2.62 -18.13
CA MET A 740 41.94 2.30 -19.56
C MET A 740 42.59 3.46 -20.31
N GLU A 741 42.13 4.68 -20.06
CA GLU A 741 42.77 5.86 -20.62
C GLU A 741 44.07 6.16 -19.88
N ILE A 742 44.98 6.86 -20.56
CA ILE A 742 46.32 7.07 -20.03
C ILE A 742 46.27 8.34 -19.19
N LYS A 743 45.79 8.18 -17.96
CA LYS A 743 45.96 9.11 -16.84
C LYS A 743 45.93 10.57 -17.27
N TYR A 744 44.81 10.97 -17.86
CA TYR A 744 44.59 12.39 -18.12
C TYR A 744 44.43 13.15 -16.81
N LYS A 745 44.75 14.43 -16.83
CA LYS A 745 44.63 15.23 -15.63
C LYS A 745 43.18 15.24 -15.16
N PRO A 746 42.91 14.90 -13.90
CA PRO A 746 41.51 14.73 -13.48
C PRO A 746 40.68 15.99 -13.62
N LYS A 747 41.28 17.16 -13.44
CA LYS A 747 40.53 18.41 -13.51
C LYS A 747 39.92 18.59 -14.89
N VAL A 748 40.59 18.11 -15.93
CA VAL A 748 40.07 18.23 -17.29
C VAL A 748 38.78 17.45 -17.44
N LEU A 749 38.74 16.22 -16.93
CA LEU A 749 37.55 15.40 -17.12
C LEU A 749 36.41 15.85 -16.24
N ILE A 750 36.70 16.30 -15.02
CA ILE A 750 35.64 16.79 -14.13
C ILE A 750 34.99 18.03 -14.72
N SER A 751 35.80 18.94 -15.25
CA SER A 751 35.27 20.14 -15.87
C SER A 751 34.32 19.80 -17.01
N GLN A 752 34.72 18.86 -17.85
CA GLN A 752 33.91 18.47 -19.00
C GLN A 752 32.56 17.89 -18.57
N VAL A 753 32.46 17.36 -17.36
CA VAL A 753 31.25 16.73 -16.88
C VAL A 753 30.46 17.67 -15.97
N TRP A 754 31.16 18.44 -15.15
CA TRP A 754 30.48 19.43 -14.31
C TRP A 754 29.83 20.52 -15.16
N ASN A 755 30.52 21.00 -16.18
CA ASN A 755 29.97 22.07 -17.02
C ASN A 755 28.74 21.60 -17.77
N ALA A 756 28.75 20.37 -18.28
CA ALA A 756 27.59 19.87 -19.00
C ALA A 756 26.37 19.78 -18.10
N ILE A 757 26.56 19.50 -16.82
CA ILE A 757 25.45 19.48 -15.88
C ILE A 757 24.85 20.87 -15.73
N ILE A 758 25.72 21.88 -15.57
CA ILE A 758 25.25 23.24 -15.31
C ILE A 758 24.59 23.81 -16.56
N ILE A 759 25.21 23.64 -17.73
CA ILE A 759 24.60 24.10 -18.97
C ILE A 759 23.24 23.44 -19.17
N SER A 760 23.13 22.17 -18.83
CA SER A 760 21.83 21.51 -18.86
C SER A 760 20.82 22.22 -17.97
N MET A 761 21.24 22.61 -16.77
CA MET A 761 20.36 23.37 -15.88
C MET A 761 20.06 24.74 -16.45
N TYR A 762 21.02 25.33 -17.15
CA TYR A 762 20.83 26.67 -17.71
C TYR A 762 19.88 26.64 -18.90
N ARG A 763 20.01 25.64 -19.77
CA ARG A 763 19.07 25.53 -20.89
C ARG A 763 17.68 25.11 -20.43
N GLU A 764 17.52 24.69 -19.18
CA GLU A 764 16.22 24.41 -18.60
C GLU A 764 15.60 25.63 -17.95
N HIS A 765 16.23 26.79 -18.10
CA HIS A 765 15.77 28.04 -17.50
C HIS A 765 15.65 27.91 -15.99
N LEU A 766 16.60 27.21 -15.38
CA LEU A 766 16.68 27.12 -13.93
C LEU A 766 17.81 27.92 -13.33
N LEU A 767 18.72 28.45 -14.16
CA LEU A 767 19.87 29.19 -13.67
C LEU A 767 19.99 30.49 -14.44
N ALA A 768 20.29 31.57 -13.72
CA ALA A 768 20.52 32.85 -14.34
C ALA A 768 21.98 32.98 -14.76
N ILE A 769 22.23 33.91 -15.68
CA ILE A 769 23.56 34.06 -16.27
C ILE A 769 24.61 34.36 -15.22
N ASP A 770 24.28 35.15 -14.21
CA ASP A 770 25.20 35.41 -13.11
C ASP A 770 25.38 34.22 -12.19
N HIS A 771 24.39 33.32 -12.13
CA HIS A 771 24.56 32.08 -11.39
C HIS A 771 25.52 31.15 -12.13
N VAL A 772 25.33 31.01 -13.44
CA VAL A 772 26.07 30.01 -14.22
C VAL A 772 27.56 30.33 -14.22
N GLN A 773 27.93 31.59 -14.41
CA GLN A 773 29.33 31.94 -14.54
C GLN A 773 30.12 31.62 -13.28
N LYS A 774 29.52 31.80 -12.11
CA LYS A 774 30.18 31.45 -10.86
C LYS A 774 30.25 29.96 -10.63
N LEU A 775 29.58 29.16 -11.45
CA LEU A 775 29.51 27.72 -11.27
C LEU A 775 30.32 26.93 -12.27
N LEU A 776 30.73 27.53 -13.38
CA LEU A 776 31.39 26.80 -14.44
C LEU A 776 32.89 26.67 -14.19
N TYR A 777 33.50 25.73 -14.88
CA TYR A 777 34.95 25.64 -14.98
C TYR A 777 35.39 26.55 -16.12
N HIS A 778 36.29 27.47 -15.82
CA HIS A 778 36.62 28.55 -16.73
C HIS A 778 38.04 28.40 -17.25
N GLN A 779 38.19 28.37 -18.57
CA GLN A 779 39.51 28.46 -19.17
C GLN A 779 40.06 29.87 -18.97
N VAL A 780 41.32 29.95 -18.57
CA VAL A 780 41.93 31.24 -18.25
C VAL A 780 43.31 31.31 -18.88
N PRO A 781 43.73 32.46 -19.42
CA PRO A 781 45.08 32.55 -19.99
C PRO A 781 46.14 32.20 -18.96
N SER A 782 47.13 31.44 -19.40
CA SER A 782 48.19 30.97 -18.52
C SER A 782 49.24 32.06 -18.32
N GLU A 783 50.15 31.80 -17.37
CA GLU A 783 51.28 32.70 -17.18
C GLU A 783 52.13 32.77 -18.45
N ILE A 784 52.39 31.61 -19.05
CA ILE A 784 53.04 31.58 -20.36
C ILE A 784 52.05 32.04 -21.42
N GLU A 785 52.47 32.99 -22.26
CA GLU A 785 51.60 33.56 -23.26
C GLU A 785 51.18 32.51 -24.29
N GLY A 786 50.01 32.71 -24.87
CA GLY A 786 49.46 31.78 -25.85
C GLY A 786 49.12 30.42 -25.28
N LYS A 787 48.49 30.39 -24.11
CA LYS A 787 48.15 29.14 -23.44
C LYS A 787 46.82 29.31 -22.72
N ARG A 788 46.31 28.21 -22.19
CA ARG A 788 45.05 28.21 -21.47
C ARG A 788 45.20 27.40 -20.19
N THR A 789 44.38 27.74 -19.19
CA THR A 789 44.43 27.09 -17.89
C THR A 789 43.00 26.84 -17.40
N LEU A 790 42.82 25.75 -16.68
CA LEU A 790 41.53 25.37 -16.12
C LEU A 790 41.51 25.67 -14.64
N ARG A 791 40.49 26.40 -14.19
CA ARG A 791 40.34 26.72 -12.78
C ARG A 791 38.94 26.37 -12.31
N ALA A 792 38.85 25.83 -11.10
CA ALA A 792 37.59 25.37 -10.58
C ALA A 792 36.68 26.53 -10.22
N PRO A 793 35.37 26.33 -10.27
CA PRO A 793 34.46 27.37 -9.78
C PRO A 793 34.68 27.62 -8.30
N THR A 794 34.44 28.87 -7.89
CA THR A 794 34.50 29.20 -6.48
C THR A 794 33.48 28.41 -5.67
N PHE A 795 32.41 27.95 -6.31
CA PHE A 795 31.43 27.11 -5.62
C PHE A 795 32.10 25.92 -4.95
N PHE A 796 33.12 25.36 -5.58
CA PHE A 796 33.87 24.26 -4.98
C PHE A 796 34.92 24.74 -4.00
N VAL A 797 35.22 26.04 -3.98
CA VAL A 797 36.24 26.61 -3.11
C VAL A 797 35.63 27.51 -2.05
N SER A 798 34.68 28.37 -2.45
CA SER A 798 34.10 29.34 -1.51
C SER A 798 33.37 28.65 -0.36
N GLN A 799 32.88 27.44 -0.59
CA GLN A 799 32.32 26.67 0.53
C GLN A 799 33.40 26.41 1.57
N ASP A 800 34.61 26.06 1.12
CA ASP A 800 35.72 25.88 2.05
C ASP A 800 36.16 27.20 2.66
N ASP A 801 36.04 28.30 1.92
CA ASP A 801 36.44 29.63 2.38
C ASP A 801 35.19 30.37 2.83
N ASN A 802 34.80 30.17 4.08
CA ASN A 802 33.53 30.64 4.61
C ASN A 802 33.57 32.09 5.07
N ASN A 803 34.53 32.88 4.58
CA ASN A 803 34.54 34.31 4.91
C ASN A 803 33.31 35.01 4.34
N PHE A 804 32.70 34.45 3.30
CA PHE A 804 31.56 35.06 2.63
C PHE A 804 30.46 34.01 2.44
N GLU A 805 29.24 34.51 2.23
CA GLU A 805 28.04 33.68 2.11
C GLU A 805 27.29 34.01 0.82
N THR A 806 28.02 34.06 -0.29
CA THR A 806 27.40 34.40 -1.56
C THR A 806 26.43 33.30 -2.01
N GLU A 807 25.54 33.68 -2.92
CA GLU A 807 24.52 32.78 -3.43
C GLU A 807 24.88 32.41 -4.87
N PHE A 808 25.10 31.12 -5.10
CA PHE A 808 25.40 30.62 -6.43
C PHE A 808 24.14 30.24 -7.20
N PHE A 809 23.11 29.81 -6.48
CA PHE A 809 21.82 29.43 -7.01
C PHE A 809 20.74 29.88 -6.03
N PRO A 810 19.53 30.16 -6.51
CA PRO A 810 18.53 30.81 -5.67
C PRO A 810 18.12 29.96 -4.48
N ARG A 811 17.57 30.64 -3.48
CA ARG A 811 17.00 29.95 -2.32
C ARG A 811 15.81 29.10 -2.76
N ASP A 812 15.65 27.96 -2.10
CA ASP A 812 14.61 26.95 -2.35
C ASP A 812 14.38 26.70 -3.84
N SER A 813 15.44 26.78 -4.63
CA SER A 813 15.35 26.57 -6.06
C SER A 813 15.36 25.07 -6.38
N GLU A 814 14.95 24.75 -7.61
CA GLU A 814 15.07 23.37 -8.06
C GLU A 814 16.53 23.01 -8.35
N ALA A 815 17.28 23.93 -8.93
CA ALA A 815 18.72 23.72 -9.09
C ALA A 815 19.41 23.61 -7.74
N GLU A 816 18.89 24.27 -6.72
CA GLU A 816 19.38 24.05 -5.36
C GLU A 816 19.09 22.63 -4.90
N ARG A 817 17.90 22.11 -5.25
CA ARG A 817 17.55 20.76 -4.86
C ARG A 817 18.38 19.72 -5.57
N ARG A 818 18.51 19.85 -6.90
CA ARG A 818 19.17 18.81 -7.68
C ARG A 818 20.67 18.77 -7.42
N ILE A 819 21.31 19.94 -7.30
CA ILE A 819 22.74 19.97 -7.03
C ILE A 819 23.02 19.45 -5.63
N SER A 820 22.17 19.79 -4.66
CA SER A 820 22.39 19.32 -3.30
C SER A 820 22.15 17.82 -3.16
N PHE A 821 21.19 17.26 -3.89
CA PHE A 821 21.03 15.82 -3.88
C PHE A 821 22.14 15.12 -4.65
N PHE A 822 22.64 15.74 -5.71
CA PHE A 822 23.73 15.16 -6.48
C PHE A 822 24.99 15.02 -5.62
N ALA A 823 25.37 16.10 -4.94
CA ALA A 823 26.57 16.05 -4.12
C ALA A 823 26.37 15.17 -2.90
N GLN A 824 25.14 15.07 -2.41
CA GLN A 824 24.84 14.23 -1.25
C GLN A 824 24.88 12.76 -1.61
N SER A 825 24.41 12.40 -2.80
CA SER A 825 24.37 11.00 -3.21
C SER A 825 25.75 10.47 -3.55
N LEU A 826 26.65 11.32 -4.03
CA LEU A 826 28.00 10.89 -4.35
C LEU A 826 28.88 10.74 -3.12
N SER A 827 28.32 10.92 -1.92
CA SER A 827 29.03 10.64 -0.69
C SER A 827 28.75 9.24 -0.16
N THR A 828 27.92 8.47 -0.86
CA THR A 828 27.51 7.14 -0.49
C THR A 828 28.21 6.10 -1.35
N PRO A 829 28.33 4.86 -0.87
CA PRO A 829 28.93 3.80 -1.69
C PRO A 829 28.23 3.65 -3.02
N ILE A 830 28.99 3.77 -4.10
CA ILE A 830 28.47 3.65 -5.46
C ILE A 830 29.39 2.71 -6.24
N PRO A 831 28.84 1.65 -6.86
CA PRO A 831 29.70 0.75 -7.64
C PRO A 831 30.38 1.48 -8.79
N GLU A 832 31.62 1.08 -9.07
CA GLU A 832 32.37 1.72 -10.14
C GLU A 832 31.86 1.24 -11.50
N PRO A 833 31.69 2.15 -12.45
CA PRO A 833 31.07 1.78 -13.73
C PRO A 833 32.07 1.18 -14.70
N LEU A 834 31.54 0.63 -15.76
CA LEU A 834 32.15 0.10 -16.97
C LEU A 834 32.25 1.20 -18.02
N PRO A 835 33.20 1.11 -18.95
CA PRO A 835 33.19 2.02 -20.09
C PRO A 835 31.89 1.88 -20.88
N VAL A 836 31.53 2.94 -21.59
CA VAL A 836 30.25 2.98 -22.28
C VAL A 836 30.15 1.85 -23.28
N ASP A 837 31.24 1.55 -23.99
CA ASP A 837 31.18 0.47 -24.98
C ASP A 837 31.08 -0.91 -24.33
N ASN A 838 31.38 -1.03 -23.04
CA ASN A 838 31.19 -2.27 -22.31
C ASN A 838 29.86 -2.32 -21.57
N MET A 839 29.07 -1.29 -21.66
CA MET A 839 27.81 -1.13 -20.96
C MET A 839 26.74 -2.01 -21.58
N PRO A 840 25.80 -2.52 -20.78
CA PRO A 840 24.66 -3.24 -21.34
C PRO A 840 23.71 -2.29 -22.05
N THR A 841 22.93 -2.85 -22.96
CA THR A 841 21.79 -2.15 -23.51
C THR A 841 20.63 -2.21 -22.53
N PHE A 842 19.82 -1.16 -22.51
CA PHE A 842 18.62 -1.15 -21.69
C PHE A 842 17.51 -0.40 -22.41
N THR A 843 16.33 -0.46 -21.84
CA THR A 843 15.12 0.11 -22.44
C THR A 843 14.35 0.88 -21.38
N VAL A 844 13.76 2.00 -21.77
CA VAL A 844 12.81 2.73 -20.96
C VAL A 844 11.44 2.48 -21.57
N LEU A 845 10.55 1.85 -20.80
CA LEU A 845 9.23 1.48 -21.28
C LEU A 845 8.19 2.33 -20.58
N THR A 846 7.38 3.05 -21.34
CA THR A 846 6.41 3.99 -20.80
C THR A 846 5.05 3.67 -21.39
N PRO A 847 4.03 3.42 -20.57
CA PRO A 847 2.67 3.25 -21.10
C PRO A 847 1.93 4.57 -21.17
N HIS A 848 1.24 4.78 -22.28
CA HIS A 848 0.48 6.00 -22.50
C HIS A 848 -0.89 5.63 -23.02
N TYR A 849 -1.94 6.14 -22.36
CA TYR A 849 -3.30 5.90 -22.82
C TYR A 849 -4.00 7.17 -23.25
N ALA A 850 -4.08 8.19 -22.39
CA ALA A 850 -4.79 9.42 -22.73
C ALA A 850 -4.12 10.67 -22.21
N GLU A 851 -2.92 10.57 -21.64
CA GLU A 851 -2.24 11.73 -21.10
C GLU A 851 -1.94 12.74 -22.21
N ARG A 852 -1.71 13.98 -21.79
CA ARG A 852 -1.43 15.06 -22.75
C ARG A 852 0.00 14.95 -23.23
N ILE A 853 0.18 15.09 -24.55
CA ILE A 853 1.52 15.06 -25.12
C ILE A 853 2.15 16.44 -25.06
N LEU A 854 1.54 17.40 -25.75
CA LEU A 854 1.94 18.79 -25.70
C LEU A 854 0.74 19.63 -25.27
N LEU A 855 1.03 20.80 -24.72
CA LEU A 855 -0.01 21.79 -24.48
C LEU A 855 -0.23 22.59 -25.75
N SER A 856 -1.48 22.69 -26.17
CA SER A 856 -1.84 23.49 -27.33
C SER A 856 -2.18 24.90 -26.90
N LEU A 857 -2.01 25.85 -27.82
CA LEU A 857 -2.16 27.26 -27.49
C LEU A 857 -3.54 27.57 -26.92
N ARG A 858 -4.56 26.79 -27.31
CA ARG A 858 -5.91 27.05 -26.82
C ARG A 858 -5.99 26.94 -25.31
N GLU A 859 -5.35 25.92 -24.74
CA GLU A 859 -5.51 25.65 -23.31
C GLU A 859 -4.45 26.30 -22.43
N ILE A 860 -3.54 27.07 -23.00
CA ILE A 860 -2.55 27.79 -22.21
C ILE A 860 -2.94 29.25 -22.02
N ILE A 861 -3.41 29.91 -23.08
CA ILE A 861 -3.74 31.32 -23.02
C ILE A 861 -5.24 31.58 -22.96
N ARG A 862 -6.06 30.64 -23.39
CA ARG A 862 -7.52 30.83 -23.35
C ARG A 862 -8.22 29.59 -22.80
N ARG A 869 -9.41 30.38 -12.44
CA ARG A 869 -9.99 31.62 -12.93
C ARG A 869 -8.94 32.45 -13.67
N VAL A 870 -7.72 31.92 -13.74
CA VAL A 870 -6.62 32.54 -14.46
C VAL A 870 -6.09 31.52 -15.46
N THR A 871 -5.92 31.94 -16.71
CA THR A 871 -5.50 31.03 -17.76
C THR A 871 -4.13 30.44 -17.44
N LEU A 872 -3.80 29.36 -18.15
CA LEU A 872 -2.65 28.54 -17.77
C LEU A 872 -1.34 29.31 -17.90
N LEU A 873 -1.15 30.03 -19.01
CA LEU A 873 0.14 30.64 -19.29
C LEU A 873 0.49 31.69 -18.24
N GLU A 874 -0.47 32.53 -17.86
CA GLU A 874 -0.23 33.51 -16.82
C GLU A 874 -0.31 32.91 -15.42
N TYR A 875 -0.85 31.70 -15.28
CA TYR A 875 -0.77 31.02 -13.99
C TYR A 875 0.63 30.46 -13.75
N LEU A 876 1.34 30.09 -14.81
CA LEU A 876 2.69 29.57 -14.64
C LEU A 876 3.68 30.67 -14.29
N LYS A 877 3.56 31.84 -14.92
CA LYS A 877 4.42 32.96 -14.58
C LYS A 877 4.30 33.29 -13.10
N GLN A 878 3.10 33.18 -12.54
CA GLN A 878 2.91 33.39 -11.12
C GLN A 878 3.58 32.28 -10.30
N LEU A 879 3.63 31.07 -10.85
CA LEU A 879 4.23 29.94 -10.15
C LEU A 879 5.72 29.81 -10.41
N HIS A 880 6.15 30.12 -11.64
CA HIS A 880 7.56 29.99 -12.04
C HIS A 880 8.02 31.31 -12.62
N PRO A 881 8.15 32.34 -11.79
CA PRO A 881 8.47 33.68 -12.31
C PRO A 881 9.87 33.79 -12.89
N VAL A 882 10.87 33.38 -12.10
CA VAL A 882 12.26 33.52 -12.54
C VAL A 882 12.55 32.61 -13.72
N GLU A 883 11.87 31.47 -13.81
CA GLU A 883 12.00 30.60 -14.97
C GLU A 883 11.51 31.30 -16.23
N TRP A 884 10.44 32.08 -16.11
CA TRP A 884 9.85 32.71 -17.29
C TRP A 884 10.72 33.87 -17.79
N GLU A 885 11.23 34.70 -16.88
CA GLU A 885 12.03 35.83 -17.32
C GLU A 885 13.31 35.35 -17.99
N CYS A 886 13.93 34.29 -17.46
CA CYS A 886 15.05 33.67 -18.16
C CYS A 886 14.62 33.07 -19.48
N PHE A 887 13.37 32.63 -19.59
CA PHE A 887 12.87 32.09 -20.85
C PHE A 887 12.72 33.21 -21.88
N VAL A 888 12.08 34.31 -21.50
CA VAL A 888 11.91 35.43 -22.41
C VAL A 888 13.25 36.07 -22.75
N LYS A 889 14.15 36.14 -21.76
CA LYS A 889 15.49 36.68 -22.02
C LYS A 889 16.19 35.90 -23.11
N ASP A 890 16.02 34.57 -23.12
CA ASP A 890 16.51 33.77 -24.23
C ASP A 890 15.65 33.95 -25.47
N THR A 891 14.35 34.19 -25.30
CA THR A 891 13.49 34.46 -26.45
C THR A 891 13.90 35.74 -27.14
N LYS A 892 14.29 36.76 -26.37
CA LYS A 892 14.76 38.02 -26.96
C LYS A 892 15.98 37.78 -27.84
N ILE A 893 16.93 36.98 -27.36
CA ILE A 893 18.14 36.71 -28.13
C ILE A 893 17.80 35.94 -29.41
N LEU A 894 16.97 34.91 -29.29
CA LEU A 894 16.62 34.10 -30.45
C LEU A 894 15.79 34.89 -31.45
N ALA A 895 14.84 35.70 -30.97
CA ALA A 895 14.02 36.50 -31.87
C ALA A 895 14.86 37.52 -32.62
N GLU A 896 15.79 38.18 -31.92
CA GLU A 896 16.68 39.13 -32.56
C GLU A 896 17.80 38.47 -33.33
N GLU A 897 18.02 37.16 -33.16
CA GLU A 897 18.94 36.44 -34.02
C GLU A 897 18.34 36.26 -35.41
N THR A 898 17.07 35.85 -35.47
CA THR A 898 16.39 35.77 -36.77
C THR A 898 16.05 37.15 -37.30
N ALA A 899 15.81 38.11 -36.41
CA ALA A 899 15.49 39.47 -36.81
C ALA A 899 16.56 40.45 -36.36
N ALA A 932 4.79 34.08 -34.21
CA ALA A 932 5.57 33.30 -35.17
C ALA A 932 5.45 31.81 -34.88
N PRO A 933 5.39 30.99 -35.93
CA PRO A 933 5.28 29.54 -35.73
C PRO A 933 6.43 28.97 -34.91
N GLU A 934 7.65 29.51 -35.07
CA GLU A 934 8.75 29.11 -34.20
C GLU A 934 8.50 29.59 -32.77
N TYR A 935 8.00 30.81 -32.61
CA TYR A 935 7.87 31.37 -31.27
C TYR A 935 6.65 30.83 -30.53
N THR A 936 5.57 30.52 -31.25
CA THR A 936 4.41 29.94 -30.60
C THR A 936 4.70 28.53 -30.09
N LEU A 937 5.64 27.83 -30.71
CA LEU A 937 5.96 26.48 -30.28
C LEU A 937 6.73 26.49 -28.96
N ARG A 938 7.73 27.36 -28.85
CA ARG A 938 8.56 27.35 -27.65
C ARG A 938 7.81 27.81 -26.41
N THR A 939 6.63 28.39 -26.56
CA THR A 939 5.76 28.62 -25.41
C THR A 939 4.90 27.41 -25.10
N ARG A 940 4.49 26.66 -26.13
CA ARG A 940 3.87 25.36 -25.88
C ARG A 940 4.85 24.42 -25.21
N ILE A 941 6.12 24.44 -25.64
CA ILE A 941 7.13 23.60 -25.02
C ILE A 941 7.44 24.08 -23.62
N TRP A 942 7.60 25.40 -23.43
CA TRP A 942 7.92 25.92 -22.10
C TRP A 942 6.82 25.59 -21.11
N ALA A 943 5.56 25.77 -21.51
CA ALA A 943 4.46 25.46 -20.61
C ALA A 943 4.30 23.96 -20.40
N SER A 944 4.60 23.15 -21.42
CA SER A 944 4.50 21.72 -21.27
C SER A 944 5.52 21.18 -20.28
N LEU A 945 6.73 21.76 -20.28
CA LEU A 945 7.78 21.31 -19.37
C LEU A 945 7.53 21.70 -17.93
N ARG A 946 6.54 22.56 -17.66
CA ARG A 946 6.14 22.86 -16.29
C ARG A 946 4.89 22.11 -15.85
N SER A 947 4.21 21.44 -16.77
CA SER A 947 3.02 20.67 -16.45
C SER A 947 3.26 19.20 -16.73
N GLN A 948 2.37 18.36 -16.22
CA GLN A 948 2.48 16.91 -16.44
C GLN A 948 2.03 16.60 -17.86
N THR A 949 2.98 16.42 -18.75
CA THR A 949 2.73 16.01 -20.13
C THR A 949 3.64 14.84 -20.47
N LEU A 950 3.31 14.17 -21.57
CA LEU A 950 4.20 13.12 -22.05
C LEU A 950 5.49 13.69 -22.63
N TYR A 951 5.43 14.88 -23.22
CA TYR A 951 6.63 15.48 -23.76
C TYR A 951 7.67 15.73 -22.67
N ARG A 952 7.22 16.15 -21.49
CA ARG A 952 8.14 16.40 -20.40
C ARG A 952 8.83 15.12 -19.94
N THR A 953 8.12 14.00 -19.95
CA THR A 953 8.73 12.73 -19.60
C THR A 953 9.69 12.26 -20.68
N ILE A 954 9.26 12.31 -21.94
CA ILE A 954 10.12 11.90 -23.04
C ILE A 954 11.36 12.78 -23.12
N SER A 955 11.19 14.09 -22.94
CA SER A 955 12.33 15.00 -22.99
C SER A 955 13.25 14.81 -21.79
N GLY A 956 12.71 14.39 -20.65
CA GLY A 956 13.52 14.20 -19.47
C GLY A 956 14.30 12.90 -19.47
N PHE A 957 13.72 11.84 -20.03
CA PHE A 957 14.37 10.54 -20.05
C PHE A 957 15.16 10.30 -21.34
N MET A 958 15.21 11.28 -22.24
CA MET A 958 16.24 11.29 -23.26
C MET A 958 17.53 11.93 -22.78
N ASN A 959 17.60 12.27 -21.50
CA ASN A 959 18.89 12.59 -20.89
C ASN A 959 19.77 11.36 -20.74
N TYR A 960 19.21 10.15 -20.87
CA TYR A 960 20.03 8.96 -20.97
C TYR A 960 20.85 8.97 -22.25
N SER A 961 20.25 9.38 -23.35
CA SER A 961 20.98 9.53 -24.60
C SER A 961 22.02 10.63 -24.51
N ARG A 962 21.71 11.70 -23.78
CA ARG A 962 22.66 12.79 -23.60
C ARG A 962 23.79 12.39 -22.67
N ALA A 963 23.48 11.64 -21.62
CA ALA A 963 24.50 11.21 -20.67
C ALA A 963 25.44 10.18 -21.27
N ILE A 964 24.89 9.24 -22.04
CA ILE A 964 25.73 8.22 -22.65
C ILE A 964 26.68 8.84 -23.66
N LYS A 965 26.20 9.79 -24.44
CA LYS A 965 27.08 10.46 -25.40
C LYS A 965 28.18 11.24 -24.70
N LEU A 966 27.85 11.94 -23.61
CA LEU A 966 28.85 12.74 -22.91
C LEU A 966 29.91 11.86 -22.28
N LEU A 967 29.50 10.77 -21.62
CA LEU A 967 30.46 9.87 -21.00
C LEU A 967 31.33 9.19 -22.04
N TYR A 968 30.74 8.79 -23.16
CA TYR A 968 31.52 8.18 -24.23
C TYR A 968 32.56 9.15 -24.78
N ARG A 969 32.27 10.45 -24.77
CA ARG A 969 33.19 11.44 -25.33
C ARG A 969 34.24 11.87 -24.32
N VAL A 970 33.86 12.01 -23.05
CA VAL A 970 34.80 12.45 -22.03
C VAL A 970 35.84 11.37 -21.77
N GLU A 971 35.45 10.12 -21.82
CA GLU A 971 36.32 9.00 -21.51
C GLU A 971 37.12 8.50 -22.70
N ASN A 972 36.88 9.03 -23.90
CA ASN A 972 37.56 8.58 -25.12
C ASN A 972 38.15 9.78 -25.84
N PRO A 973 39.18 10.41 -25.29
CA PRO A 973 39.82 11.52 -26.01
C PRO A 973 40.43 11.09 -27.33
N GLU A 974 40.92 9.86 -27.44
CA GLU A 974 41.53 9.42 -28.68
C GLU A 974 40.53 9.35 -29.82
N ILE A 975 39.30 8.90 -29.52
CA ILE A 975 38.27 8.85 -30.54
C ILE A 975 37.92 10.26 -31.03
N VAL A 976 37.77 11.20 -30.08
CA VAL A 976 37.43 12.56 -30.44
C VAL A 976 38.55 13.20 -31.24
N GLN A 977 39.79 13.02 -30.78
CA GLN A 977 40.93 13.59 -31.50
C GLN A 977 41.10 12.97 -32.88
N MET A 978 40.63 11.72 -33.04
CA MET A 978 40.73 11.07 -34.35
C MET A 978 40.00 11.86 -35.42
N PHE A 979 38.78 12.32 -35.12
CA PHE A 979 38.03 13.10 -36.09
C PHE A 979 38.68 14.46 -36.31
N GLY A 980 39.05 15.15 -35.23
CA GLY A 980 39.88 16.33 -35.29
C GLY A 980 39.39 17.41 -36.24
N GLY A 981 38.29 18.07 -35.89
CA GLY A 981 37.70 19.09 -36.73
C GLY A 981 36.51 18.62 -37.53
N ASN A 982 36.31 17.31 -37.66
CA ASN A 982 35.12 16.76 -38.28
C ASN A 982 34.01 16.61 -37.25
N ALA A 983 33.70 17.70 -36.56
CA ALA A 983 32.80 17.67 -35.41
C ALA A 983 31.40 17.23 -35.78
N GLU A 984 31.00 17.39 -37.05
CA GLU A 984 29.73 16.85 -37.48
C GLU A 984 29.80 15.33 -37.59
N GLY A 985 30.92 14.81 -38.07
CA GLY A 985 31.10 13.37 -38.17
C GLY A 985 31.35 12.69 -36.84
N LEU A 986 31.79 13.45 -35.82
CA LEU A 986 31.92 12.88 -34.49
C LEU A 986 30.54 12.70 -33.85
N GLU A 987 29.62 13.63 -34.09
CA GLU A 987 28.29 13.50 -33.50
C GLU A 987 27.56 12.30 -34.07
N ARG A 988 27.87 11.89 -35.29
CA ARG A 988 27.37 10.62 -35.80
C ARG A 988 27.87 9.46 -34.97
N GLU A 989 29.16 9.51 -34.60
CA GLU A 989 29.75 8.43 -33.82
C GLU A 989 29.20 8.39 -32.40
N LEU A 990 29.03 9.55 -31.77
CA LEU A 990 28.45 9.59 -30.44
C LEU A 990 26.99 9.16 -30.45
N GLU A 991 26.24 9.53 -31.50
CA GLU A 991 24.84 9.14 -31.58
C GLU A 991 24.67 7.68 -31.96
N LYS A 992 25.63 7.11 -32.68
CA LYS A 992 25.56 5.70 -33.01
C LYS A 992 25.76 4.82 -31.79
N MET A 993 26.58 5.27 -30.84
CA MET A 993 26.79 4.53 -29.62
C MET A 993 25.59 4.65 -28.69
N ALA A 994 25.01 5.85 -28.58
CA ALA A 994 23.86 6.03 -27.71
C ALA A 994 22.63 5.33 -28.26
N ARG A 995 22.55 5.16 -29.57
CA ARG A 995 21.48 4.37 -30.17
C ARG A 995 21.61 2.89 -29.82
N ARG A 996 22.83 2.45 -29.53
CA ARG A 996 23.11 1.04 -29.29
C ARG A 996 22.88 0.65 -27.85
N LYS A 997 23.04 1.58 -26.91
CA LYS A 997 22.98 1.27 -25.50
C LYS A 997 21.71 1.75 -24.81
N PHE A 998 20.89 2.55 -25.48
CA PHE A 998 19.69 3.11 -24.85
C PHE A 998 18.57 3.14 -25.85
N LYS A 999 17.39 2.67 -25.44
CA LYS A 999 16.21 2.66 -26.29
C LYS A 999 15.01 3.13 -25.49
N PHE A 1000 14.24 4.02 -26.09
CA PHE A 1000 13.05 4.59 -25.47
C PHE A 1000 11.84 4.03 -26.20
N LEU A 1001 10.98 3.34 -25.48
CA LEU A 1001 9.79 2.71 -26.06
C LEU A 1001 8.56 3.24 -25.33
N VAL A 1002 7.71 3.95 -26.06
CA VAL A 1002 6.45 4.45 -25.53
C VAL A 1002 5.34 3.59 -26.11
N SER A 1003 4.47 3.10 -25.24
CA SER A 1003 3.33 2.30 -25.66
C SER A 1003 2.13 3.22 -25.78
N MET A 1004 1.72 3.51 -27.01
CA MET A 1004 0.56 4.35 -27.27
C MET A 1004 -0.60 3.43 -27.62
N GLN A 1005 -1.48 3.20 -26.64
CA GLN A 1005 -2.53 2.21 -26.82
C GLN A 1005 -3.47 2.58 -27.96
N ARG A 1006 -3.80 3.86 -28.09
CA ARG A 1006 -4.83 4.29 -29.04
C ARG A 1006 -4.28 5.24 -30.08
N LEU A 1007 -3.04 5.01 -30.54
CA LEU A 1007 -2.51 5.85 -31.61
C LEU A 1007 -3.33 5.73 -32.88
N ALA A 1008 -3.93 4.57 -33.12
CA ALA A 1008 -4.77 4.41 -34.31
C ALA A 1008 -6.06 5.21 -34.21
N LYS A 1009 -6.47 5.59 -33.01
CA LYS A 1009 -7.69 6.36 -32.80
C LYS A 1009 -7.40 7.75 -32.25
N PHE A 1010 -6.19 8.27 -32.50
CA PHE A 1010 -5.84 9.61 -32.05
C PHE A 1010 -6.58 10.66 -32.85
N LYS A 1011 -7.00 11.72 -32.16
CA LYS A 1011 -7.59 12.87 -32.83
C LYS A 1011 -6.50 13.66 -33.53
N PRO A 1012 -6.84 14.39 -34.60
CA PRO A 1012 -5.79 15.01 -35.42
C PRO A 1012 -4.87 15.94 -34.63
N HIS A 1013 -5.37 16.61 -33.59
CA HIS A 1013 -4.49 17.41 -32.76
C HIS A 1013 -3.55 16.53 -31.92
N GLU A 1014 -4.03 15.37 -31.49
CA GLU A 1014 -3.17 14.42 -30.78
C GLU A 1014 -2.23 13.70 -31.73
N LEU A 1015 -2.71 13.39 -32.94
CA LEU A 1015 -1.86 12.75 -33.93
C LEU A 1015 -0.73 13.66 -34.35
N GLU A 1016 -0.99 14.97 -34.46
CA GLU A 1016 0.07 15.92 -34.76
C GLU A 1016 1.04 16.07 -33.60
N ASN A 1017 0.55 15.96 -32.37
CA ASN A 1017 1.44 16.00 -31.20
C ASN A 1017 2.42 14.84 -31.22
N ALA A 1018 1.95 13.64 -31.59
CA ALA A 1018 2.81 12.48 -31.63
C ALA A 1018 3.84 12.58 -32.74
N GLU A 1019 3.47 13.16 -33.87
CA GLU A 1019 4.43 13.34 -34.95
C GLU A 1019 5.53 14.32 -34.58
N PHE A 1020 5.21 15.29 -33.72
CA PHE A 1020 6.23 16.21 -33.23
C PHE A 1020 7.27 15.48 -32.40
N LEU A 1021 6.85 14.48 -31.63
CA LEU A 1021 7.80 13.70 -30.85
C LEU A 1021 8.77 12.95 -31.76
N LEU A 1022 8.28 12.41 -32.86
CA LEU A 1022 9.13 11.62 -33.76
C LEU A 1022 10.03 12.48 -34.63
N ARG A 1023 9.90 13.80 -34.59
CA ARG A 1023 10.85 14.68 -35.26
C ARG A 1023 11.81 15.36 -34.30
N ALA A 1024 11.39 15.65 -33.07
CA ALA A 1024 12.34 16.10 -32.06
C ALA A 1024 13.26 14.98 -31.60
N TYR A 1025 12.74 13.75 -31.56
CA TYR A 1025 13.48 12.58 -31.10
C TYR A 1025 13.29 11.48 -32.12
N PRO A 1026 14.09 11.48 -33.19
CA PRO A 1026 13.93 10.44 -34.22
C PRO A 1026 14.11 9.03 -33.70
N ASP A 1027 14.90 8.84 -32.65
CA ASP A 1027 15.18 7.50 -32.16
C ASP A 1027 14.07 6.95 -31.29
N LEU A 1028 13.15 7.78 -30.81
CA LEU A 1028 12.04 7.31 -30.00
C LEU A 1028 11.18 6.32 -30.79
N GLN A 1029 10.75 5.27 -30.11
CA GLN A 1029 9.91 4.23 -30.71
C GLN A 1029 8.54 4.23 -30.06
N ILE A 1030 7.51 4.07 -30.88
CA ILE A 1030 6.14 4.06 -30.42
C ILE A 1030 5.50 2.75 -30.84
N ALA A 1031 5.02 1.99 -29.87
CA ALA A 1031 4.29 0.76 -30.10
C ALA A 1031 2.80 1.01 -29.90
N TYR A 1032 1.98 0.50 -30.80
CA TYR A 1032 0.56 0.78 -30.74
C TYR A 1032 -0.23 -0.42 -31.25
N LEU A 1033 -1.48 -0.49 -30.82
CA LEU A 1033 -2.40 -1.50 -31.30
C LEU A 1033 -3.03 -1.06 -32.61
N ASP A 1034 -3.04 -1.94 -33.59
CA ASP A 1034 -3.42 -1.61 -34.95
C ASP A 1034 -4.54 -2.55 -35.38
N GLU A 1035 -5.77 -2.08 -35.29
CA GLU A 1035 -6.90 -2.88 -35.74
C GLU A 1035 -6.88 -3.04 -37.25
N GLU A 1036 -7.66 -4.00 -37.73
CA GLU A 1036 -7.64 -4.35 -39.14
C GLU A 1036 -8.94 -5.04 -39.47
N PRO A 1037 -9.53 -4.79 -40.64
CA PRO A 1037 -10.82 -5.41 -40.95
C PRO A 1037 -10.72 -6.93 -40.87
N PRO A 1038 -11.81 -7.59 -40.49
CA PRO A 1038 -11.79 -9.05 -40.42
C PRO A 1038 -11.53 -9.65 -41.79
N LEU A 1039 -10.79 -10.77 -41.79
CA LEU A 1039 -10.43 -11.42 -43.04
C LEU A 1039 -11.66 -11.95 -43.78
N THR A 1040 -12.69 -12.35 -43.04
CA THR A 1040 -13.95 -12.80 -43.62
C THR A 1040 -15.09 -12.05 -42.95
N GLU A 1041 -16.17 -11.85 -43.71
CA GLU A 1041 -17.28 -11.05 -43.24
C GLU A 1041 -17.95 -11.72 -42.04
N GLY A 1042 -18.53 -10.89 -41.18
CA GLY A 1042 -19.21 -11.39 -40.00
C GLY A 1042 -18.29 -12.09 -39.03
N GLU A 1043 -17.13 -11.49 -38.77
CA GLU A 1043 -16.13 -12.07 -37.88
C GLU A 1043 -15.45 -10.93 -37.14
N GLU A 1044 -14.50 -11.27 -36.28
CA GLU A 1044 -13.76 -10.37 -35.40
C GLU A 1044 -12.66 -9.65 -36.16
N PRO A 1045 -12.43 -8.37 -35.88
CA PRO A 1045 -11.31 -7.66 -36.51
C PRO A 1045 -9.97 -8.18 -36.01
N ARG A 1046 -9.00 -8.19 -36.91
CA ARG A 1046 -7.65 -8.62 -36.55
C ARG A 1046 -6.91 -7.49 -35.85
N ILE A 1047 -6.21 -7.83 -34.78
CA ILE A 1047 -5.46 -6.86 -33.98
C ILE A 1047 -3.98 -7.18 -34.13
N TYR A 1048 -3.17 -6.13 -34.23
CA TYR A 1048 -1.74 -6.25 -34.37
C TYR A 1048 -1.05 -5.34 -33.37
N SER A 1049 0.16 -5.71 -33.00
CA SER A 1049 1.10 -4.78 -32.38
C SER A 1049 2.01 -4.26 -33.46
N ALA A 1050 2.14 -2.94 -33.54
CA ALA A 1050 2.96 -2.32 -34.56
C ALA A 1050 3.98 -1.41 -33.89
N LEU A 1051 5.15 -1.30 -34.50
CA LEU A 1051 6.22 -0.49 -33.98
C LEU A 1051 6.68 0.49 -35.04
N ILE A 1052 6.73 1.77 -34.68
CA ILE A 1052 7.22 2.83 -35.56
C ILE A 1052 8.23 3.65 -34.77
N ASP A 1053 9.06 4.38 -35.49
CA ASP A 1053 9.99 5.32 -34.89
C ASP A 1053 10.23 6.45 -35.88
N GLY A 1054 11.12 7.37 -35.51
CA GLY A 1054 11.36 8.55 -36.33
C GLY A 1054 12.02 8.26 -37.66
N HIS A 1055 12.65 7.10 -37.80
CA HIS A 1055 13.35 6.75 -39.03
C HIS A 1055 12.46 6.01 -40.02
N CYS A 1056 11.18 5.84 -39.71
CA CYS A 1056 10.29 5.08 -40.57
C CYS A 1056 9.78 5.93 -41.71
N GLU A 1057 9.72 5.32 -42.89
CA GLU A 1057 9.24 5.99 -44.09
C GLU A 1057 7.80 6.43 -43.90
N ILE A 1058 7.49 7.66 -44.28
CA ILE A 1058 6.18 8.27 -44.01
C ILE A 1058 5.31 8.08 -45.24
N LEU A 1059 4.27 7.25 -45.10
CA LEU A 1059 3.41 6.91 -46.22
C LEU A 1059 2.62 8.14 -46.69
N ASP A 1060 1.84 7.94 -47.74
CA ASP A 1060 1.07 9.04 -48.31
C ASP A 1060 0.05 9.59 -47.32
N ASN A 1061 -0.61 8.70 -46.59
CA ASN A 1061 -1.64 9.15 -45.65
C ASN A 1061 -1.06 9.79 -44.41
N GLY A 1062 0.24 10.07 -44.35
CA GLY A 1062 0.84 10.72 -43.21
C GLY A 1062 1.19 9.81 -42.06
N ARG A 1063 0.86 8.52 -42.15
CA ARG A 1063 1.23 7.56 -41.13
C ARG A 1063 2.52 6.87 -41.53
N ARG A 1064 3.39 6.66 -40.54
CA ARG A 1064 4.65 5.98 -40.78
C ARG A 1064 4.41 4.49 -41.00
N ARG A 1065 5.21 3.90 -41.87
CA ARG A 1065 5.08 2.46 -42.11
C ARG A 1065 5.74 1.69 -40.97
N PRO A 1066 5.04 0.73 -40.37
CA PRO A 1066 5.58 0.08 -39.17
C PRO A 1066 6.81 -0.75 -39.48
N LYS A 1067 7.76 -0.73 -38.54
CA LYS A 1067 8.93 -1.59 -38.66
C LYS A 1067 8.56 -3.05 -38.47
N PHE A 1068 7.81 -3.35 -37.42
CA PHE A 1068 7.32 -4.69 -37.12
C PHE A 1068 5.82 -4.64 -36.93
N ARG A 1069 5.15 -5.73 -37.29
CA ARG A 1069 3.69 -5.78 -37.19
C ARG A 1069 3.31 -7.22 -36.84
N VAL A 1070 3.08 -7.47 -35.56
CA VAL A 1070 2.86 -8.80 -35.02
C VAL A 1070 1.39 -8.93 -34.65
N GLN A 1071 0.73 -9.96 -35.16
CA GLN A 1071 -0.68 -10.16 -34.89
C GLN A 1071 -0.89 -10.78 -33.51
N LEU A 1072 -1.96 -10.38 -32.86
CA LEU A 1072 -2.37 -10.92 -31.57
C LEU A 1072 -3.57 -11.84 -31.75
N SER A 1073 -3.87 -12.60 -30.69
CA SER A 1073 -5.03 -13.47 -30.73
C SER A 1073 -6.33 -12.69 -30.64
N GLY A 1074 -6.29 -11.49 -30.10
CA GLY A 1074 -7.46 -10.67 -29.98
C GLY A 1074 -7.09 -9.38 -29.28
N ASN A 1075 -8.10 -8.63 -28.89
CA ASN A 1075 -7.85 -7.40 -28.17
C ASN A 1075 -7.10 -7.72 -26.88
N PRO A 1076 -5.91 -7.17 -26.66
CA PRO A 1076 -5.15 -7.51 -25.46
C PRO A 1076 -5.62 -6.82 -24.20
N ILE A 1077 -6.53 -5.86 -24.30
CA ILE A 1077 -6.96 -5.06 -23.15
C ILE A 1077 -8.15 -5.80 -22.54
N LEU A 1078 -7.85 -6.72 -21.62
CA LEU A 1078 -8.87 -7.49 -20.94
C LEU A 1078 -9.05 -7.09 -19.49
N GLY A 1079 -8.14 -6.30 -18.92
CA GLY A 1079 -8.19 -6.02 -17.50
C GLY A 1079 -8.08 -4.56 -17.12
N ASP A 1080 -7.25 -4.28 -16.11
CA ASP A 1080 -7.22 -2.98 -15.45
C ASP A 1080 -6.32 -1.98 -16.17
N GLY A 1081 -6.10 -2.14 -17.47
CA GLY A 1081 -5.42 -1.08 -18.20
C GLY A 1081 -3.93 -1.22 -18.37
N LYS A 1082 -3.18 -0.61 -17.45
CA LYS A 1082 -1.76 -0.34 -17.65
C LYS A 1082 -0.96 -1.60 -17.97
N SER A 1083 -1.20 -2.69 -17.24
CA SER A 1083 -0.39 -3.88 -17.42
C SER A 1083 -0.65 -4.56 -18.76
N ASP A 1084 -1.88 -4.48 -19.28
CA ASP A 1084 -2.14 -5.01 -20.61
C ASP A 1084 -1.46 -4.19 -21.68
N ASN A 1085 -1.39 -2.86 -21.49
CA ASN A 1085 -0.66 -2.00 -22.41
C ASN A 1085 0.82 -2.34 -22.40
N GLN A 1086 1.39 -2.51 -21.21
CA GLN A 1086 2.81 -2.82 -21.11
C GLN A 1086 3.14 -4.17 -21.74
N ASN A 1087 2.20 -5.11 -21.71
CA ASN A 1087 2.46 -6.45 -22.22
C ASN A 1087 2.45 -6.48 -23.74
N HIS A 1088 1.59 -5.70 -24.39
CA HIS A 1088 1.55 -5.72 -25.84
C HIS A 1088 2.81 -5.09 -26.44
N ALA A 1089 3.38 -4.09 -25.77
CA ALA A 1089 4.58 -3.42 -26.23
C ALA A 1089 5.86 -4.06 -25.71
N LEU A 1090 5.74 -5.09 -24.87
CA LEU A 1090 6.92 -5.68 -24.26
C LEU A 1090 7.75 -6.49 -25.24
N ILE A 1091 7.16 -6.95 -26.35
CA ILE A 1091 7.94 -7.72 -27.32
C ILE A 1091 8.91 -6.86 -28.10
N PHE A 1092 8.81 -5.54 -28.00
CA PHE A 1092 9.71 -4.65 -28.71
C PHE A 1092 10.79 -4.08 -27.81
N TYR A 1093 10.89 -4.53 -26.57
CA TYR A 1093 11.98 -4.09 -25.71
C TYR A 1093 13.29 -4.73 -26.15
N ARG A 1094 14.39 -4.04 -25.87
CA ARG A 1094 15.72 -4.51 -26.22
C ARG A 1094 16.64 -4.35 -25.02
N GLY A 1095 17.72 -5.12 -25.03
CA GLY A 1095 18.72 -5.03 -23.99
C GLY A 1095 18.45 -5.94 -22.83
N GLU A 1096 19.32 -5.85 -21.84
CA GLU A 1096 19.25 -6.73 -20.69
C GLU A 1096 18.36 -6.21 -19.58
N TYR A 1097 18.15 -4.91 -19.50
CA TYR A 1097 17.38 -4.30 -18.42
C TYR A 1097 16.29 -3.42 -18.99
N ILE A 1098 15.21 -3.31 -18.24
CA ILE A 1098 14.10 -2.42 -18.55
C ILE A 1098 13.91 -1.49 -17.36
N GLN A 1099 13.81 -0.20 -17.63
CA GLN A 1099 13.31 0.73 -16.63
C GLN A 1099 11.86 1.02 -16.94
N LEU A 1100 10.97 0.51 -16.10
CA LEU A 1100 9.57 0.92 -16.17
C LEU A 1100 9.50 2.40 -15.84
N ILE A 1101 8.62 3.11 -16.52
CA ILE A 1101 8.49 4.55 -16.31
C ILE A 1101 7.04 4.92 -16.55
N ASP A 1102 6.50 5.78 -15.69
CA ASP A 1102 5.14 6.25 -15.86
C ASP A 1102 5.12 7.51 -16.70
N ALA A 1103 3.97 7.80 -17.29
CA ALA A 1103 3.86 8.88 -18.28
C ALA A 1103 3.94 10.27 -17.67
N ASN A 1104 3.91 10.40 -16.35
CA ASN A 1104 3.98 11.72 -15.74
C ASN A 1104 5.24 11.87 -14.89
N GLN A 1105 6.38 11.47 -15.44
CA GLN A 1105 7.66 11.55 -14.77
C GLN A 1105 8.59 12.48 -15.53
N ASP A 1106 9.79 12.69 -14.97
CA ASP A 1106 10.86 13.31 -15.73
C ASP A 1106 12.17 13.07 -14.99
N ASN A 1107 13.26 13.15 -15.74
CA ASN A 1107 14.59 12.87 -15.22
C ASN A 1107 15.53 14.02 -15.54
N TYR A 1108 16.74 13.93 -15.00
CA TYR A 1108 17.73 14.99 -15.09
C TYR A 1108 19.04 14.41 -15.60
N LEU A 1109 19.88 15.26 -16.14
CA LEU A 1109 21.16 14.79 -16.66
C LEU A 1109 22.07 14.28 -15.54
N GLU A 1110 22.07 14.96 -14.40
CA GLU A 1110 23.00 14.57 -13.35
C GLU A 1110 22.63 13.22 -12.74
N GLU A 1111 21.37 12.83 -12.81
CA GLU A 1111 20.98 11.50 -12.36
C GLU A 1111 21.17 10.47 -13.46
N CYS A 1112 20.84 10.83 -14.70
CA CYS A 1112 21.06 9.94 -15.83
C CYS A 1112 22.53 9.68 -16.09
N LEU A 1113 23.44 10.45 -15.50
CA LEU A 1113 24.86 10.20 -15.61
C LEU A 1113 25.30 9.02 -14.75
N LYS A 1114 24.48 8.60 -13.81
CA LYS A 1114 24.79 7.50 -12.90
C LYS A 1114 24.19 6.18 -13.38
N ILE A 1115 23.84 6.06 -14.66
CA ILE A 1115 23.14 4.88 -15.12
C ILE A 1115 24.04 3.65 -15.07
N ARG A 1116 25.32 3.81 -15.42
CA ARG A 1116 26.22 2.67 -15.47
C ARG A 1116 26.48 2.08 -14.09
N SER A 1117 26.29 2.85 -13.03
CA SER A 1117 26.42 2.35 -11.67
C SER A 1117 25.09 1.92 -11.07
N VAL A 1118 23.98 2.18 -11.74
CA VAL A 1118 22.70 1.64 -11.30
C VAL A 1118 22.45 0.27 -11.92
N LEU A 1119 22.89 0.07 -13.16
CA LEU A 1119 22.81 -1.25 -13.77
C LEU A 1119 23.80 -2.23 -13.15
N ALA A 1120 24.80 -1.73 -12.42
CA ALA A 1120 25.72 -2.58 -11.70
C ALA A 1120 25.15 -3.08 -10.38
N GLU A 1121 23.97 -2.61 -9.99
CA GLU A 1121 23.29 -3.16 -8.83
C GLU A 1121 22.67 -4.51 -9.10
N PHE A 1122 22.56 -4.92 -10.36
CA PHE A 1122 22.06 -6.25 -10.68
C PHE A 1122 23.13 -7.32 -10.60
N GLU A 1123 24.39 -6.94 -10.40
CA GLU A 1123 25.47 -7.87 -10.06
C GLU A 1123 25.82 -8.80 -11.22
N GLU A 1124 25.78 -8.31 -12.45
CA GLU A 1124 26.14 -9.11 -13.60
C GLU A 1124 27.23 -8.49 -14.46
N LEU A 1125 27.71 -7.30 -14.10
CA LEU A 1125 28.62 -6.55 -14.96
C LEU A 1125 30.08 -6.84 -14.65
N ASN A 1126 30.49 -6.67 -13.41
CA ASN A 1126 31.88 -6.90 -13.00
C ASN A 1126 32.02 -8.23 -12.24
N VAL A 1127 31.64 -9.33 -12.91
CA VAL A 1127 31.73 -10.64 -12.31
C VAL A 1127 32.43 -11.59 -13.28
N GLU A 1128 33.03 -12.63 -12.73
CA GLU A 1128 33.65 -13.67 -13.54
C GLU A 1128 32.60 -14.60 -14.11
N GLN A 1129 32.92 -15.21 -15.24
CA GLN A 1129 32.00 -16.10 -15.93
C GLN A 1129 32.51 -17.53 -15.80
N VAL A 1130 31.67 -18.41 -15.27
CA VAL A 1130 32.00 -19.82 -15.12
C VAL A 1130 31.03 -20.61 -15.98
N ASN A 1131 31.45 -21.83 -16.32
CA ASN A 1131 30.58 -22.72 -17.07
C ASN A 1131 29.44 -23.17 -16.17
N PRO A 1132 28.18 -22.89 -16.49
CA PRO A 1132 27.09 -23.32 -15.62
C PRO A 1132 26.82 -24.80 -15.67
N TYR A 1133 27.38 -25.51 -16.64
CA TYR A 1133 27.16 -26.94 -16.80
C TYR A 1133 28.41 -27.76 -16.49
N ALA A 1134 29.34 -27.20 -15.75
CA ALA A 1134 30.55 -27.93 -15.40
C ALA A 1134 30.20 -29.07 -14.43
N PRO A 1135 30.69 -30.28 -14.66
CA PRO A 1135 30.29 -31.41 -13.81
C PRO A 1135 30.75 -31.31 -12.38
N GLY A 1136 31.78 -30.51 -12.09
CA GLY A 1136 32.28 -30.44 -10.72
C GLY A 1136 31.30 -29.82 -9.75
N LEU A 1137 30.67 -28.72 -10.13
CA LEU A 1137 29.91 -27.91 -9.20
C LEU A 1137 28.58 -28.56 -8.82
N ARG A 1138 28.16 -28.31 -7.58
CA ARG A 1138 26.86 -28.69 -7.07
C ARG A 1138 26.06 -27.43 -6.77
N TYR A 1139 24.75 -27.60 -6.67
CA TYR A 1139 23.87 -26.45 -6.46
C TYR A 1139 24.26 -25.67 -5.22
N GLU A 1140 24.59 -26.36 -4.14
CA GLU A 1140 24.86 -25.71 -2.87
C GLU A 1140 26.08 -24.80 -2.93
N GLU A 1141 27.02 -25.05 -3.84
CA GLU A 1141 28.22 -24.24 -3.93
C GLU A 1141 28.24 -23.31 -5.14
N GLN A 1142 27.14 -23.23 -5.88
CA GLN A 1142 27.00 -22.22 -6.92
C GLN A 1142 26.68 -20.87 -6.29
N THR A 1143 27.29 -19.81 -6.82
CA THR A 1143 27.17 -18.49 -6.24
C THR A 1143 26.17 -17.60 -6.98
N THR A 1144 25.45 -18.14 -7.94
CA THR A 1144 24.53 -17.35 -8.76
C THR A 1144 23.13 -17.92 -8.72
N ASN A 1145 22.72 -18.46 -7.58
CA ASN A 1145 21.44 -19.14 -7.49
C ASN A 1145 20.26 -18.18 -7.42
N HIS A 1146 20.47 -16.98 -6.91
CA HIS A 1146 19.39 -16.01 -6.69
C HIS A 1146 19.77 -14.69 -7.36
N PRO A 1147 19.35 -14.48 -8.59
CA PRO A 1147 19.67 -13.23 -9.28
C PRO A 1147 18.85 -12.06 -8.78
N VAL A 1148 19.42 -10.87 -8.91
CA VAL A 1148 18.69 -9.64 -8.60
C VAL A 1148 17.60 -9.47 -9.65
N ALA A 1149 16.36 -9.40 -9.20
CA ALA A 1149 15.23 -9.28 -10.11
C ALA A 1149 14.84 -7.81 -10.32
N ILE A 1150 14.89 -7.01 -9.27
CA ILE A 1150 14.40 -5.64 -9.29
C ILE A 1150 15.38 -4.77 -8.54
N VAL A 1151 15.70 -3.61 -9.10
CA VAL A 1151 16.48 -2.60 -8.40
C VAL A 1151 15.60 -1.37 -8.30
N GLY A 1152 15.21 -1.03 -7.08
CA GLY A 1152 14.37 0.12 -6.86
C GLY A 1152 15.16 1.37 -6.60
N ALA A 1153 14.52 2.51 -6.83
CA ALA A 1153 15.17 3.80 -6.67
C ALA A 1153 14.18 4.80 -6.11
N ARG A 1154 14.72 5.87 -5.53
CA ARG A 1154 13.89 6.91 -4.96
C ARG A 1154 13.22 7.74 -6.06
N GLU A 1155 12.10 8.35 -5.71
CA GLU A 1155 11.34 9.17 -6.63
C GLU A 1155 10.98 10.48 -5.95
N TYR A 1156 11.07 11.58 -6.70
CA TYR A 1156 10.71 12.89 -6.20
C TYR A 1156 9.35 13.30 -6.75
N ILE A 1157 8.46 13.69 -5.86
CA ILE A 1157 7.13 14.16 -6.26
C ILE A 1157 7.17 15.66 -6.37
N PHE A 1158 6.90 16.19 -7.57
CA PHE A 1158 6.99 17.61 -7.84
C PHE A 1158 5.60 18.21 -8.01
N SER A 1159 5.46 19.46 -7.56
CA SER A 1159 4.22 20.22 -7.69
C SER A 1159 3.04 19.49 -7.07
N GLY A 1171 1.37 11.17 2.95
CA GLY A 1171 0.99 9.86 3.44
C GLY A 1171 1.98 9.29 4.44
N LYS A 1172 1.49 8.42 5.33
CA LYS A 1172 2.36 7.81 6.33
C LYS A 1172 3.33 6.83 5.69
N GLU A 1173 2.80 5.78 5.04
CA GLU A 1173 3.64 4.71 4.52
C GLU A 1173 4.51 5.20 3.37
N GLN A 1174 4.09 6.25 2.66
CA GLN A 1174 4.90 6.76 1.56
C GLN A 1174 6.26 7.22 2.05
N THR A 1175 6.28 7.98 3.16
CA THR A 1175 7.52 8.46 3.74
C THR A 1175 7.97 7.65 4.96
N PHE A 1176 7.18 6.67 5.41
CA PHE A 1176 7.73 5.63 6.27
C PHE A 1176 8.81 4.84 5.54
N GLY A 1177 8.53 4.45 4.30
CA GLY A 1177 9.45 3.59 3.57
C GLY A 1177 10.76 4.26 3.24
N THR A 1178 10.73 5.57 2.98
CA THR A 1178 11.93 6.27 2.54
C THR A 1178 13.04 6.19 3.58
N LEU A 1179 12.72 6.43 4.84
CA LEU A 1179 13.74 6.35 5.88
C LEU A 1179 14.19 4.92 6.11
N PHE A 1180 13.25 3.97 6.04
CA PHE A 1180 13.53 2.57 6.33
C PHE A 1180 14.02 1.80 5.12
N ALA A 1181 14.12 2.43 3.94
CA ALA A 1181 14.38 1.69 2.72
C ALA A 1181 15.77 1.07 2.70
N ARG A 1182 16.74 1.70 3.35
CA ARG A 1182 18.09 1.14 3.37
C ARG A 1182 18.14 -0.11 4.24
N THR A 1183 17.45 -0.11 5.37
CA THR A 1183 17.41 -1.28 6.25
C THR A 1183 16.51 -2.37 5.67
N LEU A 1184 15.35 -2.00 5.13
CA LEU A 1184 14.44 -3.01 4.63
C LEU A 1184 14.98 -3.74 3.41
N SER A 1185 15.76 -3.06 2.57
CA SER A 1185 16.35 -3.75 1.43
C SER A 1185 17.45 -4.71 1.87
N GLN A 1186 18.21 -4.37 2.91
CA GLN A 1186 19.28 -5.25 3.36
C GLN A 1186 18.74 -6.55 3.94
N ILE A 1187 17.62 -6.47 4.67
CA ILE A 1187 17.07 -7.63 5.34
C ILE A 1187 15.91 -8.24 4.55
N GLY A 1188 15.90 -8.04 3.23
CA GLY A 1188 14.95 -8.70 2.37
C GLY A 1188 13.55 -8.17 2.41
N GLY A 1189 13.32 -7.02 3.03
CA GLY A 1189 11.98 -6.53 3.26
C GLY A 1189 11.40 -5.64 2.19
N LYS A 1190 12.06 -5.51 1.04
CA LYS A 1190 11.60 -4.65 -0.05
C LYS A 1190 10.95 -5.52 -1.11
N LEU A 1191 9.66 -5.26 -1.39
CA LEU A 1191 8.94 -5.95 -2.46
C LEU A 1191 8.22 -4.90 -3.30
N HIS A 1192 8.94 -4.21 -4.18
CA HIS A 1192 8.37 -3.09 -4.93
C HIS A 1192 8.60 -3.31 -6.41
N TYR A 1193 7.54 -3.67 -7.13
CA TYR A 1193 7.55 -3.73 -8.59
C TYR A 1193 6.84 -2.51 -9.16
N GLY A 1194 7.47 -1.35 -8.99
CA GLY A 1194 6.83 -0.08 -9.27
C GLY A 1194 7.30 0.57 -10.55
N HIS A 1195 6.90 1.83 -10.72
CA HIS A 1195 7.30 2.60 -11.89
C HIS A 1195 8.69 3.23 -11.82
N PRO A 1196 9.24 3.65 -10.68
CA PRO A 1196 10.54 4.32 -10.73
C PRO A 1196 11.74 3.40 -10.83
N ASP A 1197 11.58 2.10 -11.13
CA ASP A 1197 12.65 1.15 -10.90
C ASP A 1197 12.97 0.33 -12.14
N PHE A 1198 14.15 -0.28 -12.11
CA PHE A 1198 14.67 -1.13 -13.17
C PHE A 1198 14.38 -2.60 -12.85
N ILE A 1199 14.30 -3.41 -13.89
CA ILE A 1199 14.09 -4.83 -13.72
C ILE A 1199 15.08 -5.61 -14.56
N ASN A 1200 15.46 -6.78 -14.05
CA ASN A 1200 16.22 -7.76 -14.81
C ASN A 1200 15.29 -8.35 -15.86
N ALA A 1201 15.51 -7.99 -17.12
CA ALA A 1201 14.52 -8.32 -18.15
C ALA A 1201 14.44 -9.81 -18.43
N THR A 1202 15.59 -10.49 -18.47
CA THR A 1202 15.54 -11.93 -18.75
C THR A 1202 14.96 -12.71 -17.57
N PHE A 1203 15.23 -12.27 -16.34
CA PHE A 1203 14.61 -12.90 -15.19
C PHE A 1203 13.11 -12.67 -15.20
N MET A 1204 12.68 -11.43 -15.37
CA MET A 1204 11.27 -11.09 -15.20
C MET A 1204 10.40 -11.56 -16.36
N THR A 1205 10.85 -11.37 -17.60
CA THR A 1205 10.01 -11.72 -18.73
C THR A 1205 9.84 -13.22 -18.90
N THR A 1206 10.77 -14.01 -18.38
CA THR A 1206 10.64 -15.46 -18.41
C THR A 1206 9.78 -15.98 -17.28
N ARG A 1207 9.32 -15.12 -16.38
CA ARG A 1207 8.61 -15.53 -15.17
C ARG A 1207 7.29 -14.78 -15.00
N GLY A 1208 6.68 -14.31 -16.08
CA GLY A 1208 5.39 -13.69 -16.04
C GLY A 1208 5.33 -12.27 -16.55
N GLY A 1209 6.43 -11.53 -16.50
CA GLY A 1209 6.49 -10.26 -17.17
C GLY A 1209 6.33 -9.03 -16.30
N VAL A 1210 5.63 -8.03 -16.84
CA VAL A 1210 5.52 -6.73 -16.19
C VAL A 1210 4.57 -6.79 -15.00
N SER A 1211 3.47 -7.52 -15.13
CA SER A 1211 2.54 -7.71 -14.03
C SER A 1211 1.66 -8.90 -14.38
N LYS A 1212 0.51 -9.00 -13.71
CA LYS A 1212 -0.63 -9.79 -14.16
C LYS A 1212 -1.77 -8.83 -14.44
N ALA A 1213 -2.55 -9.13 -15.47
CA ALA A 1213 -3.61 -8.24 -15.94
C ALA A 1213 -5.01 -8.71 -15.54
N GLN A 1214 -5.11 -9.59 -14.56
CA GLN A 1214 -6.39 -10.19 -14.19
C GLN A 1214 -7.18 -9.26 -13.27
N HIS A 1218 -9.17 -5.11 -7.47
CA HIS A 1218 -7.81 -5.47 -7.84
C HIS A 1218 -6.93 -4.23 -8.01
N LEU A 1219 -7.25 -3.17 -7.27
CA LEU A 1219 -6.47 -1.93 -7.29
C LEU A 1219 -5.23 -2.08 -6.40
N ASN A 1220 -4.34 -2.98 -6.82
CA ASN A 1220 -3.18 -3.32 -6.01
C ASN A 1220 -2.21 -2.15 -5.95
N GLU A 1221 -1.76 -1.84 -4.74
CA GLU A 1221 -0.66 -0.90 -4.58
C GLU A 1221 0.64 -1.55 -5.03
N ASP A 1222 1.59 -0.71 -5.43
CA ASP A 1222 2.89 -1.22 -5.88
C ASP A 1222 3.87 -1.41 -4.74
N ILE A 1223 3.46 -1.11 -3.51
CA ILE A 1223 4.34 -1.29 -2.35
C ILE A 1223 4.70 -2.76 -2.17
N TYR A 1224 3.74 -3.65 -2.39
CA TYR A 1224 3.94 -5.10 -2.42
C TYR A 1224 3.39 -5.57 -3.76
N ALA A 1225 4.18 -5.43 -4.79
CA ALA A 1225 3.73 -5.83 -6.13
C ALA A 1225 4.67 -6.82 -6.77
N GLY A 1226 5.97 -6.68 -6.55
CA GLY A 1226 6.86 -7.75 -6.93
C GLY A 1226 7.13 -8.60 -5.71
N MET A 1227 6.28 -9.60 -5.54
CA MET A 1227 6.52 -10.69 -4.61
C MET A 1227 6.35 -12.02 -5.29
N ASN A 1228 5.76 -12.04 -6.49
CA ASN A 1228 5.96 -13.18 -7.37
C ASN A 1228 7.43 -13.36 -7.69
N ALA A 1229 8.14 -12.25 -7.92
CA ALA A 1229 9.58 -12.33 -8.17
C ALA A 1229 10.32 -12.84 -6.94
N MET A 1230 9.91 -12.42 -5.75
CA MET A 1230 10.58 -12.85 -4.54
C MET A 1230 10.19 -14.28 -4.17
N LEU A 1231 8.94 -14.67 -4.41
CA LEU A 1231 8.53 -16.05 -4.22
C LEU A 1231 9.28 -17.01 -5.12
N ARG A 1232 9.73 -16.52 -6.28
CA ARG A 1232 10.38 -17.37 -7.27
C ARG A 1232 11.89 -17.37 -7.16
N GLY A 1233 12.46 -16.58 -6.26
CA GLY A 1233 13.88 -16.67 -5.97
C GLY A 1233 14.68 -15.42 -6.29
N GLY A 1234 14.10 -14.39 -6.88
CA GLY A 1234 14.84 -13.19 -7.18
C GLY A 1234 14.95 -12.27 -5.98
N ARG A 1235 16.04 -11.52 -5.94
CA ARG A 1235 16.24 -10.52 -4.91
C ARG A 1235 15.79 -9.16 -5.42
N ILE A 1236 15.40 -8.30 -4.50
CA ILE A 1236 14.92 -6.97 -4.82
C ILE A 1236 15.78 -5.96 -4.07
N LYS A 1237 16.42 -5.07 -4.81
CA LYS A 1237 17.40 -4.15 -4.28
C LYS A 1237 16.84 -2.73 -4.27
N HIS A 1238 17.62 -1.81 -3.70
CA HIS A 1238 17.22 -0.42 -3.61
C HIS A 1238 18.47 0.43 -3.58
N CYS A 1239 18.63 1.34 -4.54
CA CYS A 1239 19.77 2.23 -4.56
C CYS A 1239 19.34 3.62 -4.10
N GLU A 1240 20.14 4.21 -3.21
CA GLU A 1240 19.83 5.51 -2.63
C GLU A 1240 20.45 6.67 -3.40
N TYR A 1241 21.29 6.40 -4.39
CA TYR A 1241 21.97 7.46 -5.11
C TYR A 1241 21.31 7.80 -6.44
N TYR A 1242 20.17 7.21 -6.74
CA TYR A 1242 19.41 7.53 -7.93
C TYR A 1242 18.04 8.05 -7.52
N GLN A 1243 17.56 9.08 -8.20
CA GLN A 1243 16.25 9.64 -7.88
C GLN A 1243 15.71 10.33 -9.12
N CYS A 1244 14.65 9.78 -9.68
CA CYS A 1244 13.92 10.44 -10.75
C CYS A 1244 12.85 11.33 -10.14
N GLY A 1245 11.97 11.87 -10.97
CA GLY A 1245 10.87 12.69 -10.49
C GLY A 1245 9.55 12.22 -11.07
N LYS A 1246 8.51 12.27 -10.24
CA LYS A 1246 7.17 11.92 -10.67
C LYS A 1246 6.18 12.98 -10.22
N GLY A 1247 5.17 13.24 -11.04
CA GLY A 1247 4.09 14.12 -10.66
C GLY A 1247 3.00 13.40 -9.89
N ARG A 1248 2.39 14.11 -8.96
CA ARG A 1248 1.34 13.51 -8.16
C ARG A 1248 0.06 13.38 -8.97
N ASP A 1249 -0.85 12.54 -8.48
CA ASP A 1249 -2.14 12.32 -9.11
C ASP A 1249 -2.96 13.60 -9.18
N GLY A 1265 -10.02 1.01 5.02
CA GLY A 1265 -10.29 -0.39 4.74
C GLY A 1265 -9.03 -1.22 4.56
N MET A 1266 -9.17 -2.54 4.70
CA MET A 1266 -8.04 -3.43 4.53
C MET A 1266 -7.59 -3.49 3.07
N GLY A 1267 -8.54 -3.65 2.16
CA GLY A 1267 -8.23 -3.84 0.75
C GLY A 1267 -8.37 -5.29 0.34
N GLU A 1268 -8.33 -5.49 -0.98
CA GLU A 1268 -8.37 -6.83 -1.54
C GLU A 1268 -7.01 -7.49 -1.57
N GLN A 1269 -5.96 -6.78 -1.16
CA GLN A 1269 -4.63 -7.37 -1.11
C GLN A 1269 -4.59 -8.55 -0.15
N MET A 1270 -5.29 -8.44 0.97
CA MET A 1270 -5.23 -9.47 1.99
C MET A 1270 -5.80 -10.80 1.51
N LEU A 1271 -6.64 -10.81 0.48
CA LEU A 1271 -7.20 -12.03 -0.05
C LEU A 1271 -6.37 -12.65 -1.16
N SER A 1272 -5.22 -12.06 -1.50
CA SER A 1272 -4.37 -12.60 -2.56
C SER A 1272 -3.68 -13.86 -2.10
N ARG A 1273 -3.35 -14.72 -3.05
CA ARG A 1273 -2.63 -15.95 -2.72
C ARG A 1273 -1.17 -15.69 -2.37
N GLU A 1274 -0.63 -14.54 -2.75
CA GLU A 1274 0.76 -14.24 -2.44
C GLU A 1274 0.96 -13.98 -0.96
N TYR A 1275 -0.04 -13.39 -0.31
CA TYR A 1275 0.00 -13.26 1.14
C TYR A 1275 -0.07 -14.63 1.81
N TYR A 1276 -0.86 -15.53 1.24
CA TYR A 1276 -0.93 -16.90 1.73
C TYR A 1276 0.41 -17.62 1.59
N TYR A 1277 1.05 -17.48 0.44
CA TYR A 1277 2.33 -18.16 0.23
C TYR A 1277 3.43 -17.54 1.08
N LEU A 1278 3.42 -16.21 1.23
CA LEU A 1278 4.44 -15.57 2.04
C LEU A 1278 4.19 -15.77 3.53
N GLY A 1279 2.92 -15.68 3.96
CA GLY A 1279 2.64 -15.73 5.37
C GLY A 1279 2.91 -17.08 6.00
N THR A 1280 2.56 -18.17 5.31
CA THR A 1280 2.63 -19.50 5.88
C THR A 1280 3.92 -20.22 5.58
N GLN A 1281 4.90 -19.57 4.93
CA GLN A 1281 6.12 -20.25 4.53
C GLN A 1281 7.40 -19.51 4.87
N LEU A 1282 7.36 -18.20 5.09
CA LEU A 1282 8.58 -17.47 5.39
C LEU A 1282 9.10 -17.84 6.78
N PRO A 1283 10.42 -17.86 6.96
CA PRO A 1283 10.98 -17.95 8.31
C PRO A 1283 10.63 -16.71 9.11
N VAL A 1284 10.69 -16.84 10.43
CA VAL A 1284 10.03 -15.87 11.31
C VAL A 1284 10.65 -14.49 11.17
N ASP A 1285 11.98 -14.41 11.06
CA ASP A 1285 12.63 -13.11 10.97
C ASP A 1285 12.21 -12.39 9.70
N ARG A 1286 11.99 -13.13 8.63
CA ARG A 1286 11.58 -12.55 7.36
C ARG A 1286 10.07 -12.43 7.24
N PHE A 1287 9.31 -13.21 7.99
CA PHE A 1287 7.87 -13.03 8.06
C PHE A 1287 7.52 -11.77 8.84
N LEU A 1288 8.28 -11.46 9.89
CA LEU A 1288 8.02 -10.26 10.68
C LEU A 1288 8.32 -9.00 9.89
N THR A 1289 9.34 -9.04 9.05
CA THR A 1289 9.62 -7.91 8.17
C THR A 1289 8.55 -7.78 7.09
N PHE A 1290 8.04 -8.91 6.60
CA PHE A 1290 7.01 -8.88 5.58
C PHE A 1290 5.69 -8.36 6.15
N TYR A 1291 5.33 -8.79 7.36
CA TYR A 1291 4.06 -8.38 7.94
C TYR A 1291 4.07 -6.91 8.34
N TYR A 1292 5.11 -6.48 9.05
CA TYR A 1292 5.06 -5.14 9.61
C TYR A 1292 5.36 -4.05 8.60
N ALA A 1293 5.80 -4.40 7.39
CA ALA A 1293 6.04 -3.37 6.40
C ALA A 1293 4.74 -2.95 5.71
N HIS A 1294 4.13 -3.84 4.93
CA HIS A 1294 2.86 -3.39 4.38
C HIS A 1294 1.64 -3.73 5.25
N PRO A 1295 1.32 -5.02 5.51
CA PRO A 1295 0.01 -5.31 6.10
C PRO A 1295 -0.11 -4.93 7.57
N GLY A 1296 0.99 -4.92 8.32
CA GLY A 1296 0.92 -4.50 9.70
C GLY A 1296 0.66 -3.02 9.88
N PHE A 1297 0.91 -2.23 8.83
CA PHE A 1297 0.56 -0.81 8.87
C PHE A 1297 -0.94 -0.60 8.73
N HIS A 1298 -1.58 -1.35 7.84
CA HIS A 1298 -3.03 -1.22 7.65
C HIS A 1298 -3.81 -1.76 8.84
N LEU A 1299 -3.29 -2.80 9.48
CA LEU A 1299 -3.94 -3.32 10.68
C LEU A 1299 -3.70 -2.42 11.87
N ASN A 1300 -2.57 -1.72 11.91
CA ASN A 1300 -2.33 -0.73 12.95
C ASN A 1300 -3.36 0.38 12.91
N ASN A 1301 -3.73 0.84 11.71
CA ASN A 1301 -4.77 1.86 11.59
C ASN A 1301 -6.11 1.34 12.08
N LEU A 1302 -6.44 0.09 11.73
CA LEU A 1302 -7.69 -0.49 12.20
C LEU A 1302 -7.69 -0.65 13.72
N PHE A 1303 -6.57 -1.10 14.29
CA PHE A 1303 -6.51 -1.31 15.72
C PHE A 1303 -6.58 0.01 16.48
N ILE A 1304 -6.09 1.10 15.89
CA ILE A 1304 -6.21 2.39 16.55
C ILE A 1304 -7.67 2.83 16.60
N GLN A 1305 -8.41 2.60 15.53
CA GLN A 1305 -9.83 2.94 15.52
C GLN A 1305 -10.63 2.08 16.49
N LEU A 1306 -10.37 0.76 16.49
CA LEU A 1306 -11.06 -0.11 17.43
C LEU A 1306 -10.72 0.24 18.87
N SER A 1307 -9.51 0.73 19.12
CA SER A 1307 -9.12 1.08 20.47
C SER A 1307 -9.80 2.37 20.93
N LEU A 1308 -10.14 3.26 20.00
CA LEU A 1308 -10.86 4.47 20.35
C LEU A 1308 -12.33 4.20 20.60
N GLN A 1309 -12.92 3.25 19.89
CA GLN A 1309 -14.32 2.90 20.13
C GLN A 1309 -14.50 2.03 21.36
N MET A 1310 -13.48 1.31 21.77
CA MET A 1310 -13.56 0.53 22.99
C MET A 1310 -13.23 1.36 24.23
N PHE A 1311 -12.43 2.42 24.08
CA PHE A 1311 -12.26 3.36 25.19
C PHE A 1311 -13.54 4.09 25.49
N MET A 1312 -14.29 4.46 24.45
CA MET A 1312 -15.54 5.17 24.65
C MET A 1312 -16.57 4.31 25.35
N LEU A 1313 -16.62 3.02 25.02
CA LEU A 1313 -17.51 2.10 25.72
C LEU A 1313 -17.03 1.86 27.14
N THR A 1314 -15.70 1.82 27.35
CA THR A 1314 -15.16 1.65 28.68
C THR A 1314 -15.33 2.90 29.52
N LEU A 1315 -15.05 4.07 28.93
CA LEU A 1315 -15.13 5.32 29.68
C LEU A 1315 -16.57 5.62 30.11
N VAL A 1316 -17.53 5.32 29.25
CA VAL A 1316 -18.91 5.62 29.57
C VAL A 1316 -19.40 4.75 30.72
N ASN A 1317 -18.74 3.62 30.96
CA ASN A 1317 -19.06 2.71 32.05
C ASN A 1317 -18.20 2.97 33.28
N LEU A 1318 -16.97 3.41 33.09
CA LEU A 1318 -16.10 3.74 34.21
C LEU A 1318 -16.49 5.07 34.84
N SER A 1319 -16.95 6.02 34.03
CA SER A 1319 -17.45 7.29 34.55
C SER A 1319 -18.82 7.15 35.16
N SER A 1320 -19.65 6.27 34.59
CA SER A 1320 -20.93 5.94 35.20
C SER A 1320 -20.77 5.26 36.55
N LEU A 1321 -19.67 4.53 36.75
CA LEU A 1321 -19.41 3.86 38.02
C LEU A 1321 -18.77 4.81 39.03
N ALA A 1322 -17.92 5.71 38.57
CA ALA A 1322 -17.33 6.69 39.48
C ALA A 1322 -18.31 7.79 39.87
N HIS A 1323 -19.31 8.05 39.01
CA HIS A 1323 -20.33 9.04 39.36
C HIS A 1323 -21.17 8.58 40.55
N GLU A 1324 -21.53 7.31 40.57
CA GLU A 1324 -22.47 6.79 41.56
C GLU A 1324 -21.79 6.25 42.81
N SER A 1325 -20.46 6.24 42.86
CA SER A 1325 -19.74 5.62 43.96
C SER A 1325 -19.01 6.66 44.78
N ILE A 1326 -18.97 6.45 46.09
CA ILE A 1326 -18.14 7.25 46.99
C ILE A 1326 -16.79 6.57 47.04
N MET A 1327 -15.78 7.22 46.50
CA MET A 1327 -14.47 6.60 46.30
C MET A 1327 -13.50 7.07 47.38
N CYS A 1328 -12.70 6.13 47.87
CA CYS A 1328 -11.80 6.40 48.98
C CYS A 1328 -10.74 7.42 48.58
N ILE A 1329 -10.24 8.16 49.57
CA ILE A 1329 -9.13 9.07 49.33
C ILE A 1329 -7.93 8.24 48.91
N TYR A 1330 -7.39 8.54 47.72
CA TYR A 1330 -6.32 7.72 47.14
C TYR A 1330 -5.01 8.09 47.82
N ASP A 1331 -4.77 7.45 48.96
CA ASP A 1331 -3.52 7.65 49.68
C ASP A 1331 -2.36 7.12 48.84
N ARG A 1332 -1.35 7.96 48.66
CA ARG A 1332 -0.23 7.64 47.77
C ARG A 1332 0.90 6.97 48.55
N ASN A 1333 1.55 6.00 47.89
CA ASN A 1333 2.66 5.25 48.48
C ASN A 1333 2.20 4.52 49.74
N LYS A 1334 1.11 3.77 49.61
CA LYS A 1334 0.52 3.05 50.73
C LYS A 1334 0.34 1.58 50.38
N PRO A 1335 0.37 0.69 51.38
CA PRO A 1335 0.28 -0.74 51.09
C PRO A 1335 -1.07 -1.18 50.56
N LYS A 1336 -1.20 -2.48 50.27
CA LYS A 1336 -2.44 -3.00 49.68
C LYS A 1336 -3.56 -3.07 50.69
N THR A 1337 -3.26 -3.50 51.92
CA THR A 1337 -4.28 -3.70 52.94
C THR A 1337 -4.37 -2.53 53.92
N ASP A 1338 -3.95 -1.34 53.50
CA ASP A 1338 -4.06 -0.18 54.36
C ASP A 1338 -5.51 0.26 54.48
N VAL A 1339 -5.78 1.09 55.50
CA VAL A 1339 -7.14 1.52 55.77
C VAL A 1339 -7.60 2.53 54.72
N LEU A 1340 -8.80 2.33 54.21
CA LEU A 1340 -9.43 3.25 53.26
C LEU A 1340 -10.30 4.23 54.04
N VAL A 1341 -10.03 5.52 53.87
CA VAL A 1341 -10.40 6.51 54.89
C VAL A 1341 -11.90 6.54 55.17
N PRO A 1342 -12.79 6.72 54.17
CA PRO A 1342 -14.22 6.68 54.48
C PRO A 1342 -14.70 5.24 54.58
N ILE A 1343 -15.03 4.81 55.79
CA ILE A 1343 -15.41 3.41 56.00
C ILE A 1343 -16.61 3.08 55.13
N GLY A 1344 -16.47 2.05 54.30
CA GLY A 1344 -17.51 1.67 53.38
C GLY A 1344 -17.34 2.19 51.97
N CYS A 1345 -16.27 2.93 51.71
CA CYS A 1345 -16.04 3.51 50.39
C CYS A 1345 -15.73 2.41 49.38
N TYR A 1346 -15.63 2.84 48.12
CA TYR A 1346 -15.18 1.99 47.03
C TYR A 1346 -13.82 2.49 46.56
N ASN A 1347 -12.86 1.58 46.42
CA ASN A 1347 -11.50 1.97 46.10
C ASN A 1347 -11.28 1.98 44.59
N PHE A 1348 -12.08 2.78 43.90
CA PHE A 1348 -12.08 2.82 42.44
C PHE A 1348 -11.16 3.89 41.86
N GLN A 1349 -10.46 4.65 42.69
CA GLN A 1349 -9.50 5.62 42.16
C GLN A 1349 -8.39 4.97 41.35
N PRO A 1350 -7.82 3.82 41.74
CA PRO A 1350 -6.88 3.14 40.83
C PRO A 1350 -7.47 2.83 39.46
N ALA A 1351 -8.74 2.42 39.40
CA ALA A 1351 -9.35 2.11 38.11
C ALA A 1351 -9.61 3.37 37.31
N VAL A 1352 -9.93 4.47 37.98
CA VAL A 1352 -10.14 5.74 37.28
C VAL A 1352 -8.83 6.25 36.68
N ASP A 1353 -7.72 6.04 37.39
CA ASP A 1353 -6.42 6.46 36.89
C ASP A 1353 -5.97 5.67 35.67
N TRP A 1354 -6.64 4.57 35.32
CA TRP A 1354 -6.33 3.87 34.09
C TRP A 1354 -6.58 4.74 32.88
N VAL A 1355 -7.49 5.70 32.99
CA VAL A 1355 -7.76 6.60 31.88
C VAL A 1355 -6.55 7.47 31.59
N ARG A 1356 -5.81 7.86 32.63
CA ARG A 1356 -4.57 8.61 32.42
C ARG A 1356 -3.57 7.81 31.61
N ARG A 1357 -3.39 6.53 31.98
CA ARG A 1357 -2.39 5.70 31.34
C ARG A 1357 -2.80 5.33 29.92
N TYR A 1358 -4.08 5.04 29.69
CA TYR A 1358 -4.51 4.76 28.33
C TYR A 1358 -4.37 6.00 27.45
N THR A 1359 -4.70 7.17 28.00
CA THR A 1359 -4.60 8.39 27.21
C THR A 1359 -3.17 8.65 26.80
N LEU A 1360 -2.23 8.44 27.71
CA LEU A 1360 -0.82 8.59 27.36
C LEU A 1360 -0.43 7.61 26.25
N SER A 1361 -0.90 6.37 26.35
CA SER A 1361 -0.53 5.35 25.37
C SER A 1361 -1.02 5.70 23.97
N ILE A 1362 -2.27 6.15 23.86
CA ILE A 1362 -2.80 6.49 22.54
C ILE A 1362 -2.33 7.86 22.07
N PHE A 1363 -1.83 8.69 22.99
CA PHE A 1363 -1.15 9.93 22.63
C PHE A 1363 0.19 9.64 21.99
N ILE A 1364 0.98 8.75 22.59
CA ILE A 1364 2.27 8.37 22.04
C ILE A 1364 2.10 7.67 20.71
N VAL A 1365 1.11 6.79 20.61
CA VAL A 1365 0.89 6.04 19.39
C VAL A 1365 0.58 6.97 18.23
N PHE A 1366 -0.10 8.09 18.50
CA PHE A 1366 -0.39 9.05 17.45
C PHE A 1366 0.86 9.81 17.00
N TRP A 1367 1.65 10.29 17.95
CA TRP A 1367 2.79 11.13 17.63
C TRP A 1367 4.05 10.35 17.26
N ILE A 1368 4.03 9.02 17.34
CA ILE A 1368 5.22 8.27 16.96
C ILE A 1368 5.26 8.05 15.46
N ALA A 1369 4.11 8.14 14.78
CA ALA A 1369 4.11 7.97 13.34
C ALA A 1369 4.74 9.16 12.61
N PHE A 1370 5.13 10.20 13.34
CA PHE A 1370 5.78 11.36 12.76
C PHE A 1370 7.30 11.36 12.93
N VAL A 1371 7.83 10.50 13.81
CA VAL A 1371 9.27 10.50 14.06
C VAL A 1371 10.08 10.13 12.82
N PRO A 1372 9.76 9.06 12.09
CA PRO A 1372 10.51 8.80 10.84
C PRO A 1372 10.31 9.86 9.78
N ILE A 1373 9.29 10.70 9.91
CA ILE A 1373 9.06 11.74 8.92
C ILE A 1373 9.99 12.92 9.16
N VAL A 1374 10.07 13.36 10.41
CA VAL A 1374 10.91 14.49 10.77
C VAL A 1374 12.38 14.14 10.66
N VAL A 1375 12.76 12.95 11.14
CA VAL A 1375 14.17 12.56 11.14
C VAL A 1375 14.69 12.46 9.71
N GLN A 1376 13.86 11.98 8.78
CA GLN A 1376 14.29 11.84 7.40
C GLN A 1376 14.62 13.19 6.79
N GLU A 1377 13.73 14.16 6.93
CA GLU A 1377 13.97 15.49 6.36
C GLU A 1377 15.01 16.26 7.15
N LEU A 1378 15.07 16.04 8.47
CA LEU A 1378 16.07 16.71 9.29
C LEU A 1378 17.48 16.23 8.97
N ILE A 1379 17.63 15.03 8.42
CA ILE A 1379 18.96 14.47 8.20
C ILE A 1379 19.49 14.74 6.79
N GLU A 1380 18.64 15.19 5.87
CA GLU A 1380 19.09 15.54 4.53
C GLU A 1380 18.98 17.04 4.27
N ARG A 1381 17.79 17.62 4.45
CA ARG A 1381 17.66 19.07 4.33
C ARG A 1381 18.39 19.78 5.47
N GLY A 1382 18.15 19.35 6.71
CA GLY A 1382 19.02 19.67 7.82
C GLY A 1382 18.45 20.43 8.99
N LEU A 1383 17.69 21.50 8.78
CA LEU A 1383 17.28 22.29 9.94
C LEU A 1383 15.81 22.70 9.97
N TRP A 1384 15.23 22.99 8.80
CA TRP A 1384 13.94 23.69 8.79
C TRP A 1384 12.93 23.04 7.85
N LYS A 1385 13.40 22.36 6.80
CA LYS A 1385 12.49 21.67 5.90
C LYS A 1385 11.81 20.48 6.57
N ALA A 1386 12.30 20.02 7.72
CA ALA A 1386 11.57 19.03 8.49
C ALA A 1386 10.23 19.59 8.95
N THR A 1387 10.19 20.87 9.32
CA THR A 1387 8.96 21.49 9.78
C THR A 1387 7.89 21.48 8.70
N GLN A 1388 8.26 21.78 7.45
CA GLN A 1388 7.27 21.79 6.38
C GLN A 1388 6.71 20.40 6.13
N ARG A 1389 7.56 19.36 6.12
CA ARG A 1389 7.06 18.00 5.95
C ARG A 1389 6.32 17.54 7.20
N PHE A 1390 6.72 18.02 8.37
CA PHE A 1390 5.97 17.73 9.59
C PHE A 1390 4.56 18.30 9.51
N PHE A 1391 4.44 19.51 8.96
CA PHE A 1391 3.13 20.16 8.86
C PHE A 1391 2.36 19.74 7.62
N CYS A 1392 3.05 19.40 6.53
CA CYS A 1392 2.36 18.80 5.39
C CYS A 1392 1.75 17.46 5.77
N HIS A 1393 2.48 16.66 6.54
CA HIS A 1393 1.95 15.37 7.01
C HIS A 1393 0.82 15.57 8.00
N LEU A 1394 1.00 16.51 8.95
CA LEU A 1394 -0.02 16.74 9.96
C LEU A 1394 -1.29 17.32 9.36
N LEU A 1395 -1.16 18.28 8.43
CA LEU A 1395 -2.33 18.88 7.81
C LEU A 1395 -3.07 17.89 6.92
N SER A 1396 -2.32 17.01 6.24
CA SER A 1396 -2.96 16.05 5.35
C SER A 1396 -3.88 15.11 6.12
N LEU A 1397 -3.46 14.66 7.30
CA LEU A 1397 -4.24 13.79 8.17
C LEU A 1397 -4.69 12.52 7.45
N SER A 1434 -12.64 27.19 -5.01
CA SER A 1434 -13.77 28.05 -4.75
C SER A 1434 -14.23 27.96 -3.31
N ARG A 1435 -15.38 27.32 -3.09
CA ARG A 1435 -15.92 27.14 -1.74
C ARG A 1435 -16.89 25.96 -1.80
N ILE A 1436 -16.46 24.82 -1.31
CA ILE A 1436 -17.32 23.62 -1.33
C ILE A 1436 -18.49 23.85 -0.36
N PRO A 1437 -19.73 23.69 -0.80
CA PRO A 1437 -20.86 23.99 0.06
C PRO A 1437 -21.07 22.94 1.13
N PHE A 1438 -21.78 23.34 2.18
CA PHE A 1438 -22.11 22.43 3.27
C PHE A 1438 -22.99 21.29 2.81
N SER A 1439 -23.76 21.47 1.73
CA SER A 1439 -24.62 20.40 1.25
C SER A 1439 -23.80 19.21 0.77
N ILE A 1440 -22.59 19.44 0.28
CA ILE A 1440 -21.75 18.39 -0.27
C ILE A 1440 -20.58 18.06 0.65
N LEU A 1441 -19.98 19.08 1.26
CA LEU A 1441 -18.84 18.83 2.16
C LEU A 1441 -19.26 17.98 3.35
N TYR A 1442 -20.39 18.30 3.97
CA TYR A 1442 -20.88 17.52 5.09
C TYR A 1442 -21.27 16.11 4.66
N SER A 1443 -21.90 15.98 3.49
CA SER A 1443 -22.36 14.68 3.03
C SER A 1443 -21.24 13.78 2.55
N ARG A 1444 -20.06 14.33 2.27
CA ARG A 1444 -18.94 13.50 1.85
C ARG A 1444 -18.23 12.85 3.01
N PHE A 1445 -18.35 13.42 4.21
CA PHE A 1445 -17.71 12.87 5.40
C PHE A 1445 -18.74 12.48 6.47
N ALA A 1446 -20.03 12.46 6.13
CA ALA A 1446 -21.04 12.12 7.12
C ALA A 1446 -20.86 10.70 7.60
N GLY A 1447 -20.80 9.74 6.68
CA GLY A 1447 -20.62 8.35 7.04
C GLY A 1447 -19.20 7.92 7.26
N SER A 1448 -18.24 8.84 7.16
CA SER A 1448 -16.83 8.53 7.31
C SER A 1448 -16.30 8.93 8.68
N ALA A 1449 -16.49 10.18 9.08
CA ALA A 1449 -15.95 10.67 10.34
C ALA A 1449 -16.99 11.40 11.17
N ILE A 1450 -17.93 12.07 10.50
CA ILE A 1450 -18.83 12.98 11.21
C ILE A 1450 -19.79 12.21 12.09
N TYR A 1451 -20.39 11.14 11.57
CA TYR A 1451 -21.40 10.41 12.34
C TYR A 1451 -20.76 9.71 13.53
N MET A 1452 -19.67 8.97 13.31
CA MET A 1452 -19.01 8.28 14.40
C MET A 1452 -18.43 9.27 15.40
N GLY A 1453 -17.82 10.35 14.91
CA GLY A 1453 -17.25 11.34 15.80
C GLY A 1453 -18.28 12.17 16.54
N ALA A 1454 -19.52 12.20 16.07
CA ALA A 1454 -20.58 12.88 16.80
C ALA A 1454 -21.22 11.98 17.84
N ARG A 1455 -21.20 10.67 17.63
CA ARG A 1455 -21.63 9.74 18.67
C ARG A 1455 -20.56 9.59 19.74
N SER A 1456 -19.29 9.61 19.35
CA SER A 1456 -18.21 9.51 20.32
C SER A 1456 -18.09 10.79 21.14
N MET A 1457 -18.52 11.92 20.58
CA MET A 1457 -18.45 13.18 21.32
C MET A 1457 -19.57 13.29 22.34
N LEU A 1458 -20.73 12.69 22.05
CA LEU A 1458 -21.77 12.55 23.07
C LEU A 1458 -21.30 11.66 24.20
N MET A 1459 -20.66 10.54 23.86
CA MET A 1459 -20.12 9.64 24.87
C MET A 1459 -18.97 10.29 25.63
N LEU A 1460 -18.12 11.05 24.93
CA LEU A 1460 -17.07 11.80 25.60
C LEU A 1460 -17.66 12.90 26.47
N LEU A 1461 -18.75 13.52 26.02
CA LEU A 1461 -19.40 14.54 26.84
C LEU A 1461 -19.92 13.96 28.14
N PHE A 1462 -20.55 12.78 28.09
CA PHE A 1462 -20.99 12.14 29.32
C PHE A 1462 -19.81 11.85 30.25
N GLY A 1463 -18.70 11.37 29.68
CA GLY A 1463 -17.56 11.01 30.51
C GLY A 1463 -17.03 12.16 31.33
N THR A 1464 -16.92 13.35 30.73
CA THR A 1464 -16.31 14.48 31.43
C THR A 1464 -17.22 15.03 32.51
N VAL A 1465 -18.52 15.17 32.23
CA VAL A 1465 -19.43 15.70 33.24
C VAL A 1465 -19.64 14.68 34.35
N ALA A 1466 -19.76 13.39 34.00
CA ALA A 1466 -19.97 12.36 35.02
C ALA A 1466 -18.77 12.24 35.94
N HIS A 1467 -17.57 12.30 35.39
CA HIS A 1467 -16.35 12.30 36.20
C HIS A 1467 -15.26 12.99 35.40
N TRP A 1468 -14.87 14.19 35.83
CA TRP A 1468 -13.90 14.98 35.07
C TRP A 1468 -12.49 14.48 35.32
N GLN A 1469 -11.74 14.24 34.24
CA GLN A 1469 -10.32 13.97 34.30
C GLN A 1469 -9.62 14.82 33.25
N ALA A 1470 -8.46 15.37 33.62
CA ALA A 1470 -7.69 16.17 32.69
C ALA A 1470 -7.34 15.46 31.38
N PRO A 1471 -6.92 14.19 31.36
CA PRO A 1471 -6.53 13.58 30.08
C PRO A 1471 -7.63 13.55 29.05
N LEU A 1472 -8.89 13.68 29.45
CA LEU A 1472 -9.99 13.66 28.50
C LEU A 1472 -9.94 14.84 27.53
N LEU A 1473 -9.15 15.86 27.85
CA LEU A 1473 -9.03 17.02 26.97
C LEU A 1473 -8.43 16.64 25.62
N TRP A 1474 -7.48 15.71 25.61
CA TRP A 1474 -6.89 15.31 24.35
C TRP A 1474 -7.89 14.63 23.44
N PHE A 1475 -8.86 13.92 24.00
CA PHE A 1475 -9.91 13.34 23.18
C PHE A 1475 -10.89 14.40 22.69
N TRP A 1476 -10.99 15.53 23.39
CA TRP A 1476 -11.76 16.65 22.88
C TRP A 1476 -11.07 17.29 21.68
N ALA A 1477 -9.77 17.54 21.80
CA ALA A 1477 -9.03 18.13 20.68
C ALA A 1477 -9.01 17.20 19.48
N SER A 1478 -8.78 15.91 19.71
CA SER A 1478 -8.70 14.96 18.61
C SER A 1478 -10.06 14.67 17.98
N LEU A 1479 -11.15 14.97 18.68
CA LEU A 1479 -12.49 14.80 18.11
C LEU A 1479 -13.04 16.10 17.56
N SER A 1480 -12.65 17.24 18.11
CA SER A 1480 -12.98 18.52 17.51
C SER A 1480 -12.33 18.63 16.12
N SER A 1481 -11.06 18.26 16.03
CA SER A 1481 -10.38 18.30 14.74
C SER A 1481 -11.02 17.34 13.75
N LEU A 1482 -11.41 16.15 14.21
CA LEU A 1482 -11.98 15.17 13.31
C LEU A 1482 -13.27 15.67 12.68
N ILE A 1483 -14.02 16.51 13.39
CA ILE A 1483 -15.28 17.03 12.88
C ILE A 1483 -15.12 18.37 12.18
N PHE A 1484 -14.31 19.26 12.76
CA PHE A 1484 -14.20 20.64 12.30
C PHE A 1484 -12.98 20.87 11.41
N ALA A 1485 -12.41 19.83 10.83
CA ALA A 1485 -11.32 20.03 9.88
C ALA A 1485 -11.85 20.42 8.50
N PRO A 1486 -12.78 19.65 7.90
CA PRO A 1486 -13.24 20.02 6.56
C PRO A 1486 -13.89 21.40 6.48
N PHE A 1487 -14.46 21.89 7.57
CA PHE A 1487 -15.13 23.18 7.56
C PHE A 1487 -14.23 24.32 8.02
N VAL A 1488 -12.96 24.04 8.33
CA VAL A 1488 -12.03 25.09 8.72
C VAL A 1488 -11.02 25.37 7.62
N PHE A 1489 -10.85 24.48 6.65
CA PHE A 1489 -9.97 24.70 5.52
C PHE A 1489 -10.71 24.96 4.22
N ASN A 1490 -12.03 24.99 4.26
CA ASN A 1490 -12.79 25.35 3.07
C ASN A 1490 -12.60 26.84 2.79
N PRO A 1491 -12.10 27.23 1.62
CA PRO A 1491 -11.93 28.65 1.33
C PRO A 1491 -13.25 29.40 1.33
N HIS A 1492 -13.23 30.59 1.94
CA HIS A 1492 -14.40 31.47 2.04
C HIS A 1492 -15.54 30.85 2.83
N GLN A 1493 -15.21 30.06 3.84
CA GLN A 1493 -16.24 29.46 4.68
C GLN A 1493 -16.71 30.44 5.77
N PHE A 1494 -15.88 31.39 6.15
CA PHE A 1494 -16.00 32.08 7.43
C PHE A 1494 -16.46 33.52 7.30
N ALA A 1495 -16.70 34.02 6.08
CA ALA A 1495 -17.21 35.37 5.92
C ALA A 1495 -18.70 35.40 6.19
N TRP A 1496 -19.18 36.57 6.61
CA TRP A 1496 -20.59 36.69 6.97
C TRP A 1496 -21.50 36.47 5.76
N GLU A 1497 -21.26 37.19 4.67
CA GLU A 1497 -22.23 37.24 3.59
C GLU A 1497 -22.38 35.90 2.89
N ASP A 1498 -21.27 35.19 2.66
CA ASP A 1498 -21.36 33.91 1.96
C ASP A 1498 -21.76 32.77 2.89
N PHE A 1499 -21.68 32.99 4.21
CA PHE A 1499 -22.06 31.95 5.16
C PHE A 1499 -23.54 31.64 5.08
N PHE A 1500 -24.37 32.68 5.15
CA PHE A 1500 -25.81 32.50 5.20
C PHE A 1500 -26.43 32.18 3.85
N LEU A 1501 -25.69 32.42 2.76
CA LEU A 1501 -26.15 31.92 1.47
C LEU A 1501 -25.87 30.43 1.32
N ASP A 1502 -24.81 29.94 1.96
CA ASP A 1502 -24.57 28.49 2.00
C ASP A 1502 -25.65 27.79 2.81
N TYR A 1503 -26.11 28.41 3.90
CA TYR A 1503 -27.21 27.82 4.65
C TYR A 1503 -28.45 27.69 3.78
N ARG A 1504 -28.69 28.68 2.92
CA ARG A 1504 -29.87 28.64 2.06
C ARG A 1504 -29.86 27.40 1.18
N ASP A 1505 -28.75 27.13 0.50
CA ASP A 1505 -28.69 25.94 -0.33
C ASP A 1505 -28.60 24.68 0.50
N TYR A 1506 -28.18 24.77 1.76
CA TYR A 1506 -28.21 23.61 2.64
C TYR A 1506 -29.64 23.15 2.90
N ILE A 1507 -30.54 24.10 3.14
CA ILE A 1507 -31.93 23.75 3.41
C ILE A 1507 -32.59 23.20 2.16
N ARG A 1508 -32.36 23.83 1.01
CA ARG A 1508 -32.90 23.32 -0.24
C ARG A 1508 -32.43 21.89 -0.51
N TRP A 1509 -31.19 21.58 -0.13
CA TRP A 1509 -30.70 20.22 -0.27
C TRP A 1509 -31.47 19.25 0.61
N LEU A 1510 -31.85 19.70 1.81
CA LEU A 1510 -32.53 18.80 2.75
C LEU A 1510 -33.90 18.39 2.24
N SER A 1511 -34.71 19.36 1.84
CA SER A 1511 -36.08 19.06 1.42
C SER A 1511 -36.13 18.40 0.04
N ARG A 1512 -35.32 18.89 -0.90
CA ARG A 1512 -35.44 18.46 -2.28
C ARG A 1512 -34.89 17.04 -2.46
N GLY A 1513 -35.15 16.49 -3.65
CA GLY A 1513 -34.85 15.11 -3.96
C GLY A 1513 -36.07 14.26 -4.25
N ASN A 1514 -37.25 14.76 -3.94
CA ASN A 1514 -38.49 14.04 -4.24
C ASN A 1514 -39.05 14.51 -5.58
N THR A 1558 -24.47 -14.24 5.93
CA THR A 1558 -24.08 -14.05 7.32
C THR A 1558 -22.89 -13.10 7.42
N ASN A 1559 -22.55 -12.47 6.30
CA ASN A 1559 -21.42 -11.56 6.26
C ASN A 1559 -21.77 -10.17 6.81
N LEU A 1560 -23.02 -9.73 6.64
CA LEU A 1560 -23.43 -8.46 7.21
C LEU A 1560 -23.67 -8.56 8.71
N ILE A 1561 -24.18 -9.70 9.18
CA ILE A 1561 -24.47 -9.87 10.60
C ILE A 1561 -23.17 -9.88 11.40
N MET A 1562 -22.18 -10.64 10.94
CA MET A 1562 -20.94 -10.83 11.68
C MET A 1562 -19.94 -9.71 11.48
N ALA A 1563 -20.32 -8.62 10.81
CA ALA A 1563 -19.40 -7.52 10.53
C ALA A 1563 -19.77 -6.24 11.24
N GLU A 1564 -21.05 -5.82 11.17
CA GLU A 1564 -21.45 -4.58 11.82
C GLU A 1564 -22.82 -4.65 12.47
N ILE A 1565 -23.34 -5.85 12.75
CA ILE A 1565 -24.62 -6.02 13.45
C ILE A 1565 -24.38 -6.42 14.89
N ILE A 1566 -23.62 -7.49 15.12
CA ILE A 1566 -23.21 -7.83 16.48
C ILE A 1566 -22.32 -6.77 17.08
N PRO A 1567 -21.34 -6.19 16.37
CA PRO A 1567 -20.62 -5.04 16.95
C PRO A 1567 -21.52 -3.88 17.30
N CYS A 1568 -22.61 -3.67 16.56
CA CYS A 1568 -23.56 -2.62 16.88
C CYS A 1568 -24.45 -2.97 18.07
N ALA A 1569 -24.72 -4.26 18.29
CA ALA A 1569 -25.50 -4.68 19.44
C ALA A 1569 -24.67 -4.64 20.73
N ILE A 1570 -23.40 -5.01 20.63
CA ILE A 1570 -22.51 -4.96 21.79
C ILE A 1570 -22.36 -3.53 22.30
N TYR A 1571 -22.23 -2.59 21.37
CA TYR A 1571 -22.14 -1.18 21.75
C TYR A 1571 -23.42 -0.69 22.41
N ALA A 1572 -24.58 -1.09 21.89
CA ALA A 1572 -25.83 -0.71 22.52
C ALA A 1572 -25.98 -1.34 23.89
N ALA A 1573 -25.55 -2.59 24.04
CA ALA A 1573 -25.60 -3.25 25.34
C ALA A 1573 -24.67 -2.56 26.34
N GLY A 1574 -23.47 -2.19 25.90
CA GLY A 1574 -22.54 -1.52 26.79
C GLY A 1574 -23.02 -0.17 27.25
N CYS A 1575 -23.72 0.56 26.40
CA CYS A 1575 -24.34 1.82 26.82
C CYS A 1575 -25.58 1.58 27.65
N PHE A 1576 -26.29 0.47 27.40
CA PHE A 1576 -27.46 0.13 28.21
C PHE A 1576 -27.06 -0.19 29.64
N ILE A 1577 -25.95 -0.90 29.84
CA ILE A 1577 -25.46 -1.19 31.18
C ILE A 1577 -25.11 0.09 31.91
N ALA A 1578 -24.42 1.01 31.23
CA ALA A 1578 -24.02 2.26 31.85
C ALA A 1578 -25.23 3.08 32.24
N PHE A 1579 -26.27 3.06 31.41
CA PHE A 1579 -27.49 3.81 31.70
C PHE A 1579 -28.19 3.26 32.93
N THR A 1580 -28.41 1.94 32.96
CA THR A 1580 -29.18 1.35 34.06
C THR A 1580 -28.43 1.43 35.39
N PHE A 1581 -27.10 1.44 35.36
CA PHE A 1581 -26.35 1.53 36.62
C PHE A 1581 -26.42 2.94 37.20
N ILE A 1582 -26.43 3.97 36.35
CA ILE A 1582 -26.50 5.33 36.85
C ILE A 1582 -27.86 5.66 37.45
N ASN A 1583 -28.87 4.83 37.16
CA ASN A 1583 -30.18 4.94 37.79
C ASN A 1583 -30.40 3.87 38.85
N ALA A 1584 -29.36 3.13 39.24
CA ALA A 1584 -29.48 2.02 40.15
C ALA A 1584 -29.50 2.43 41.61
N GLN A 1585 -29.39 3.72 41.89
CA GLN A 1585 -29.44 4.23 43.26
C GLN A 1585 -28.40 3.56 44.14
N THR A 1586 -27.15 3.66 43.72
CA THR A 1586 -26.06 3.04 44.45
C THR A 1586 -25.83 3.77 45.76
N GLY A 1587 -26.09 3.11 46.88
CA GLY A 1587 -25.85 3.69 48.17
C GLY A 1587 -27.03 4.44 48.76
N VAL A 1588 -28.24 4.13 48.34
CA VAL A 1588 -29.45 4.74 48.88
C VAL A 1588 -30.16 3.68 49.72
N LYS A 1589 -30.56 4.05 50.93
CA LYS A 1589 -31.21 3.12 51.85
C LYS A 1589 -32.63 2.88 51.36
N THR A 1590 -32.82 1.82 50.58
CA THR A 1590 -34.08 1.54 49.93
C THR A 1590 -34.60 0.16 50.35
N THR A 1591 -35.82 -0.12 49.92
CA THR A 1591 -36.44 -1.44 50.05
C THR A 1591 -36.71 -1.99 48.66
N ASP A 1592 -37.45 -3.10 48.60
CA ASP A 1592 -37.67 -3.80 47.35
C ASP A 1592 -38.60 -3.05 46.40
N ASP A 1593 -39.36 -2.06 46.87
CA ASP A 1593 -40.27 -1.33 46.01
C ASP A 1593 -39.72 0.02 45.56
N ASP A 1594 -38.51 0.38 45.97
CA ASP A 1594 -37.87 1.60 45.52
C ASP A 1594 -37.10 1.40 44.22
N ARG A 1595 -37.27 0.27 43.57
CA ARG A 1595 -36.64 0.03 42.28
C ARG A 1595 -37.26 0.92 41.22
N VAL A 1596 -36.41 1.50 40.38
CA VAL A 1596 -36.86 2.36 39.29
C VAL A 1596 -36.99 1.51 38.04
N ASN A 1597 -37.88 1.91 37.15
CA ASN A 1597 -38.01 1.24 35.86
C ASN A 1597 -37.31 2.10 34.81
N SER A 1598 -35.98 2.04 34.82
CA SER A 1598 -35.19 2.75 33.83
C SER A 1598 -35.04 1.99 32.53
N VAL A 1599 -35.47 0.72 32.48
CA VAL A 1599 -35.53 0.01 31.22
C VAL A 1599 -36.67 0.53 30.36
N LEU A 1600 -37.79 0.90 30.98
CA LEU A 1600 -38.91 1.46 30.23
C LEU A 1600 -38.55 2.78 29.57
N ARG A 1601 -37.79 3.63 30.27
CA ARG A 1601 -37.38 4.91 29.71
C ARG A 1601 -36.65 4.73 28.38
N ILE A 1602 -35.91 3.63 28.24
CA ILE A 1602 -35.24 3.37 26.97
C ILE A 1602 -36.26 3.05 25.88
N ILE A 1603 -37.24 2.19 26.20
CA ILE A 1603 -38.24 1.80 25.22
C ILE A 1603 -39.09 3.01 24.81
N ILE A 1604 -39.48 3.83 25.78
CA ILE A 1604 -40.34 4.97 25.48
C ILE A 1604 -39.62 5.99 24.62
N CYS A 1605 -38.32 6.19 24.83
CA CYS A 1605 -37.56 7.16 24.06
C CYS A 1605 -36.85 6.56 22.86
N THR A 1606 -37.05 5.27 22.60
CA THR A 1606 -36.47 4.63 21.41
C THR A 1606 -37.53 4.28 20.36
N LEU A 1607 -38.63 3.64 20.76
CA LEU A 1607 -39.64 3.24 19.80
C LEU A 1607 -40.62 4.36 19.46
N ALA A 1608 -40.96 5.21 20.43
CA ALA A 1608 -42.01 6.20 20.20
C ALA A 1608 -41.67 7.18 19.09
N PRO A 1609 -40.49 7.81 19.05
CA PRO A 1609 -40.16 8.61 17.86
C PRO A 1609 -40.17 7.80 16.58
N ILE A 1610 -39.82 6.51 16.64
CA ILE A 1610 -39.92 5.67 15.46
C ILE A 1610 -41.38 5.41 15.11
N ALA A 1611 -42.23 5.19 16.12
CA ALA A 1611 -43.63 4.88 15.86
C ALA A 1611 -44.34 6.06 15.20
N VAL A 1612 -44.16 7.26 15.73
CA VAL A 1612 -44.77 8.44 15.14
C VAL A 1612 -44.19 8.73 13.76
N ASN A 1613 -42.96 8.28 13.49
CA ASN A 1613 -42.44 8.40 12.13
C ASN A 1613 -43.23 7.52 11.18
N LEU A 1614 -43.60 6.32 11.62
CA LEU A 1614 -44.45 5.46 10.81
C LEU A 1614 -45.90 5.92 10.81
N GLY A 1615 -46.37 6.51 11.91
CA GLY A 1615 -47.76 6.93 11.97
C GLY A 1615 -48.11 7.99 10.94
N VAL A 1616 -47.18 8.91 10.68
CA VAL A 1616 -47.46 9.94 9.70
C VAL A 1616 -47.37 9.39 8.28
N LEU A 1617 -46.57 8.36 8.05
CA LEU A 1617 -46.51 7.78 6.72
C LEU A 1617 -47.83 7.09 6.33
N PHE A 1618 -48.64 6.71 7.31
CA PHE A 1618 -49.99 6.25 7.02
C PHE A 1618 -50.96 7.39 6.77
N PHE A 1619 -50.60 8.63 7.14
CA PHE A 1619 -51.36 9.79 6.70
C PHE A 1619 -51.06 10.12 5.25
N CYS A 1620 -49.81 9.97 4.82
CA CYS A 1620 -49.46 10.23 3.43
C CYS A 1620 -50.16 9.26 2.49
N MET A 1621 -50.23 7.98 2.88
CA MET A 1621 -51.00 7.01 2.11
C MET A 1621 -52.49 7.31 2.20
N GLY A 1622 -52.95 7.83 3.34
CA GLY A 1622 -54.33 8.28 3.47
C GLY A 1622 -54.60 9.64 2.88
N MET A 1623 -53.54 10.38 2.52
CA MET A 1623 -53.70 11.68 1.87
C MET A 1623 -52.82 11.76 0.63
N GLY A 1639 -44.62 17.05 -4.81
CA GLY A 1639 -44.66 16.18 -3.65
C GLY A 1639 -43.78 16.66 -2.52
N SER A 1640 -43.58 17.97 -2.44
CA SER A 1640 -42.73 18.56 -1.41
C SER A 1640 -43.53 19.02 -0.19
N VAL A 1641 -44.71 19.60 -0.40
CA VAL A 1641 -45.49 20.10 0.71
C VAL A 1641 -46.01 18.95 1.56
N MET A 1642 -46.38 17.84 0.92
CA MET A 1642 -46.88 16.67 1.63
C MET A 1642 -45.76 15.81 2.22
N ALA A 1643 -44.51 16.13 1.92
CA ALA A 1643 -43.36 15.41 2.47
C ALA A 1643 -42.63 16.21 3.53
N GLY A 1644 -42.41 17.51 3.29
CA GLY A 1644 -41.77 18.36 4.28
C GLY A 1644 -42.55 18.48 5.57
N ILE A 1645 -43.85 18.19 5.54
CA ILE A 1645 -44.63 18.10 6.77
C ILE A 1645 -44.22 16.86 7.55
N ALA A 1646 -43.98 15.74 6.85
CA ALA A 1646 -43.50 14.54 7.52
C ALA A 1646 -42.05 14.68 7.93
N HIS A 1647 -41.23 15.32 7.08
CA HIS A 1647 -39.85 15.57 7.45
C HIS A 1647 -39.75 16.49 8.67
N GLY A 1648 -40.58 17.54 8.70
CA GLY A 1648 -40.59 18.41 9.85
C GLY A 1648 -41.05 17.72 11.11
N VAL A 1649 -41.97 16.75 11.00
CA VAL A 1649 -42.50 16.09 12.18
C VAL A 1649 -41.43 15.22 12.83
N ALA A 1650 -40.62 14.53 12.03
CA ALA A 1650 -39.58 13.67 12.60
C ALA A 1650 -38.57 14.48 13.39
N VAL A 1651 -38.19 15.66 12.89
CA VAL A 1651 -37.27 16.51 13.63
C VAL A 1651 -37.88 16.95 14.95
N ILE A 1652 -39.16 17.30 14.93
CA ILE A 1652 -39.82 17.78 16.16
C ILE A 1652 -39.86 16.68 17.21
N VAL A 1653 -40.22 15.46 16.81
CA VAL A 1653 -40.40 14.40 17.79
C VAL A 1653 -39.05 13.93 18.34
N HIS A 1654 -38.03 13.86 17.50
CA HIS A 1654 -36.72 13.41 17.98
C HIS A 1654 -36.15 14.38 18.99
N ILE A 1655 -36.32 15.69 18.76
CA ILE A 1655 -35.91 16.67 19.75
C ILE A 1655 -36.82 16.58 20.97
N ALA A 1656 -38.10 16.31 20.77
CA ALA A 1656 -39.04 16.25 21.89
C ALA A 1656 -38.70 15.11 22.85
N PHE A 1657 -38.14 14.01 22.35
CA PHE A 1657 -37.81 12.89 23.22
C PHE A 1657 -36.42 12.99 23.84
N PHE A 1658 -35.51 13.76 23.24
CA PHE A 1658 -34.38 14.24 24.01
C PHE A 1658 -34.87 15.01 25.23
N ILE A 1659 -35.99 15.71 25.10
CA ILE A 1659 -36.55 16.43 26.23
C ILE A 1659 -37.35 15.49 27.14
N VAL A 1660 -37.99 14.47 26.57
CA VAL A 1660 -38.69 13.49 27.39
C VAL A 1660 -37.74 12.70 28.28
N MET A 1661 -36.59 12.27 27.78
CA MET A 1661 -35.63 11.61 28.65
C MET A 1661 -35.11 12.55 29.72
N TRP A 1662 -34.85 13.81 29.38
CA TRP A 1662 -34.33 14.75 30.37
C TRP A 1662 -35.27 14.90 31.56
N VAL A 1663 -36.57 14.74 31.35
CA VAL A 1663 -37.50 14.87 32.47
C VAL A 1663 -37.76 13.53 33.15
N LEU A 1664 -37.64 12.42 32.41
CA LEU A 1664 -37.77 11.12 33.05
C LEU A 1664 -36.66 10.87 34.06
N GLU A 1665 -35.52 11.53 33.89
CA GLU A 1665 -34.45 11.49 34.88
C GLU A 1665 -34.57 12.61 35.90
N SER A 1666 -35.72 13.28 35.95
CA SER A 1666 -35.95 14.39 36.89
C SER A 1666 -34.93 15.49 36.69
N PHE A 1667 -34.70 15.85 35.43
CA PHE A 1667 -33.89 17.00 35.05
C PHE A 1667 -32.44 16.86 35.49
N ASN A 1668 -31.88 15.68 35.35
CA ASN A 1668 -30.47 15.46 35.60
C ASN A 1668 -29.74 15.44 34.28
N PHE A 1669 -28.82 16.38 34.09
CA PHE A 1669 -28.10 16.48 32.83
C PHE A 1669 -27.20 15.27 32.61
N VAL A 1670 -26.55 14.79 33.66
CA VAL A 1670 -25.62 13.67 33.52
C VAL A 1670 -26.37 12.40 33.15
N ARG A 1671 -27.47 12.12 33.85
CA ARG A 1671 -28.22 10.90 33.57
C ARG A 1671 -28.93 10.95 32.23
N MET A 1672 -29.25 12.15 31.73
CA MET A 1672 -29.87 12.24 30.41
C MET A 1672 -28.88 11.87 29.31
N LEU A 1673 -27.64 12.35 29.41
CA LEU A 1673 -26.66 12.15 28.35
C LEU A 1673 -26.47 10.67 28.04
N ILE A 1674 -26.30 9.85 29.08
CA ILE A 1674 -26.20 8.41 28.87
C ILE A 1674 -27.54 7.84 28.47
N GLY A 1675 -28.64 8.50 28.82
CA GLY A 1675 -29.94 8.05 28.34
C GLY A 1675 -30.13 8.28 26.86
N VAL A 1676 -29.74 9.46 26.37
CA VAL A 1676 -29.89 9.78 24.97
C VAL A 1676 -28.90 8.98 24.12
N VAL A 1677 -27.68 8.82 24.61
CA VAL A 1677 -26.69 8.02 23.89
C VAL A 1677 -27.19 6.59 23.72
N THR A 1678 -27.79 6.02 24.76
CA THR A 1678 -28.32 4.67 24.66
C THR A 1678 -29.41 4.57 23.60
N CYS A 1679 -30.31 5.56 23.56
CA CYS A 1679 -31.40 5.54 22.60
C CYS A 1679 -30.90 5.70 21.17
N ILE A 1680 -29.92 6.57 20.95
CA ILE A 1680 -29.33 6.71 19.61
C ILE A 1680 -28.72 5.39 19.17
N GLN A 1681 -27.98 4.73 20.07
CA GLN A 1681 -27.38 3.45 19.74
C GLN A 1681 -28.42 2.36 19.58
N CYS A 1682 -29.55 2.47 20.28
CA CYS A 1682 -30.58 1.44 20.17
C CYS A 1682 -31.34 1.55 18.86
N GLN A 1683 -31.62 2.78 18.41
CA GLN A 1683 -32.26 2.95 17.11
C GLN A 1683 -31.33 2.56 15.97
N ARG A 1684 -30.03 2.80 16.12
CA ARG A 1684 -29.08 2.36 15.10
C ARG A 1684 -29.07 0.84 14.99
N LEU A 1685 -29.12 0.14 16.12
CA LEU A 1685 -29.24 -1.31 16.08
C LEU A 1685 -30.56 -1.75 15.46
N ILE A 1686 -31.63 -1.00 15.75
CA ILE A 1686 -32.95 -1.36 15.23
C ILE A 1686 -32.96 -1.28 13.71
N PHE A 1687 -32.43 -0.19 13.15
CA PHE A 1687 -32.41 -0.04 11.71
C PHE A 1687 -31.39 -0.98 11.08
N HIS A 1688 -30.27 -1.22 11.76
CA HIS A 1688 -29.22 -2.07 11.20
C HIS A 1688 -29.72 -3.49 10.98
N CYS A 1689 -30.46 -4.04 11.95
CA CYS A 1689 -31.02 -5.37 11.75
C CYS A 1689 -32.22 -5.31 10.81
N MET A 1690 -32.96 -4.20 10.81
CA MET A 1690 -34.06 -4.04 9.86
C MET A 1690 -33.54 -3.95 8.43
N THR A 1691 -32.47 -3.18 8.21
CA THR A 1691 -31.95 -3.01 6.86
C THR A 1691 -31.47 -4.34 6.29
N ALA A 1692 -30.75 -5.13 7.07
CA ALA A 1692 -30.30 -6.43 6.60
C ALA A 1692 -31.44 -7.42 6.49
N LEU A 1693 -32.56 -7.18 7.18
CA LEU A 1693 -33.70 -8.09 7.09
C LEU A 1693 -34.45 -7.91 5.79
N MET A 1694 -34.57 -6.67 5.31
CA MET A 1694 -35.25 -6.37 4.06
C MET A 1694 -34.31 -6.35 2.86
N LEU A 1695 -33.03 -6.66 3.06
CA LEU A 1695 -32.04 -6.62 2.00
C LEU A 1695 -31.21 -7.90 2.00
N THR A 1696 -31.87 -9.04 2.12
CA THR A 1696 -31.18 -10.33 2.16
C THR A 1696 -30.78 -10.79 0.77
N THR A 1724 -45.07 -8.01 2.68
CA THR A 1724 -43.63 -7.78 2.78
C THR A 1724 -43.16 -6.80 1.70
N GLN A 1725 -43.53 -7.08 0.45
CA GLN A 1725 -43.11 -6.22 -0.65
C GLN A 1725 -43.60 -4.79 -0.51
N PRO A 1726 -44.87 -4.52 -0.18
CA PRO A 1726 -45.26 -3.11 0.05
C PRO A 1726 -44.50 -2.44 1.18
N SER A 1727 -44.20 -3.19 2.25
CA SER A 1727 -43.43 -2.65 3.35
C SER A 1727 -41.93 -2.73 3.12
N ARG A 1728 -41.48 -3.50 2.12
CA ARG A 1728 -40.06 -3.53 1.79
C ARG A 1728 -39.57 -2.16 1.32
N GLU A 1729 -40.49 -1.35 0.78
CA GLU A 1729 -40.18 0.04 0.46
C GLU A 1729 -40.57 0.99 1.59
N LEU A 1730 -41.52 0.59 2.45
CA LEU A 1730 -41.91 1.44 3.57
C LEU A 1730 -40.84 1.45 4.65
N THR A 1731 -40.29 0.28 4.98
CA THR A 1731 -39.26 0.21 6.01
C THR A 1731 -38.07 1.08 5.66
N ALA A 1732 -37.71 1.14 4.38
CA ALA A 1732 -36.64 2.02 3.94
C ALA A 1732 -37.00 3.49 4.06
N LYS A 1733 -38.28 3.82 4.29
CA LYS A 1733 -38.70 5.21 4.45
C LYS A 1733 -38.72 5.63 5.91
N VAL A 1734 -39.18 4.76 6.81
CA VAL A 1734 -39.16 5.07 8.23
C VAL A 1734 -37.73 5.11 8.74
N ILE A 1735 -36.85 4.28 8.17
CA ILE A 1735 -35.43 4.40 8.46
C ILE A 1735 -34.90 5.76 8.03
N GLU A 1736 -35.53 6.39 7.05
CA GLU A 1736 -35.03 7.64 6.47
C GLU A 1736 -35.52 8.88 7.19
N LEU A 1737 -36.72 8.86 7.77
CA LEU A 1737 -37.20 10.03 8.52
C LEU A 1737 -36.33 10.28 9.75
N SER A 1738 -36.05 9.23 10.53
CA SER A 1738 -35.14 9.37 11.65
C SER A 1738 -33.74 9.73 11.17
N GLU A 1739 -33.33 9.15 10.04
CA GLU A 1739 -32.04 9.50 9.46
C GLU A 1739 -32.00 10.98 9.07
N PHE A 1740 -33.11 11.50 8.55
CA PHE A 1740 -33.17 12.90 8.13
C PHE A 1740 -32.98 13.84 9.32
N ALA A 1741 -33.65 13.55 10.44
CA ALA A 1741 -33.47 14.39 11.62
C ALA A 1741 -32.04 14.32 12.16
N ALA A 1742 -31.38 13.18 12.00
CA ALA A 1742 -29.99 13.07 12.39
C ALA A 1742 -29.14 14.04 11.59
N ASP A 1743 -29.44 14.21 10.31
CA ASP A 1743 -28.72 15.17 9.48
C ASP A 1743 -29.14 16.59 9.79
N PHE A 1744 -30.42 16.80 10.09
CA PHE A 1744 -30.90 18.15 10.39
C PHE A 1744 -30.28 18.67 11.68
N VAL A 1745 -30.36 17.89 12.75
CA VAL A 1745 -29.84 18.35 14.04
C VAL A 1745 -28.33 18.41 14.04
N LEU A 1746 -27.67 17.38 13.48
CA LEU A 1746 -26.21 17.38 13.46
C LEU A 1746 -25.68 18.50 12.56
N GLY A 1747 -26.32 18.73 11.42
CA GLY A 1747 -25.86 19.78 10.53
C GLY A 1747 -25.88 21.15 11.18
N HIS A 1748 -26.95 21.46 11.91
CA HIS A 1748 -27.06 22.78 12.53
C HIS A 1748 -26.05 22.97 13.64
N VAL A 1749 -25.78 21.92 14.42
CA VAL A 1749 -24.81 22.04 15.51
C VAL A 1749 -23.45 22.42 14.97
N ILE A 1750 -23.08 21.90 13.80
CA ILE A 1750 -21.86 22.37 13.13
C ILE A 1750 -22.00 23.84 12.77
N LEU A 1751 -23.15 24.23 12.20
CA LEU A 1751 -23.37 25.63 11.84
C LEU A 1751 -23.44 26.53 13.07
N ILE A 1752 -24.15 26.10 14.12
CA ILE A 1752 -24.27 26.92 15.31
C ILE A 1752 -22.91 27.13 15.96
N CYS A 1753 -22.01 26.16 15.81
CA CYS A 1753 -20.66 26.31 16.35
C CYS A 1753 -19.85 27.37 15.61
N GLN A 1754 -20.29 27.77 14.41
CA GLN A 1754 -19.61 28.83 13.69
C GLN A 1754 -19.98 30.22 14.19
N LEU A 1755 -21.01 30.32 15.02
CA LEU A 1755 -21.50 31.63 15.46
C LEU A 1755 -20.45 32.50 16.14
N PRO A 1756 -19.65 32.03 17.10
CA PRO A 1756 -18.82 32.97 17.87
C PRO A 1756 -17.69 33.59 17.08
N LEU A 1757 -17.33 33.07 15.91
CA LEU A 1757 -16.19 33.59 15.17
C LEU A 1757 -16.56 34.43 13.95
N ILE A 1758 -17.76 34.25 13.39
CA ILE A 1758 -18.18 35.12 12.29
C ILE A 1758 -18.43 36.53 12.79
N ILE A 1759 -18.83 36.67 14.04
CA ILE A 1759 -19.13 37.98 14.63
C ILE A 1759 -17.84 38.72 14.96
N ILE A 1760 -16.70 38.08 14.72
CA ILE A 1760 -15.41 38.74 14.86
C ILE A 1760 -15.13 39.50 13.57
N PRO A 1761 -14.98 40.83 13.62
CA PRO A 1761 -14.78 41.60 12.39
C PRO A 1761 -13.46 41.23 11.72
N LYS A 1762 -13.45 41.34 10.39
CA LYS A 1762 -12.25 41.07 9.59
C LYS A 1762 -11.70 39.68 9.90
N ILE A 1763 -12.57 38.68 9.80
CA ILE A 1763 -12.18 37.30 10.11
C ILE A 1763 -11.89 36.55 8.82
N ASP A 1764 -12.61 36.88 7.75
CA ASP A 1764 -12.38 36.19 6.49
C ASP A 1764 -11.00 36.49 5.94
N LYS A 1765 -10.61 37.77 5.95
CA LYS A 1765 -9.24 38.10 5.56
C LYS A 1765 -8.24 37.57 6.57
N PHE A 1766 -8.57 37.67 7.86
CA PHE A 1766 -7.69 37.12 8.89
C PHE A 1766 -7.55 35.61 8.75
N HIS A 1767 -8.64 34.91 8.43
CA HIS A 1767 -8.57 33.46 8.27
C HIS A 1767 -7.91 33.07 6.96
N SER A 1768 -8.18 33.80 5.88
CA SER A 1768 -7.68 33.41 4.57
C SER A 1768 -6.23 33.81 4.33
N ILE A 1769 -5.64 34.64 5.19
CA ILE A 1769 -4.21 34.94 5.07
C ILE A 1769 -3.38 33.68 5.32
N MET A 1770 -3.63 33.01 6.44
CA MET A 1770 -2.95 31.74 6.70
C MET A 1770 -3.48 30.61 5.83
N LEU A 1771 -4.64 30.78 5.21
CA LEU A 1771 -5.08 29.79 4.23
C LEU A 1771 -4.25 29.84 2.96
N PHE A 1772 -3.43 30.87 2.78
CA PHE A 1772 -2.56 30.98 1.63
C PHE A 1772 -1.14 31.44 1.94
N TRP A 1773 -0.83 31.83 3.18
CA TRP A 1773 0.54 32.23 3.48
C TRP A 1773 1.42 31.01 3.76
N LEU A 1774 0.92 30.05 4.53
CA LEU A 1774 1.68 28.85 4.79
C LEU A 1774 1.78 27.98 3.54
N LYS A 1775 0.69 27.85 2.80
CA LYS A 1775 0.64 27.16 1.52
C LYS A 1775 1.11 28.16 0.46
N PRO A 1776 1.46 27.71 -0.76
CA PRO A 1776 1.54 28.66 -1.87
C PRO A 1776 0.22 29.39 -2.04
N SER A 1777 0.31 30.70 -2.30
CA SER A 1777 -0.85 31.59 -2.23
C SER A 1777 -1.53 31.65 -3.60
N ARG A 1778 -2.31 30.61 -3.90
CA ARG A 1778 -3.10 30.59 -5.11
C ARG A 1778 -4.29 31.55 -4.96
N GLN A 1779 -4.54 32.34 -6.00
CA GLN A 1779 -5.53 33.41 -5.95
C GLN A 1779 -6.68 33.12 -6.91
N ILE A 1780 -7.90 33.19 -6.40
CA ILE A 1780 -9.11 33.05 -7.21
C ILE A 1780 -9.74 34.43 -7.36
N ARG A 1781 -10.11 34.77 -8.60
CA ARG A 1781 -10.56 36.13 -8.89
C ARG A 1781 -11.81 36.46 -8.07
N PRO A 1782 -11.87 37.62 -7.42
CA PRO A 1782 -13.04 37.97 -6.62
C PRO A 1782 -14.25 38.20 -7.50
N PRO A 1783 -15.35 37.51 -7.24
CA PRO A 1783 -16.53 37.64 -8.09
C PRO A 1783 -17.15 39.03 -7.99
N ILE A 1784 -17.78 39.46 -9.08
CA ILE A 1784 -18.49 40.73 -9.15
C ILE A 1784 -19.90 40.44 -9.61
N TYR A 1785 -20.88 40.80 -8.79
CA TYR A 1785 -22.28 40.55 -9.06
C TYR A 1785 -22.96 41.78 -9.63
N SER A 1786 -24.08 41.56 -10.30
CA SER A 1786 -24.87 42.66 -10.83
C SER A 1786 -25.43 43.50 -9.69
N LEU A 1787 -25.54 44.81 -9.94
CA LEU A 1787 -26.14 45.70 -8.96
C LEU A 1787 -27.64 45.47 -8.79
N LYS A 1788 -28.25 44.71 -9.70
CA LYS A 1788 -29.62 44.26 -9.49
C LYS A 1788 -29.65 42.99 -8.64
N GLN A 1789 -28.73 42.06 -8.89
CA GLN A 1789 -28.65 40.84 -8.09
C GLN A 1789 -28.18 41.14 -6.67
N THR A 1790 -27.39 42.20 -6.49
CA THR A 1790 -26.92 42.55 -5.15
C THR A 1790 -28.08 42.94 -4.24
N ARG A 1791 -29.07 43.65 -4.77
CA ARG A 1791 -30.27 43.95 -4.00
C ARG A 1791 -30.97 42.66 -3.55
N LEU A 1792 -30.90 41.62 -4.37
CA LEU A 1792 -31.42 40.32 -3.97
C LEU A 1792 -30.48 39.63 -2.99
N ARG A 1793 -29.16 39.84 -3.15
CA ARG A 1793 -28.20 39.25 -2.22
C ARG A 1793 -28.41 39.79 -0.81
N LYS A 1794 -28.63 41.10 -0.69
CA LYS A 1794 -28.87 41.69 0.63
C LYS A 1794 -30.12 41.10 1.27
N ARG A 1795 -31.20 40.97 0.49
CA ARG A 1795 -32.44 40.42 1.04
C ARG A 1795 -32.24 38.98 1.52
N MET A 1796 -31.70 38.12 0.64
CA MET A 1796 -31.68 36.70 0.92
C MET A 1796 -30.63 36.35 1.98
N VAL A 1797 -29.51 37.08 2.03
CA VAL A 1797 -28.54 36.86 3.09
C VAL A 1797 -29.11 37.25 4.44
N LYS A 1798 -30.04 38.20 4.47
CA LYS A 1798 -30.73 38.57 5.69
C LYS A 1798 -32.08 37.89 5.82
N LYS A 1799 -32.53 37.16 4.80
CA LYS A 1799 -33.73 36.34 4.92
C LYS A 1799 -33.44 35.10 5.76
N TYR A 1800 -32.53 34.25 5.28
CA TYR A 1800 -32.19 33.03 6.00
C TYR A 1800 -31.24 33.26 7.16
N CYS A 1801 -30.71 34.47 7.31
CA CYS A 1801 -30.04 34.80 8.57
C CYS A 1801 -31.02 34.81 9.72
N SER A 1802 -32.26 35.25 9.47
CA SER A 1802 -33.29 35.26 10.50
C SER A 1802 -33.88 33.89 10.76
N LEU A 1803 -33.56 32.90 9.93
CA LEU A 1803 -33.97 31.52 10.16
C LEU A 1803 -32.89 30.71 10.88
N TYR A 1804 -31.63 30.95 10.54
CA TYR A 1804 -30.53 30.32 11.28
C TYR A 1804 -30.52 30.78 12.72
N PHE A 1805 -30.80 32.06 12.96
CA PHE A 1805 -30.89 32.57 14.32
C PHE A 1805 -32.10 32.07 15.07
N LEU A 1806 -33.10 31.52 14.37
CA LEU A 1806 -34.30 31.01 15.02
C LEU A 1806 -34.24 29.52 15.28
N VAL A 1807 -33.63 28.74 14.38
CA VAL A 1807 -33.35 27.34 14.70
C VAL A 1807 -32.37 27.26 15.87
N LEU A 1808 -31.39 28.17 15.90
CA LEU A 1808 -30.52 28.26 17.07
C LEU A 1808 -31.30 28.69 18.31
N ALA A 1809 -32.39 29.43 18.14
CA ALA A 1809 -33.22 29.81 19.28
C ALA A 1809 -34.13 28.68 19.73
N ILE A 1810 -34.37 27.69 18.87
CA ILE A 1810 -35.14 26.52 19.27
C ILE A 1810 -34.23 25.45 19.85
N PHE A 1811 -33.06 25.24 19.23
CA PHE A 1811 -32.09 24.31 19.78
C PHE A 1811 -31.62 24.77 21.15
N ALA A 1812 -31.39 26.07 21.32
CA ALA A 1812 -31.02 26.59 22.62
C ALA A 1812 -32.16 26.44 23.61
N GLY A 1813 -33.35 26.88 23.24
CA GLY A 1813 -34.48 26.85 24.16
C GLY A 1813 -34.74 25.46 24.72
N CYS A 1814 -34.44 24.42 23.94
CA CYS A 1814 -34.50 23.06 24.43
C CYS A 1814 -33.43 22.76 25.48
N ILE A 1815 -32.39 23.57 25.56
CA ILE A 1815 -31.35 23.35 26.56
C ILE A 1815 -31.59 24.17 27.81
N ILE A 1816 -31.85 25.47 27.66
CA ILE A 1816 -32.17 26.28 28.84
C ILE A 1816 -33.57 26.01 29.36
N GLY A 1817 -34.38 25.24 28.65
CA GLY A 1817 -35.71 24.91 29.11
C GLY A 1817 -35.69 23.99 30.31
N PRO A 1818 -35.32 22.73 30.10
CA PRO A 1818 -35.19 21.81 31.24
C PRO A 1818 -34.11 22.21 32.23
N ALA A 1819 -33.07 22.92 31.80
CA ALA A 1819 -32.04 23.35 32.74
C ALA A 1819 -32.61 24.32 33.78
N VAL A 1820 -33.43 25.28 33.33
CA VAL A 1820 -34.08 26.18 34.27
C VAL A 1820 -35.19 25.46 35.04
N ALA A 1821 -35.76 24.41 34.47
CA ALA A 1821 -36.84 23.67 35.11
C ALA A 1821 -36.41 22.96 36.38
N SER A 1822 -35.20 23.19 36.88
CA SER A 1822 -34.79 22.63 38.17
C SER A 1822 -35.60 23.20 39.33
N ALA A 1823 -36.28 24.33 39.15
CA ALA A 1823 -37.07 24.94 40.21
C ALA A 1823 -38.38 24.16 40.38
N LYS A 1824 -38.23 22.91 40.82
CA LYS A 1824 -39.33 21.96 41.00
C LYS A 1824 -39.21 21.27 42.36
N ILE A 1825 -39.14 22.09 43.42
CA ILE A 1825 -39.03 21.58 44.79
C ILE A 1825 -40.00 20.42 45.04
N HIS A 1826 -41.20 20.49 44.46
CA HIS A 1826 -42.16 19.41 44.64
C HIS A 1826 -41.56 18.11 44.11
N LYS A 1827 -41.92 17.00 44.77
CA LYS A 1827 -41.03 15.84 44.81
C LYS A 1827 -40.61 15.36 43.42
N HIS A 1828 -41.50 14.73 42.67
CA HIS A 1828 -41.10 14.31 41.34
C HIS A 1828 -42.32 13.84 40.57
N ILE A 1829 -42.21 13.94 39.25
CA ILE A 1829 -43.34 13.66 38.38
C ILE A 1829 -43.80 12.22 38.58
N GLY A 1830 -45.10 12.04 38.73
CA GLY A 1830 -45.65 10.72 38.88
C GLY A 1830 -45.28 10.04 40.17
N ASP A 1831 -45.79 10.56 41.28
CA ASP A 1831 -45.52 9.96 42.58
C ASP A 1831 -46.51 8.85 42.93
N SER A 1832 -47.53 8.62 42.10
CA SER A 1832 -48.61 7.72 42.44
C SER A 1832 -48.77 6.55 41.48
N LEU A 1833 -47.80 6.29 40.61
CA LEU A 1833 -47.93 5.12 39.77
C LEU A 1833 -47.46 3.87 40.51
N ASP A 1834 -47.96 2.72 40.07
CA ASP A 1834 -47.66 1.46 40.73
C ASP A 1834 -47.47 0.38 39.67
N GLY A 1835 -46.51 -0.51 39.92
CA GLY A 1835 -46.28 -1.63 39.05
C GLY A 1835 -45.13 -1.41 38.09
N VAL A 1836 -45.26 -1.92 36.86
CA VAL A 1836 -44.22 -1.80 35.86
C VAL A 1836 -43.90 -0.35 35.53
N VAL A 1837 -44.69 0.58 36.06
CA VAL A 1837 -44.51 2.01 35.78
C VAL A 1837 -44.26 2.83 37.03
N HIS A 1838 -44.22 2.20 38.21
CA HIS A 1838 -43.84 2.91 39.42
C HIS A 1838 -42.42 3.41 39.30
N ASN A 1839 -42.19 4.63 39.79
CA ASN A 1839 -40.87 5.25 39.75
C ASN A 1839 -40.36 5.39 38.32
N LEU A 1840 -41.26 5.63 37.37
CA LEU A 1840 -40.84 5.88 36.00
C LEU A 1840 -39.95 7.11 35.91
N PHE A 1841 -40.15 8.06 36.81
CA PHE A 1841 -39.32 9.25 36.92
C PHE A 1841 -38.38 9.08 38.11
N GLN A 1842 -37.10 9.32 37.88
CA GLN A 1842 -36.10 9.04 38.90
C GLN A 1842 -36.38 9.86 40.17
N PRO A 1843 -36.22 9.29 41.34
CA PRO A 1843 -36.46 10.04 42.58
C PRO A 1843 -35.42 11.14 42.78
N ILE A 1844 -35.74 12.03 43.70
CA ILE A 1844 -34.83 13.09 44.12
C ILE A 1844 -34.80 13.13 45.64
N ASN A 1845 -34.01 14.05 46.18
CA ASN A 1845 -33.79 14.24 47.60
C ASN A 1845 -33.09 13.04 48.24
N THR A 1846 -32.58 12.11 47.44
CA THR A 1846 -31.93 10.91 47.96
C THR A 1846 -30.43 11.11 47.93
N THR A 1847 -29.78 10.97 49.09
CA THR A 1847 -28.34 11.12 49.21
C THR A 1847 -27.69 9.74 49.17
N ASN A 1848 -26.86 9.50 48.17
CA ASN A 1848 -26.20 8.20 48.04
C ASN A 1848 -24.81 8.19 48.65
N ASN A 1849 -24.71 8.64 49.90
CA ASN A 1849 -23.48 8.55 50.67
C ASN A 1849 -23.81 7.77 51.92
N ASP A 1850 -23.75 6.44 51.82
CA ASP A 1850 -23.98 5.55 52.95
C ASP A 1850 -22.68 5.11 53.61
N THR A 1851 -21.56 5.72 53.23
CA THR A 1851 -20.28 5.41 53.84
C THR A 1851 -20.03 6.31 55.03
N GLY A 1852 -19.25 5.81 55.97
CA GLY A 1852 -18.91 6.52 57.17
C GLY A 1852 -18.83 5.57 58.34
N SER A 1853 -18.82 6.13 59.55
CA SER A 1853 -18.67 5.32 60.75
C SER A 1853 -19.83 4.38 60.97
N GLN A 1854 -20.99 4.66 60.37
CA GLN A 1854 -22.16 3.80 60.58
C GLN A 1854 -21.90 2.39 60.07
N MET A 1855 -22.17 1.40 60.91
CA MET A 1855 -21.90 0.01 60.62
C MET A 1855 -23.16 -0.86 60.64
N SER A 1856 -24.30 -0.30 61.07
CA SER A 1856 -25.57 -1.01 61.05
C SER A 1856 -26.28 -0.77 59.73
N THR A 1857 -27.21 -1.67 59.42
CA THR A 1857 -27.90 -1.68 58.13
C THR A 1857 -26.89 -1.64 56.99
N TYR A 1858 -26.08 -2.71 56.92
CA TYR A 1858 -25.21 -2.89 55.77
C TYR A 1858 -26.02 -3.01 54.50
N GLN A 1859 -27.30 -3.36 54.62
CA GLN A 1859 -28.13 -3.74 53.48
C GLN A 1859 -28.92 -2.54 52.99
N SER A 1860 -28.28 -1.74 52.16
CA SER A 1860 -29.01 -0.80 51.33
C SER A 1860 -29.77 -1.62 50.31
N HIS A 1861 -30.99 -2.00 50.65
CA HIS A 1861 -31.76 -2.99 49.89
C HIS A 1861 -31.06 -4.34 49.90
C1 NAG B . -19.53 10.86 52.30
C2 NAG B . -18.63 12.04 52.02
C3 NAG B . -17.29 11.85 52.72
C4 NAG B . -17.49 11.55 54.21
C5 NAG B . -18.51 10.44 54.40
C6 NAG B . -18.89 10.25 55.85
C7 NAG B . -18.96 13.21 49.89
C8 NAG B . -19.78 14.19 50.66
N2 NAG B . -18.43 12.21 50.59
O3 NAG B . -16.51 13.03 52.56
O4 NAG B . -16.27 11.07 54.76
O5 NAG B . -19.73 10.74 53.70
O6 NAG B . -19.63 11.36 56.35
O7 NAG B . -18.76 13.33 48.68
C1 NAG B . -15.45 12.11 55.32
C2 NAG B . -14.70 11.50 56.50
C3 NAG B . -13.75 12.52 57.11
C4 NAG B . -12.82 13.07 56.04
C5 NAG B . -13.64 13.63 54.87
C6 NAG B . -12.79 14.07 53.71
C7 NAG B . -15.63 9.74 57.94
C8 NAG B . -16.65 9.41 58.99
N2 NAG B . -15.63 11.00 57.51
O3 NAG B . -13.00 11.91 58.14
O4 NAG B . -12.01 14.11 56.57
O5 NAG B . -14.52 12.60 54.36
O6 NAG B . -11.40 13.91 53.99
O7 NAG B . -14.84 8.92 57.51
N POV C . -25.19 1.97 6.61
P POV C . -25.33 5.05 9.93
C1 POV C . -26.51 6.25 11.94
C2 POV C . -27.37 7.47 12.32
C3 POV C . -26.50 8.73 12.33
C210 POV C . -32.19 14.58 19.45
C310 POV C . -24.25 16.27 19.79
C11 POV C . -24.56 4.20 7.53
O11 POV C . -26.44 6.15 10.53
C211 POV C . -30.68 14.71 19.74
C311 POV C . -23.11 16.90 18.95
C12 POV C . -25.21 3.41 6.32
O12 POV C . -25.58 4.84 8.28
C212 POV C . -30.50 15.56 21.02
C312 POV C . -21.77 16.75 19.69
C13 POV C . -25.57 1.21 5.36
O13 POV C . -25.48 3.74 10.66
C213 POV C . -29.17 15.11 21.79
C313 POV C . -21.99 17.02 21.26
C14 POV C . -23.81 1.54 7.05
O14 POV C . -23.93 5.59 10.17
C214 POV C . -28.38 16.40 22.20
C314 POV C . -20.69 17.53 21.90
C15 POV C . -26.15 1.66 7.66
C215 POV C . -27.46 16.09 23.43
C315 POV C . -20.95 18.92 22.58
C216 POV C . -26.71 17.39 23.86
C316 POV C . -21.72 19.84 21.62
C217 POV C . -27.31 17.91 25.19
C218 POV C . -26.75 19.31 25.48
C21 POV C . -29.26 7.54 13.76
O21 POV C . -27.89 7.24 13.63
C22 POV C . -29.86 7.74 15.19
O22 POV C . -29.96 7.64 12.80
C23 POV C . -31.38 7.97 15.06
C24 POV C . -31.75 9.21 15.88
C25 POV C . -30.97 10.40 15.35
C26 POV C . -31.79 11.66 15.57
C27 POV C . -31.68 12.04 17.07
C28 POV C . -31.56 13.59 17.24
C29 POV C . -32.61 14.07 18.30
C31 POV C . -26.30 9.80 14.47
O31 POV C . -27.06 9.65 13.26
C32 POV C . -26.77 10.79 15.56
O32 POV C . -25.32 9.15 14.64
C33 POV C . -25.55 11.50 16.18
C34 POV C . -26.01 12.47 17.26
C35 POV C . -26.37 13.81 16.59
C36 POV C . -27.69 14.35 17.20
C37 POV C . -27.36 15.32 18.39
C38 POV C . -26.06 16.14 18.08
C39 POV C . -25.60 16.86 19.37
C1 AV0 D . 13.68 -21.37 12.64
O1 AV0 D . 14.15 -20.29 13.39
C2 AV0 D . 13.41 -20.92 11.23
O2 AV0 D . 12.35 -19.95 11.24
C3 AV0 D . 13.01 -22.05 10.34
O3 AV0 D . 12.94 -21.58 8.98
C4 AV0 D . 13.99 -23.19 10.39
O4 AV0 D . 13.43 -24.30 9.67
C5 AV0 D . 14.28 -23.63 11.82
O5 AV0 D . 14.67 -22.49 12.69
C6 AV0 D . 15.41 -24.63 11.80
O6 AV0 D . 16.62 -23.96 11.69
CAA AV0 D . 8.62 -12.94 18.57
CAB AV0 D . 13.93 -11.78 23.50
OAI AV0 D . 9.37 -25.69 7.60
OAJ AV0 D . 26.43 -21.21 11.63
OAL AV0 D . 21.27 -18.43 12.35
OAN AV0 D . 18.56 -20.35 11.25
OAP AV0 D . 19.28 -23.22 13.40
OAQ AV0 D . 13.46 -25.47 7.80
OAR AV0 D . 25.43 -24.10 13.26
OAS AV0 D . 10.17 -26.84 8.69
OAT AV0 D . 24.14 -25.53 11.15
OAU AV0 D . 13.05 -26.71 10.69
OAV AV0 D . 21.67 -24.36 10.38
CAW AV0 D . 9.67 -13.64 17.73
CAX AV0 D . 13.11 -11.76 22.17
CAY AV0 D . 11.07 -13.12 18.12
CAZ AV0 D . 12.54 -13.20 21.87
CBA AV0 D . 11.85 -12.74 16.84
CBB AV0 D . 13.69 -14.11 21.35
CBC AV0 D . 13.32 -13.29 16.92
CBD AV0 D . 13.10 -15.17 20.34
CBE AV0 D . 13.85 -13.60 15.51
CBF AV0 D . 13.56 -16.58 20.75
CBG AV0 D . 15.16 -14.42 15.60
CBH AV0 D . 13.15 -17.61 19.64
CBI AV0 D . 15.18 -15.53 14.50
CBJ AV0 D . 14.44 -18.21 19.00
CBK AV0 D . 15.78 -16.84 15.08
CBL AV0 D . 14.16 -18.58 17.49
CBM AV0 D . 9.95 -24.43 7.22
CBN AV0 D . 25.62 -21.23 12.79
CBP AV0 D . 21.65 -19.27 13.40
CBQ AV0 D . 14.74 -18.01 14.91
CBR AV0 D . 15.33 -19.49 16.95
CBS AV0 D . 14.58 -20.64 14.71
CBT AV0 D . 16.95 -19.44 14.90
OBV AV0 D . 17.14 -20.53 14.03
OBX AV0 D . 19.38 -19.95 13.92
OBY AV0 D . 11.21 -23.84 9.20
OBZ AV0 D . 23.59 -21.37 11.48
OCB AV0 D . 21.52 -22.27 12.11
CCC AV0 D . 11.33 -24.32 7.82
CCD AV0 D . 24.38 -22.03 12.53
CCF AV0 D . 20.72 -20.43 13.47
CCH AV0 D . 19.30 -21.51 11.75
CCJ AV0 D . 18.43 -21.05 14.05
CCL AV0 D . 18.56 -22.07 12.91
CCM AV0 D . 15.39 -19.38 15.38
CCN AV0 D . 12.03 -25.67 7.71
CCO AV0 D . 24.80 -23.44 12.12
CCQ AV0 D . 20.66 -21.10 12.10
CCR AV0 D . 12.15 -24.54 10.11
CCS AV0 D . 22.44 -22.17 11.05
CCT AV0 D . 11.62 -26.60 8.80
CCU AV0 D . 23.65 -24.25 11.68
CCV AV0 D . 11.90 -26.05 10.15
CCW AV0 D . 22.86 -23.58 10.64
C1 AV0 E . -14.74 -2.97 12.06
O1 AV0 E . -14.70 -3.70 13.27
C2 AV0 E . -16.16 -2.69 11.65
O2 AV0 E . -16.29 -2.90 10.22
C3 AV0 E . -16.61 -1.28 11.96
O3 AV0 E . -16.73 -1.14 13.38
C4 AV0 E . -15.69 -0.21 11.43
O4 AV0 E . -16.13 0.23 10.14
C5 AV0 E . -14.23 -0.65 11.33
O5 AV0 E . -13.90 -1.75 12.26
C6 AV0 E . -13.37 0.53 11.71
O6 AV0 E . -13.80 1.03 12.93
CAA AV0 E . -7.08 -13.37 15.69
CAB AV0 E . -18.89 -11.74 20.66
OAI AV0 E . -14.29 4.60 10.61
OAJ AV0 E . -16.61 -6.82 1.47
OAL AV0 E . -14.41 -8.81 7.49
OAN AV0 E . -11.55 -4.26 6.94
OAP AV0 E . -12.53 -3.65 9.58
OAQ AV0 E . -16.01 2.61 6.89
OAR AV0 E . -16.30 -4.49 2.18
OAS AV0 E . -17.62 4.07 9.83
OAT AV0 E . -13.82 -3.07 1.91
OAU AV0 E . -17.41 0.87 8.06
OAV AV0 E . -12.02 -3.65 4.01
CAW AV0 E . -7.33 -11.92 15.31
CAX AV0 E . -17.45 -11.19 20.49
CAY AV0 E . -7.78 -11.12 16.55
CAZ AV0 E . -17.32 -10.47 19.10
CBA AV0 E . -7.53 -9.61 16.34
CBB AV0 E . -17.40 -11.54 17.96
CBC AV0 E . -8.69 -8.77 17.01
CBD AV0 E . -16.80 -10.93 16.65
CBE AV0 E . -9.95 -8.83 16.13
CBF AV0 E . -17.94 -10.35 15.79
CBG AV0 E . -10.73 -7.49 16.22
CBH AV0 E . -17.35 -9.17 14.91
CBI AV0 E . -11.20 -7.08 14.78
CBJ AV0 E . -16.64 -8.17 15.86
CBK AV0 E . -12.66 -6.57 14.83
CBL AV0 E . -16.11 -6.94 15.05
CBM AV0 E . -14.07 4.03 9.31
CBN AV0 E . -15.92 -7.38 2.57
CBP AV0 E . -14.87 -7.76 6.69
CBQ AV0 E . -13.06 -5.93 13.44
CBR AV0 E . -15.13 -7.42 13.92
CBS AV0 E . -15.51 -4.87 13.34
CBT AV0 E . -14.69 -6.57 11.51
OBV AV0 E . -13.62 -5.97 10.85
OBX AV0 E . -14.31 -6.79 8.80
OBY AV0 E . -15.59 2.50 10.38
OBZ AV0 E . -13.86 -6.85 3.74
OCB AV0 E . -13.80 -5.27 5.43
CCC AV0 E . -15.03 2.90 9.08
CCD AV0 E . -15.16 -6.31 3.29
CCF AV0 E . -14.56 -6.47 7.37
CCH AV0 E . -12.86 -4.65 7.49
CCJ AV0 E . -13.92 -5.60 9.54
CCL AV0 E . -12.70 -4.91 8.93
CCM AV0 E . -14.59 -6.21 13.09
CCN AV0 E . -16.12 3.36 8.10
CCO AV0 E . -14.99 -5.10 2.38
CCQ AV0 E . -13.36 -5.79 6.71
CCR AV0 E . -16.68 1.49 10.29
CCS AV0 E . -13.05 -5.79 4.37
CCT AV0 E . -17.47 3.17 8.68
CCU AV0 E . -14.09 -4.09 2.93
CCV AV0 E . -17.66 1.78 9.15
CCW AV0 E . -12.81 -4.68 3.38
C1 ERG F . -10.66 -21.14 39.42
C2 ERG F . -11.00 -22.15 40.48
C3 ERG F . -12.35 -22.76 40.27
C4 ERG F . -12.53 -23.37 38.83
C5 ERG F . -12.10 -22.41 37.67
C6 ERG F . -13.16 -21.69 36.70
C7 ERG F . -12.57 -20.78 35.55
C8 ERG F . -11.08 -20.45 35.60
C9 ERG F . -10.27 -20.65 37.07
C10 ERG F . -10.69 -21.74 37.98
C11 ERG F . -8.78 -20.77 36.66
C12 ERG F . -8.26 -19.43 35.99
C13 ERG F . -9.07 -18.94 34.91
C14 ERG F . -10.57 -19.07 35.09
C15 ERG F . -11.18 -18.39 33.73
C16 ERG F . -10.26 -17.17 33.45
C17 ERG F . -8.92 -17.37 34.41
C18 ERG F . -8.71 -19.80 33.71
C19 ERG F . -9.67 -22.88 37.95
C20 ERG F . -7.76 -17.13 33.74
C21 ERG F . -6.69 -16.49 34.74
C22 ERG F . -8.02 -16.09 32.58
C23 ERG F . -7.38 -14.95 32.51
C24 ERG F . -7.72 -14.01 31.36
C25 ERG F . -6.67 -12.89 31.25
C26 ERG F . -6.52 -12.46 29.80
C27 ERG F . -7.18 -11.70 32.06
C28 ERG F . -7.77 -14.80 30.07
O1 ERG F . -12.51 -23.80 41.22
C1 ERG G . -13.41 -15.87 39.49
C2 ERG G . -14.11 -16.76 40.47
C3 ERG G . -14.87 -15.99 41.53
C4 ERG G . -15.82 -14.90 40.95
C5 ERG G . -15.15 -14.00 39.85
C6 ERG G . -14.72 -12.47 40.12
C7 ERG G . -14.43 -11.65 38.79
C8 ERG G . -14.17 -12.50 37.56
C9 ERG G . -13.55 -14.04 37.85
C10 ERG G . -14.36 -14.86 38.78
C11 ERG G . -13.35 -14.78 36.51
C12 ERG G . -12.53 -13.94 35.44
C13 ERG G . -13.16 -12.69 35.15
C14 ERG G . -13.45 -11.81 36.34
C15 ERG G . -14.06 -10.43 35.70
C16 ERG G . -13.53 -10.33 34.25
C17 ERG G . -12.48 -11.60 34.11
C18 ERG G . -14.52 -13.04 34.53
C19 ERG G . -15.39 -15.65 37.99
C20 ERG G . -12.42 -12.12 32.85
C21 ERG G . -10.92 -12.56 32.53
C22 ERG G . -12.89 -11.08 31.76
C23 ERG G . -12.71 -11.42 30.51
C24 ERG G . -13.13 -10.50 29.37
C25 ERG G . -12.08 -10.52 28.28
C26 ERG G . -12.37 -9.38 27.32
C27 ERG G . -10.71 -10.33 28.91
C28 ERG G . -14.45 -11.04 28.81
O1 ERG G . -15.63 -16.90 42.28
C1 ERG H . -19.84 -11.24 36.84
C2 ERG H . -19.99 -11.98 38.13
C3 ERG H . -21.10 -13.01 38.08
C4 ERG H . -21.47 -13.44 36.62
C5 ERG H . -20.28 -13.50 35.61
C6 ERG H . -20.45 -14.21 34.18
C7 ERG H . -19.49 -13.74 33.00
C8 ERG H . -18.89 -12.35 33.11
C9 ERG H . -19.38 -11.41 34.43
C10 ERG H . -19.39 -12.18 35.69
C11 ERG H . -18.39 -10.24 34.52
C12 ERG H . -18.36 -9.37 33.19
C13 ERG H . -18.10 -10.13 31.99
C14 ERG H . -18.90 -11.40 31.87
C15 ERG H . -18.51 -11.99 30.40
C16 ERG H . -18.35 -10.76 29.48
C17 ERG H . -18.31 -9.45 30.49
C18 ERG H . -16.65 -10.55 32.07
C19 ERG H . -17.96 -12.63 35.99
C20 ERG H . -17.31 -8.58 30.14
C21 ERG H . -17.81 -7.10 30.46
C22 ERG H . -17.06 -8.68 28.58
C23 ERG H . -16.90 -7.62 27.82
C24 ERG H . -16.68 -7.85 26.33
C25 ERG H . -16.09 -6.60 25.67
C26 ERG H . -15.01 -6.98 24.68
C27 ERG H . -17.19 -5.90 24.89
C28 ERG H . -15.76 -9.05 26.15
O1 ERG H . -20.68 -14.14 38.80
C1 ERG I . -26.92 -13.35 34.60
C2 ERG I . -27.74 -13.81 35.77
C3 ERG I . -26.91 -14.01 37.01
C4 ERG I . -26.11 -12.73 37.40
C5 ERG I . -25.21 -12.22 36.22
C6 ERG I . -24.08 -11.11 36.50
C7 ERG I . -23.54 -10.29 35.26
C8 ERG I . -24.30 -10.40 33.94
C9 ERG I . -25.30 -11.72 33.71
C10 ERG I . -26.09 -12.07 34.90
C11 ERG I . -26.19 -11.37 32.51
C12 ERG I . -25.37 -11.01 31.20
C13 ERG I . -24.35 -10.01 31.38
C14 ERG I . -23.51 -10.21 32.61
C15 ERG I . -22.38 -9.04 32.51
C16 ERG I . -21.90 -9.14 31.05
C17 ERG I . -23.20 -9.73 30.20
C18 ERG I . -25.08 -8.70 31.59
C19 ERG I . -27.07 -10.93 35.14
C20 ERG I . -23.58 -8.82 29.26
C21 ERG I . -24.39 -9.52 28.09
C22 ERG I . -22.27 -8.17 28.62
C23 ERG I . -22.25 -6.89 28.38
C24 ERG I . -21.02 -6.23 27.77
C25 ERG I . -21.44 -5.55 26.48
C26 ERG I . -20.33 -4.60 26.03
C27 ERG I . -21.67 -6.63 25.43
C28 ERG I . -20.50 -5.17 28.73
O1 ERG I . -27.78 -14.31 38.08
C1 ERG J . -35.80 -12.70 40.22
C2 ERG J . -36.16 -11.64 41.22
C3 ERG J . -34.95 -10.98 41.85
C4 ERG J . -33.93 -10.48 40.77
C5 ERG J . -33.56 -11.55 39.69
C6 ERG J . -32.30 -12.53 39.91
C7 ERG J . -32.05 -13.59 38.77
C8 ERG J . -33.13 -13.67 37.69
C9 ERG J . -34.74 -13.23 38.06
C10 ERG J . -34.91 -12.14 39.07
C11 ERG J . -35.50 -12.94 36.73
C12 ERG J . -34.72 -12.24 35.53
C13 ERG J . -33.29 -12.39 35.49
C14 ERG J . -32.82 -13.64 36.16
C15 ERG J . -31.31 -13.91 35.60
C16 ERG J . -31.04 -12.99 34.39
C17 ERG J . -32.52 -12.34 34.03
C18 ERG J . -32.68 -11.23 36.27
C19 ERG J . -35.70 -10.96 38.49
C20 ERG J . -32.48 -11.03 33.59
C21 ERG J . -33.45 -10.86 32.34
C22 ERG J . -31.03 -10.55 33.19
C23 ERG J . -30.94 -9.48 32.43
C24 ERG J . -29.60 -8.91 31.97
C25 ERG J . -29.85 -7.81 30.94
C26 ERG J . -28.56 -7.09 30.60
C27 ERG J . -30.42 -8.44 29.67
C28 ERG J . -28.91 -8.33 33.20
O1 ERG J . -35.38 -9.88 42.61
C1 ERG K . -49.00 8.17 31.87
C2 ERG K . -49.55 7.17 32.85
C3 ERG K . -49.39 5.74 32.40
C4 ERG K . -47.91 5.40 32.05
C5 ERG K . -47.31 6.36 30.98
C6 ERG K . -45.99 5.98 30.14
C7 ERG K . -45.12 7.17 29.54
C8 ERG K . -45.65 8.59 29.69
C9 ERG K . -47.20 8.79 30.31
C10 ERG K . -47.53 7.87 31.42
C11 ERG K . -47.27 10.27 30.73
C12 ERG K . -47.15 11.21 29.46
C13 ERG K . -46.03 10.96 28.58
C14 ERG K . -45.62 9.51 28.42
C15 ERG K . -44.31 9.58 27.46
C16 ERG K . -44.79 10.49 26.31
C17 ERG K . -46.05 11.38 26.96
C18 ERG K . -44.84 11.68 29.20
C19 ERG K . -46.61 8.19 32.60
C20 ERG K . -45.87 12.68 26.63
C21 ERG K . -47.12 13.58 27.01
C22 ERG K . -45.82 12.66 25.04
C23 ERG K . -45.71 13.72 24.28
C24 ERG K . -45.70 13.48 22.77
C25 ERG K . -44.96 14.61 22.03
C26 ERG K . -44.45 14.12 20.68
C27 ERG K . -45.96 15.74 21.80
C28 ERG K . -45.06 12.13 22.47
O1 ERG K . -49.81 4.87 33.43
C1 ERG L . 12.98 -0.49 37.71
C2 ERG L . 12.75 -0.67 39.17
C3 ERG L . 11.39 -0.18 39.63
C4 ERG L . 10.23 -0.81 38.78
C5 ERG L . 10.43 -0.64 37.25
C6 ERG L . 9.78 0.60 36.45
C7 ERG L . 10.11 0.69 34.90
C8 ERG L . 11.06 -0.38 34.37
C9 ERG L . 12.26 -0.98 35.41
C10 ERG L . 11.89 -1.17 36.84
C11 ERG L . 12.75 -2.28 34.75
C12 ERG L . 13.34 -2.03 33.29
C13 ERG L . 12.41 -1.41 32.40
C14 ERG L . 11.72 -0.19 32.97
C15 ERG L . 10.86 0.39 31.71
C16 ERG L . 11.80 0.29 30.49
C17 ERG L . 12.87 -0.93 30.88
C18 ERG L . 11.29 -2.42 32.18
C19 ERG L . 11.94 -2.66 37.18
C20 ERG L . 12.81 -1.91 29.94
C21 ERG L . 14.12 -2.83 30.01
C22 ERG L . 12.81 -1.25 28.51
C23 ERG L . 13.97 -0.91 28.00
C24 ERG L . 14.05 -0.27 26.63
C25 ERG L . 15.00 -1.06 25.73
C26 ERG L . 16.44 -0.60 26.00
C27 ERG L . 14.89 -2.56 26.00
C28 ERG L . 12.66 -0.28 26.00
O1 ERG L . 11.20 -0.51 40.98
C1 ERG M . 9.11 -10.71 32.67
C2 ERG M . 8.92 -9.68 33.73
C3 ERG M . 10.20 -8.95 34.05
C4 ERG M . 10.70 -8.19 32.80
C5 ERG M . 10.99 -9.19 31.63
C6 ERG M . 11.89 -8.78 30.36
C7 ERG M . 11.52 -9.41 28.95
C8 ERG M . 10.50 -10.54 28.93
C9 ERG M . 10.04 -11.16 30.43
C10 ERG M . 9.70 -10.09 31.37
C11 ERG M . 8.86 -12.12 30.21
C12 ERG M . 9.27 -13.27 29.20
C13 ERG M . 9.63 -12.77 27.90
C14 ERG M . 10.72 -11.72 27.93
C15 ERG M . 11.02 -11.39 26.35
C16 ERG M . 10.75 -12.69 25.56
C17 ERG M . 10.13 -13.76 26.68
C18 ERG M . 8.38 -12.08 27.38
C19 ERG M . 8.62 -9.23 30.76
C20 ERG M . 9.09 -14.47 26.16
C21 ERG M . 9.02 -15.87 26.91
C22 ERG M . 9.34 -14.84 24.63
C23 ERG M . 8.67 -15.85 24.15
C24 ERG M . 8.85 -16.29 22.70
C25 ERG M . 8.00 -15.47 21.75
C26 ERG M . 8.24 -16.00 20.36
C27 ERG M . 6.53 -15.68 22.11
C28 ERG M . 10.32 -16.13 22.32
O1 ERG M . 9.96 -8.05 35.10
C1 ERG N . 8.33 -17.38 40.35
C2 ERG N . 8.22 -16.53 41.57
C3 ERG N . 9.04 -17.06 42.73
C4 ERG N . 10.54 -17.25 42.32
C5 ERG N . 10.72 -18.18 41.07
C6 ERG N . 12.15 -18.82 40.67
C7 ERG N . 12.48 -19.04 39.12
C8 ERG N . 11.40 -18.61 38.11
C9 ERG N . 9.84 -18.42 38.70
C10 ERG N . 9.81 -17.58 39.91
C11 ERG N . 8.98 -17.72 37.63
C12 ERG N . 9.15 -18.31 36.17
C13 ERG N . 10.51 -18.37 35.71
C14 ERG N . 11.35 -19.19 36.65
C15 ERG N . 12.73 -19.52 35.82
C16 ERG N . 12.31 -19.70 34.35
C17 ERG N . 10.84 -18.93 34.19
C18 ERG N . 11.07 -16.95 35.79
C19 ERG N . 10.39 -16.21 39.54
C20 ERG N . 10.90 -17.94 33.24
C21 ERG N . 9.44 -17.53 32.76
C22 ERG N . 11.67 -18.49 31.97
C23 ERG N . 11.13 -18.37 30.77
C24 ERG N . 11.86 -18.89 29.54
C25 ERG N . 12.58 -17.77 28.80
C26 ERG N . 12.61 -18.07 27.32
C27 ERG N . 11.84 -16.44 29.04
C28 ERG N . 12.87 -19.97 29.95
O1 ERG N . 8.96 -16.16 43.79
C1 ERG O . -14.06 -10.94 13.13
C2 ERG O . -15.28 -10.57 12.33
C3 ERG O . -15.38 -11.34 11.03
C4 ERG O . -15.28 -12.87 11.24
C5 ERG O . -13.97 -13.27 12.00
C6 ERG O . -13.43 -14.80 11.98
C7 ERG O . -12.70 -15.34 13.28
C8 ERG O . -12.49 -14.37 14.44
C9 ERG O . -12.71 -12.72 14.15
C10 ERG O . -13.93 -12.47 13.37
C11 ERG O . -12.79 -12.02 15.52
C12 ERG O . -11.58 -12.34 16.49
C13 ERG O . -11.34 -13.75 16.68
C14 ERG O . -11.26 -14.54 15.40
C15 ERG O . -10.78 -16.03 15.83
C16 ERG O . -9.74 -15.82 16.95
C17 ERG O . -10.02 -14.29 17.53
C18 ERG O . -12.57 -14.25 17.43
C19 ERG O . -15.12 -12.94 14.20
C20 ERG O . -10.20 -14.28 18.89
C21 ERG O . -9.29 -13.11 19.50
C22 ERG O . -9.76 -15.66 19.55
C23 ERG O . -8.68 -15.77 20.28
C24 ERG O . -8.30 -17.12 20.89
C25 ERG O . -9.30 -17.48 21.99
C26 ERG O . -9.53 -18.99 22.06
C27 ERG O . -8.81 -16.98 23.34
C28 ERG O . -8.30 -18.17 19.77
O1 ERG O . -16.61 -11.03 10.43
C1 ERG P . -46.70 14.60 30.65
C2 ERG P . -47.44 14.21 31.91
C3 ERG P . -46.52 14.00 33.10
C4 ERG P . -45.68 15.27 33.37
C5 ERG P . -44.81 15.60 32.12
C6 ERG P . -43.21 15.76 32.10
C7 ERG P . -42.60 16.58 30.88
C8 ERG P . -43.52 16.83 29.70
C9 ERG P . -44.93 15.91 29.57
C10 ERG P . -45.71 15.78 30.83
C11 ERG P . -45.79 16.55 28.46
C12 ERG P . -45.02 16.67 27.07
C13 ERG P . -43.80 17.42 27.18
C14 ERG P . -42.88 16.92 28.27
C15 ERG P . -41.49 17.75 28.09
C16 ERG P . -41.45 18.26 26.62
C17 ERG P . -42.76 17.57 25.90
C18 ERG P . -44.20 18.84 27.56
C19 ERG P . -46.53 17.06 31.03
C20 ERG P . -43.28 18.34 24.90
C21 ERG P . -43.43 17.43 23.62
C22 ERG P . -42.33 19.55 24.51
C23 ERG P . -41.87 19.62 23.29
C24 ERG P . -40.95 20.75 22.84
C25 ERG P . -40.87 20.83 21.32
C26 ERG P . -39.41 20.93 20.87
C27 ERG P . -41.51 19.60 20.67
C28 ERG P . -41.53 22.07 23.37
O1 ERG P . -47.28 13.71 34.24
C1 ERG Q . -42.84 18.94 33.40
C2 ERG Q . -43.97 18.54 34.29
C3 ERG Q . -43.90 19.17 35.67
C4 ERG Q . -42.71 20.17 35.81
C5 ERG Q . -42.70 21.23 34.66
C6 ERG Q . -41.90 22.62 34.80
C7 ERG Q . -41.50 23.36 33.45
C8 ERG Q . -41.43 22.49 32.20
C9 ERG Q . -41.57 20.81 32.40
C10 ERG Q . -42.73 20.49 33.25
C11 ERG Q . -41.74 20.17 31.01
C12 ERG Q . -40.70 20.68 29.92
C13 ERG Q . -40.66 22.10 29.78
C14 ERG Q . -40.35 22.77 31.10
C15 ERG Q . -39.92 24.30 30.75
C16 ERG Q . -39.23 24.27 29.37
C17 ERG Q . -39.64 22.82 28.68
C18 ERG Q . -42.07 22.54 29.41
C19 ERG Q . -43.98 20.97 32.52
C20 ERG Q . -40.25 23.01 27.46
C21 ERG Q . -40.04 21.70 26.58
C22 ERG Q . -39.58 24.24 26.71
C23 ERG Q . -39.49 24.23 25.40
C24 ERG Q . -38.85 25.42 24.67
C25 ERG Q . -39.24 25.39 23.21
C26 ERG Q . -38.64 26.61 22.51
C27 ERG Q . -38.69 24.12 22.56
C28 ERG Q . -39.32 26.73 25.31
O1 ERG Q . -45.10 19.86 35.92
C1 ERG R . -16.09 -3.17 16.99
C2 ERG R . -16.76 -1.87 16.66
C3 ERG R . -17.98 -1.60 17.51
C4 ERG R . -17.63 -1.72 19.02
C5 ERG R . -17.03 -3.12 19.38
C6 ERG R . -18.01 -4.37 19.61
C7 ERG R . -17.26 -5.72 19.93
C8 ERG R . -15.74 -5.64 19.87
C9 ERG R . -15.04 -4.63 18.71
C10 ERG R . -15.73 -3.32 18.50
C11 ERG R . -13.56 -4.45 19.12
C12 ERG R . -12.79 -5.81 19.35
C13 ERG R . -13.42 -6.66 20.33
C14 ERG R . -14.87 -6.92 20.03
C15 ERG R . -15.31 -8.06 21.11
C16 ERG R . -14.11 -9.02 21.24
C17 ERG R . -12.80 -8.16 20.69
C18 ERG R . -13.40 -5.87 21.63
C19 ERG R . -14.79 -2.17 18.85
C20 ERG R . -11.84 -8.08 21.66
C21 ERG R . -10.43 -7.82 20.97
C22 ERG R . -11.73 -9.42 22.51
C23 ERG R . -10.68 -9.55 23.29
C24 ERG R . -10.44 -10.77 24.18
C25 ERG R . -9.73 -11.87 23.39
C26 ERG R . -8.81 -12.70 24.27
C27 ERG R . -10.78 -12.80 22.78
C28 ERG R . -9.57 -10.32 25.35
O1 ERG R . -18.47 -0.31 17.26
C1 ERG S . 7.72 -11.69 40.21
C2 ERG S . 8.44 -11.37 41.49
C3 ERG S . 9.66 -12.24 41.72
C4 ERG S . 10.65 -12.15 40.52
C5 ERG S . 9.96 -12.62 39.19
C6 ERG S . 10.76 -13.13 37.90
C7 ERG S . 9.80 -13.88 36.89
C8 ERG S . 8.33 -13.76 37.27
C9 ERG S . 7.83 -12.26 37.83
C10 ERG S . 8.65 -11.74 38.96
C11 ERG S . 7.89 -11.40 36.57
C12 ERG S . 6.86 -11.90 35.45
C13 ERG S . 6.82 -13.30 35.18
C14 ERG S . 7.13 -14.20 36.36
C15 ERG S . 6.99 -15.69 35.71
C16 ERG S . 5.71 -15.63 34.83
C17 ERG S . 5.44 -14.01 34.60
C18 ERG S . 7.90 -13.58 34.15
C19 ERG S . 9.11 -10.32 38.65
C20 ERG S . 5.20 -13.72 33.29
C21 ERG S . 3.67 -13.30 33.16
C22 ERG S . 5.45 -14.98 32.36
C23 ERG S . 5.27 -14.90 31.07
C24 ERG S . 5.53 -16.13 30.22
C25 ERG S . 5.30 -15.81 28.76
C26 ERG S . 5.87 -16.94 27.90
C27 ERG S . 5.99 -14.51 28.41
C28 ERG S . 7.00 -16.51 30.42
O1 ERG S . 10.30 -11.84 42.89
N POV T . -19.18 17.51 39.69
P POV T . -14.30 19.10 39.27
C1 POV T . -15.34 20.51 37.30
C2 POV T . -15.37 20.65 35.76
C3 POV T . -16.33 19.61 35.18
C210 POV T . -9.59 23.99 25.83
C310 POV T . -13.60 22.45 23.88
C11 POV T . -16.75 18.04 39.50
O11 POV T . -14.46 19.46 37.66
C211 POV T . -9.44 22.48 25.57
C311 POV T . -14.93 22.48 23.09
C12 POV T . -18.02 17.99 40.44
O12 POV T . -15.83 19.00 39.99
C212 POV T . -8.67 22.22 24.27
C312 POV T . -14.67 22.35 21.58
C13 POV T . -20.37 17.38 40.62
O13 POV T . -13.55 17.78 39.44
C213 POV T . -9.59 21.35 23.28
C313 POV T . -16.07 22.33 20.80
C14 POV T . -19.51 18.49 38.59
O14 POV T . -13.50 20.20 39.93
C214 POV T . -10.38 22.32 22.33
C314 POV T . -17.02 21.35 21.52
C15 POV T . -18.89 16.20 39.12
C215 POV T . -10.35 21.79 20.86
C315 POV T . -18.39 21.29 20.76
C216 POV T . -9.22 22.49 20.05
C316 POV T . -18.19 20.62 19.40
C217 POV T . -9.12 21.87 18.65
C218 POV T . -7.65 21.64 18.28
C21 POV T . -13.10 21.45 35.41
O21 POV T . -14.07 20.45 35.20
C22 POV T . -12.65 22.37 34.24
O22 POV T . -12.60 21.59 36.49
C23 POV T . -12.70 21.59 32.91
C24 POV T . -12.60 22.54 31.72
C25 POV T . -11.17 23.07 31.58
C26 POV T . -10.66 22.82 30.17
C27 POV T . -11.15 23.94 29.20
C28 POV T . -11.12 23.43 27.74
C29 POV T . -10.36 24.44 26.82
C31 POV T . -16.50 20.22 32.86
O31 POV T . -17.14 20.18 34.15
C32 POV T . -17.29 20.72 31.61
O32 POV T . -15.38 19.90 32.75
C33 POV T . -16.56 20.20 30.33
C34 POV T . -15.47 21.21 29.93
C35 POV T . -14.87 20.79 28.57
C36 POV T . -15.99 20.30 27.62
C37 POV T . -15.83 20.98 26.22
C38 POV T . -14.33 20.99 25.80
C39 POV T . -13.91 22.43 25.38
#